data_9BJL
#
_entry.id   9BJL
#
_cell.length_a   74.461
_cell.length_b   84.501
_cell.length_c   88.728
_cell.angle_alpha   102.34
_cell.angle_beta   97.37
_cell.angle_gamma   97.14
#
_symmetry.space_group_name_H-M   'P 1'
#
loop_
_entity.id
_entity.type
_entity.pdbx_description
1 polymer Nucleoprotein
2 non-polymer 'CHLORIDE ION'
3 water water
#
_entity_poly.entity_id   1
_entity_poly.type   'polypeptide(L)'
_entity_poly.pdbx_seq_one_letter_code
;MGSSHHHHHHSSGLVPRGSMDSTKAQTPEEQRAKNAKTILENIQIYERMCDLFGVSEDDKLIIENSISIERMIRVVTDKK
YQDKKLKNAGSDLEKIANAGKVFCRLVESTAGKCSARLGMALKPNVEAVLTDVLGNELDRAAVLGKRMGFTAMFKSNLEE
VLYQRGKNQLKKRNAAETFTLSQGASLEARFRPIMEKHLGVGTVVASIKNILASKKNGNYRNKMVRKPGGNRESWSPLER
EISFLNKKLFPGPMRQLCKKFEYLNDQEKQLALNLMLDASLILKPQVTHKMIMPWSMWLAVKKYAEMNKGSPSLEDLAAY
SGVRAFMAFNTACYMSKFTIGKGIVGDAEIMENGNDKMQTLAMACFGLAYEDTGIVAAMISQPMKKRYQLRVGNFNPPEE
GTIKGTSAGYFHKWAEFGNRLPFNSFGTGESKQISNSGVFAVQRPSTTNIQRLAELMARNTGETSDNFTQLVQKIREQVG
TFADQKANLREFTGGYIYDITDVTKSNPKIPQLGGDSFFFEFTGSDVPRTGAKRRVGGADDVTPGTSQPKKRGRQGAGAE
SSMDIETVGED
;
_entity_poly.pdbx_strand_id   A,B,C,D
#
loop_
_chem_comp.id
_chem_comp.type
_chem_comp.name
_chem_comp.formula
CL non-polymer 'CHLORIDE ION' 'Cl -1'
#
# COMPACT_ATOMS: atom_id res chain seq x y z
N THR A 27 45.59 6.61 -5.81
CA THR A 27 45.84 7.98 -6.27
C THR A 27 45.28 8.21 -7.66
N PRO A 28 44.48 9.28 -7.82
CA PRO A 28 43.89 9.52 -9.15
C PRO A 28 44.91 9.74 -10.25
N GLU A 29 45.97 10.52 -9.99
CA GLU A 29 46.95 10.76 -11.04
C GLU A 29 47.69 9.47 -11.39
N GLU A 30 48.03 8.67 -10.38
CA GLU A 30 48.67 7.39 -10.66
C GLU A 30 47.79 6.53 -11.55
N GLN A 31 46.48 6.49 -11.27
CA GLN A 31 45.60 5.62 -12.03
C GLN A 31 45.45 6.12 -13.46
N ARG A 32 45.43 7.44 -13.65
CA ARG A 32 45.38 7.99 -15.01
C ARG A 32 46.65 7.64 -15.78
N ALA A 33 47.80 7.63 -15.09
CA ALA A 33 49.02 7.24 -15.76
C ALA A 33 48.95 5.79 -16.23
N LYS A 34 48.42 4.89 -15.39
CA LYS A 34 48.23 3.51 -15.81
C LYS A 34 47.26 3.42 -16.98
N ASN A 35 46.16 4.16 -16.92
CA ASN A 35 45.20 4.12 -18.03
C ASN A 35 45.83 4.63 -19.32
N ALA A 36 46.60 5.71 -19.24
CA ALA A 36 47.23 6.24 -20.43
C ALA A 36 48.14 5.21 -21.09
N LYS A 37 48.90 4.46 -20.28
CA LYS A 37 49.76 3.44 -20.84
C LYS A 37 48.95 2.39 -21.61
N THR A 38 47.85 1.92 -21.01
CA THR A 38 47.01 0.93 -21.69
C THR A 38 46.36 1.50 -22.94
N ILE A 39 45.86 2.74 -22.85
CA ILE A 39 45.24 3.35 -24.02
C ILE A 39 46.26 3.51 -25.14
N LEU A 40 47.50 3.93 -24.81
CA LEU A 40 48.53 4.08 -25.83
C LEU A 40 48.88 2.74 -26.48
N GLU A 41 48.86 1.68 -25.69
CA GLU A 41 49.11 0.33 -26.25
C GLU A 41 47.99 -0.01 -27.23
N ASN A 42 46.73 0.27 -26.86
CA ASN A 42 45.61 -0.03 -27.74
C ASN A 42 45.67 0.80 -29.02
N ILE A 43 46.12 2.05 -28.91
CA ILE A 43 46.27 2.89 -30.10
C ILE A 43 47.34 2.32 -31.02
N GLN A 44 48.47 1.85 -30.47
CA GLN A 44 49.48 1.25 -31.33
C GLN A 44 48.93 0.05 -32.08
N ILE A 45 48.27 -0.86 -31.35
CA ILE A 45 47.69 -2.04 -31.99
C ILE A 45 46.74 -1.62 -33.11
N TYR A 46 45.86 -0.67 -32.82
CA TYR A 46 44.89 -0.24 -33.82
C TYR A 46 45.59 0.31 -35.05
N GLU A 47 46.55 1.21 -34.86
CA GLU A 47 47.19 1.84 -36.02
C GLU A 47 47.95 0.83 -36.86
N ARG A 48 48.64 -0.12 -36.21
CA ARG A 48 49.38 -1.12 -36.96
C ARG A 48 48.45 -2.08 -37.70
N MET A 49 47.36 -2.51 -37.05
CA MET A 49 46.40 -3.33 -37.77
C MET A 49 45.81 -2.58 -38.95
N CYS A 50 45.51 -1.29 -38.76
CA CYS A 50 45.00 -0.48 -39.85
C CYS A 50 45.99 -0.42 -41.01
N ASP A 51 47.27 -0.18 -40.71
CA ASP A 51 48.28 -0.18 -41.77
C ASP A 51 48.34 -1.55 -42.45
N LEU A 52 48.33 -2.61 -41.65
CA LEU A 52 48.44 -3.97 -42.18
C LEU A 52 47.24 -4.30 -43.08
N PHE A 53 46.09 -3.67 -42.81
CA PHE A 53 44.89 -3.88 -43.61
C PHE A 53 44.62 -2.74 -44.57
N GLY A 54 45.58 -1.84 -44.75
CA GLY A 54 45.49 -0.81 -45.78
C GLY A 54 44.52 0.31 -45.49
N VAL A 55 44.35 0.68 -44.24
CA VAL A 55 43.48 1.79 -43.89
C VAL A 55 44.29 3.08 -43.86
N SER A 56 43.82 4.09 -44.59
CA SER A 56 44.47 5.39 -44.61
C SER A 56 44.41 6.05 -43.24
N GLU A 57 45.30 7.03 -43.03
CA GLU A 57 45.32 7.73 -41.75
C GLU A 57 43.99 8.42 -41.47
N ASP A 58 43.41 9.09 -42.47
CA ASP A 58 42.09 9.69 -42.26
C ASP A 58 41.05 8.64 -41.90
N ASP A 59 41.11 7.48 -42.57
CA ASP A 59 40.10 6.46 -42.34
C ASP A 59 40.33 5.69 -41.05
N LYS A 60 41.47 5.88 -40.38
CA LYS A 60 41.63 5.29 -39.06
C LYS A 60 40.69 5.93 -38.04
N LEU A 61 40.25 7.17 -38.27
CA LEU A 61 39.37 7.87 -37.35
C LEU A 61 37.90 7.54 -37.59
N ILE A 62 37.58 6.71 -38.57
CA ILE A 62 36.20 6.28 -38.78
C ILE A 62 35.85 5.20 -37.78
N ILE A 63 34.77 5.41 -37.03
CA ILE A 63 34.40 4.50 -35.95
C ILE A 63 34.06 3.12 -36.51
N GLU A 64 33.44 3.07 -37.69
CA GLU A 64 33.14 1.78 -38.30
C GLU A 64 34.40 0.94 -38.48
N ASN A 65 35.53 1.57 -38.85
CA ASN A 65 36.75 0.79 -39.04
C ASN A 65 37.28 0.27 -37.71
N SER A 66 37.12 1.05 -36.64
CA SER A 66 37.53 0.59 -35.32
C SER A 66 36.70 -0.61 -34.86
N ILE A 67 35.39 -0.56 -35.10
CA ILE A 67 34.54 -1.70 -34.73
C ILE A 67 34.98 -2.95 -35.47
N SER A 68 35.29 -2.82 -36.76
CA SER A 68 35.64 -4.00 -37.54
C SER A 68 37.02 -4.53 -37.16
N ILE A 69 38.01 -3.64 -36.96
CA ILE A 69 39.35 -4.09 -36.59
C ILE A 69 39.35 -4.81 -35.24
N GLU A 70 38.67 -4.21 -34.24
CA GLU A 70 38.58 -4.86 -32.93
C GLU A 70 37.86 -6.20 -33.04
N ARG A 71 36.79 -6.26 -33.83
CA ARG A 71 36.11 -7.54 -34.04
C ARG A 71 37.05 -8.56 -34.66
N MET A 72 37.85 -8.14 -35.64
CA MET A 72 38.78 -9.08 -36.27
C MET A 72 39.80 -9.60 -35.27
N ILE A 73 40.29 -8.74 -34.37
CA ILE A 73 41.22 -9.22 -33.35
C ILE A 73 40.56 -10.27 -32.47
N ARG A 74 39.31 -10.03 -32.07
CA ARG A 74 38.61 -11.02 -31.25
C ARG A 74 38.44 -12.34 -31.99
N VAL A 75 38.15 -12.28 -33.29
CA VAL A 75 38.02 -13.51 -34.07
C VAL A 75 39.35 -14.23 -34.20
N VAL A 76 40.44 -13.49 -34.47
CA VAL A 76 41.74 -14.11 -34.65
C VAL A 76 42.23 -14.74 -33.35
N THR A 77 41.93 -14.10 -32.21
CA THR A 77 42.43 -14.55 -30.92
C THR A 77 41.57 -15.63 -30.27
N ASP A 78 40.50 -16.06 -30.92
CA ASP A 78 39.69 -17.17 -30.41
C ASP A 78 40.26 -18.48 -30.93
N LYS A 79 40.98 -19.21 -30.07
CA LYS A 79 41.66 -20.41 -30.57
C LYS A 79 40.72 -21.58 -30.81
N LYS A 80 39.58 -21.60 -30.13
CA LYS A 80 38.59 -22.67 -30.38
C LYS A 80 38.07 -22.53 -31.80
N TYR A 81 37.63 -21.33 -32.16
CA TYR A 81 37.14 -21.11 -33.51
C TYR A 81 38.24 -21.36 -34.53
N GLN A 82 39.43 -20.82 -34.29
CA GLN A 82 40.55 -21.03 -35.22
C GLN A 82 40.91 -22.50 -35.30
N ASP A 83 40.89 -23.18 -34.17
CA ASP A 83 41.19 -24.64 -34.17
C ASP A 83 40.11 -25.36 -34.98
N LYS A 84 38.88 -24.86 -34.93
CA LYS A 84 37.79 -25.48 -35.72
C LYS A 84 38.13 -25.34 -37.22
N LYS A 85 38.55 -24.15 -37.64
CA LYS A 85 38.92 -23.95 -39.06
C LYS A 85 40.12 -24.82 -39.40
N LEU A 86 41.10 -24.87 -38.50
CA LEU A 86 42.29 -25.73 -38.72
C LEU A 86 41.81 -27.17 -38.95
N LYS A 87 40.96 -27.67 -38.07
CA LYS A 87 40.48 -29.07 -38.21
C LYS A 87 39.70 -29.20 -39.53
N ASN A 88 38.88 -28.20 -39.85
CA ASN A 88 38.05 -28.26 -41.08
C ASN A 88 38.70 -27.39 -42.16
N LYS A 95 43.71 -24.58 -48.21
CA LYS A 95 43.05 -25.16 -47.02
C LYS A 95 43.61 -24.48 -45.76
N ILE A 96 44.78 -24.91 -45.32
CA ILE A 96 45.45 -24.30 -44.14
C ILE A 96 45.74 -22.84 -44.47
N ALA A 97 46.16 -22.57 -45.70
CA ALA A 97 46.50 -21.19 -46.10
C ALA A 97 45.27 -20.30 -46.00
N ASN A 98 44.12 -20.79 -46.43
CA ASN A 98 42.86 -20.01 -46.33
C ASN A 98 42.55 -19.77 -44.85
N ALA A 99 42.77 -20.77 -44.02
CA ALA A 99 42.58 -20.57 -42.56
C ALA A 99 43.56 -19.51 -42.08
N GLY A 100 44.73 -19.42 -42.70
CA GLY A 100 45.67 -18.39 -42.34
C GLY A 100 45.39 -17.02 -42.91
N LYS A 101 44.38 -16.90 -43.77
CA LYS A 101 43.98 -15.63 -44.35
C LYS A 101 42.88 -14.99 -43.52
N VAL A 102 43.06 -13.72 -43.16
CA VAL A 102 42.15 -12.98 -42.31
C VAL A 102 41.59 -11.82 -43.12
N PHE A 103 40.27 -11.77 -43.25
CA PHE A 103 39.59 -10.75 -44.04
C PHE A 103 38.82 -9.82 -43.13
N CYS A 104 38.81 -8.54 -43.48
CA CYS A 104 38.16 -7.53 -42.65
C CYS A 104 37.48 -6.53 -43.56
N ARG A 105 36.17 -6.35 -43.37
CA ARG A 105 35.41 -5.35 -44.10
C ARG A 105 35.64 -4.00 -43.48
N LEU A 106 35.97 -3.02 -44.32
CA LEU A 106 36.47 -1.73 -43.85
C LEU A 106 35.90 -0.62 -44.72
N VAL A 107 35.98 0.59 -44.20
CA VAL A 107 35.47 1.79 -44.87
C VAL A 107 36.64 2.50 -45.51
N GLU A 108 36.45 2.96 -46.74
CA GLU A 108 37.43 3.75 -47.46
C GLU A 108 36.78 5.07 -47.84
N SER A 109 37.43 6.18 -47.47
CA SER A 109 36.94 7.51 -47.77
C SER A 109 37.75 8.15 -48.89
N THR A 110 37.06 8.73 -49.88
CA THR A 110 37.69 9.51 -50.95
C THR A 110 36.95 10.84 -50.96
N ALA A 111 37.59 11.88 -50.43
CA ALA A 111 36.94 13.19 -50.28
C ALA A 111 35.90 13.07 -49.17
N GLY A 112 34.68 13.51 -49.43
CA GLY A 112 33.63 13.36 -48.45
C GLY A 112 32.78 12.11 -48.55
N LYS A 113 33.10 11.19 -49.46
CA LYS A 113 32.27 10.01 -49.66
C LYS A 113 33.03 8.79 -49.19
N CYS A 114 32.30 7.68 -49.03
CA CYS A 114 32.92 6.47 -48.52
C CYS A 114 32.35 5.25 -49.23
N SER A 115 33.12 4.16 -49.18
CA SER A 115 32.76 2.90 -49.80
C SER A 115 33.37 1.77 -48.99
N ALA A 116 32.77 0.59 -49.12
CA ALA A 116 33.29 -0.58 -48.44
C ALA A 116 34.43 -1.21 -49.23
N ARG A 117 35.39 -1.77 -48.50
CA ARG A 117 36.49 -2.52 -49.09
C ARG A 117 36.79 -3.71 -48.18
N LEU A 118 37.42 -4.73 -48.77
CA LEU A 118 37.80 -5.93 -48.04
C LEU A 118 39.33 -5.97 -47.88
N GLY A 119 39.80 -5.70 -46.67
CA GLY A 119 41.20 -5.83 -46.36
C GLY A 119 41.57 -7.25 -45.97
N MET A 120 42.80 -7.64 -46.30
CA MET A 120 43.27 -8.99 -46.06
C MET A 120 44.67 -8.98 -45.48
N ALA A 121 44.87 -9.79 -44.45
CA ALA A 121 46.19 -10.03 -43.88
C ALA A 121 46.27 -11.47 -43.43
N LEU A 122 47.48 -11.99 -43.37
CA LEU A 122 47.72 -13.32 -42.83
C LEU A 122 47.69 -13.32 -41.30
N LYS A 123 47.09 -14.36 -40.75
CA LYS A 123 46.99 -14.50 -39.28
C LYS A 123 48.35 -14.38 -38.61
N PRO A 124 49.45 -15.03 -39.07
CA PRO A 124 50.73 -14.80 -38.39
C PRO A 124 51.09 -13.33 -38.31
N ASN A 125 50.77 -12.55 -39.34
CA ASN A 125 51.05 -11.12 -39.30
C ASN A 125 50.23 -10.43 -38.22
N VAL A 126 48.93 -10.76 -38.12
CA VAL A 126 48.08 -10.17 -37.10
C VAL A 126 48.58 -10.51 -35.71
N GLU A 127 48.90 -11.79 -35.48
CA GLU A 127 49.42 -12.17 -34.17
C GLU A 127 50.73 -11.47 -33.87
N ALA A 128 51.59 -11.30 -34.89
CA ALA A 128 52.88 -10.67 -34.65
C ALA A 128 52.72 -9.23 -34.19
N VAL A 129 51.73 -8.52 -34.72
CA VAL A 129 51.49 -7.14 -34.28
C VAL A 129 51.10 -7.13 -32.81
N LEU A 130 50.23 -8.04 -32.39
CA LEU A 130 49.86 -8.11 -30.98
C LEU A 130 51.07 -8.45 -30.11
N THR A 131 51.89 -9.40 -30.56
CA THR A 131 53.08 -9.79 -29.80
C THR A 131 54.09 -8.65 -29.71
N ASP A 132 54.29 -7.90 -30.79
CA ASP A 132 55.28 -6.83 -30.73
C ASP A 132 54.88 -5.77 -29.72
N VAL A 133 53.61 -5.39 -29.69
CA VAL A 133 53.17 -4.35 -28.77
C VAL A 133 52.99 -4.89 -27.35
N LEU A 134 52.32 -6.03 -27.21
CA LEU A 134 51.92 -6.51 -25.89
C LEU A 134 52.82 -7.61 -25.33
N GLY A 135 53.82 -8.07 -26.07
CA GLY A 135 54.72 -9.08 -25.56
C GLY A 135 54.24 -10.51 -25.76
N ASN A 136 55.05 -11.44 -25.26
CA ASN A 136 54.82 -12.86 -25.51
C ASN A 136 53.62 -13.38 -24.75
N GLU A 137 53.41 -12.91 -23.52
CA GLU A 137 52.40 -13.48 -22.64
C GLU A 137 51.03 -13.56 -23.31
N LEU A 138 50.58 -12.43 -23.88
CA LEU A 138 49.27 -12.36 -24.55
C LEU A 138 48.23 -13.30 -23.95
N ALA A 142 46.25 -13.13 -20.87
CA ALA A 142 45.54 -12.41 -19.83
C ALA A 142 45.65 -10.90 -20.05
N VAL A 143 46.77 -10.47 -20.63
CA VAL A 143 46.92 -9.06 -21.00
C VAL A 143 45.95 -8.71 -22.11
N LEU A 144 45.91 -9.54 -23.15
CA LEU A 144 45.00 -9.31 -24.26
C LEU A 144 43.54 -9.53 -23.85
N GLY A 145 43.27 -10.46 -22.94
CA GLY A 145 41.89 -10.79 -22.61
C GLY A 145 41.08 -9.60 -22.11
N LYS A 146 41.64 -8.84 -21.18
CA LYS A 146 40.93 -7.69 -20.65
C LYS A 146 40.69 -6.64 -21.74
N ARG A 147 41.70 -6.36 -22.54
CA ARG A 147 41.54 -5.28 -23.55
C ARG A 147 40.49 -5.70 -24.58
N MET A 148 40.50 -6.96 -25.01
CA MET A 148 39.49 -7.42 -25.95
C MET A 148 38.14 -7.56 -25.28
N GLY A 149 38.12 -7.90 -23.99
CA GLY A 149 36.87 -7.89 -23.26
C GLY A 149 36.21 -6.53 -23.30
N PHE A 150 37.01 -5.47 -23.16
CA PHE A 150 36.44 -4.13 -23.20
C PHE A 150 35.93 -3.78 -24.60
N THR A 151 36.67 -4.15 -25.64
CA THR A 151 36.16 -3.89 -26.99
C THR A 151 34.87 -4.65 -27.23
N ALA A 152 34.80 -5.90 -26.76
CA ALA A 152 33.56 -6.64 -26.87
C ALA A 152 32.43 -5.94 -26.11
N MET A 153 32.77 -5.33 -24.97
CA MET A 153 31.76 -4.67 -24.16
C MET A 153 31.21 -3.44 -24.87
N PHE A 154 32.06 -2.66 -25.54
CA PHE A 154 31.53 -1.56 -26.35
C PHE A 154 30.59 -2.10 -27.43
N LYS A 155 31.01 -3.15 -28.13
CA LYS A 155 30.19 -3.73 -29.18
C LYS A 155 28.88 -4.24 -28.62
N SER A 156 28.93 -4.91 -27.47
CA SER A 156 27.70 -5.35 -26.82
C SER A 156 26.81 -4.15 -26.51
N ASN A 157 27.40 -3.07 -25.99
CA ASN A 157 26.62 -1.88 -25.65
C ASN A 157 26.07 -1.18 -26.90
N LEU A 158 26.76 -1.26 -28.03
CA LEU A 158 26.19 -0.72 -29.25
C LEU A 158 25.01 -1.55 -29.73
N GLU A 159 25.13 -2.87 -29.67
CA GLU A 159 24.03 -3.73 -30.10
C GLU A 159 22.81 -3.59 -29.19
N GLU A 160 23.03 -3.32 -27.90
CA GLU A 160 21.91 -3.10 -27.00
C GLU A 160 21.07 -1.91 -27.43
N VAL A 161 21.73 -0.83 -27.86
CA VAL A 161 20.99 0.33 -28.33
C VAL A 161 20.23 -0.01 -29.61
N LEU A 162 20.87 -0.71 -30.54
CA LEU A 162 20.28 -0.92 -31.86
C LEU A 162 19.14 -1.92 -31.82
N TYR A 163 19.31 -3.02 -31.09
CA TYR A 163 18.35 -4.11 -31.04
C TYR A 163 17.97 -4.37 -29.59
N GLN A 164 16.72 -4.76 -29.35
CA GLN A 164 16.34 -5.08 -27.99
C GLN A 164 17.01 -6.37 -27.55
N ARG A 165 16.93 -7.41 -28.39
CA ARG A 165 17.68 -8.65 -28.19
C ARG A 165 17.87 -9.33 -29.55
N LYS A 172 16.79 -15.33 -26.59
CA LYS A 172 15.47 -15.65 -26.04
C LYS A 172 15.54 -16.79 -25.05
N ARG A 173 16.59 -16.83 -24.24
CA ARG A 173 16.64 -17.82 -23.17
C ARG A 173 15.90 -17.29 -21.96
N ASN A 174 15.83 -15.96 -21.85
CA ASN A 174 15.13 -15.25 -20.81
C ASN A 174 13.87 -14.62 -21.41
N ALA A 175 12.89 -14.37 -20.55
CA ALA A 175 11.68 -13.71 -20.99
C ALA A 175 12.01 -12.33 -21.56
N ALA A 176 11.25 -11.94 -22.57
CA ALA A 176 11.54 -10.71 -23.31
C ALA A 176 11.59 -9.49 -22.40
N GLU A 177 10.76 -9.45 -21.36
CA GLU A 177 10.72 -8.27 -20.51
C GLU A 177 11.93 -8.13 -19.61
N THR A 178 12.78 -9.17 -19.50
CA THR A 178 13.98 -9.08 -18.68
C THR A 178 15.17 -8.55 -19.46
N PHE A 179 14.98 -8.09 -20.69
CA PHE A 179 16.11 -7.73 -21.53
C PHE A 179 16.87 -6.51 -21.01
N THR A 180 16.22 -5.66 -20.20
CA THR A 180 16.95 -4.54 -19.60
C THR A 180 17.92 -4.98 -18.51
N LEU A 181 17.97 -6.26 -18.17
CA LEU A 181 18.94 -6.78 -17.22
C LEU A 181 20.07 -7.55 -17.90
N SER A 182 20.25 -7.39 -19.21
CA SER A 182 21.15 -8.21 -20.00
C SER A 182 22.35 -7.40 -20.49
N GLN A 183 22.90 -6.55 -19.62
CA GLN A 183 24.14 -5.88 -19.96
C GLN A 183 25.21 -6.90 -20.31
N GLY A 184 25.97 -6.61 -21.37
CA GLY A 184 27.03 -7.49 -21.81
C GLY A 184 26.58 -8.75 -22.50
N ALA A 185 25.35 -8.79 -22.99
CA ALA A 185 24.81 -10.03 -23.53
C ALA A 185 25.54 -10.51 -24.78
N SER A 186 26.12 -9.59 -25.57
CA SER A 186 26.79 -10.00 -26.80
C SER A 186 28.16 -10.62 -26.55
N LEU A 187 28.72 -10.50 -25.35
CA LEU A 187 30.07 -10.99 -25.12
C LEU A 187 30.14 -12.50 -25.39
N GLU A 188 31.17 -12.92 -26.11
CA GLU A 188 31.48 -14.33 -26.25
C GLU A 188 31.88 -14.90 -24.88
N ALA A 189 31.72 -16.21 -24.74
CA ALA A 189 31.93 -16.85 -23.44
C ALA A 189 33.29 -16.52 -22.88
N ARG A 190 34.31 -16.44 -23.73
CA ARG A 190 35.69 -16.25 -23.24
C ARG A 190 35.85 -14.91 -22.50
N PHE A 191 35.02 -13.93 -22.81
CA PHE A 191 35.16 -12.61 -22.19
C PHE A 191 34.31 -12.43 -20.94
N ARG A 192 33.36 -13.35 -20.68
CA ARG A 192 32.43 -13.11 -19.58
C ARG A 192 33.11 -13.16 -18.21
N PRO A 193 33.92 -14.16 -17.90
CA PRO A 193 34.62 -14.14 -16.60
C PRO A 193 35.48 -12.90 -16.38
N ILE A 194 36.14 -12.42 -17.45
CA ILE A 194 37.02 -11.26 -17.29
C ILE A 194 36.21 -9.99 -17.02
N MET A 195 35.08 -9.84 -17.71
CA MET A 195 34.21 -8.66 -17.61
C MET A 195 33.04 -8.90 -16.67
N GLU A 196 33.20 -9.82 -15.72
CA GLU A 196 32.09 -10.27 -14.91
C GLU A 196 31.32 -9.11 -14.28
N LYS A 197 32.02 -8.16 -13.67
CA LYS A 197 31.33 -7.08 -12.97
C LYS A 197 30.49 -6.22 -13.92
N HIS A 198 30.81 -6.18 -15.21
CA HIS A 198 30.04 -5.39 -16.15
C HIS A 198 28.77 -6.10 -16.62
N LEU A 199 28.63 -7.38 -16.32
CA LEU A 199 27.50 -8.17 -16.81
C LEU A 199 26.25 -7.95 -15.96
N GLY A 200 25.10 -7.93 -16.64
CA GLY A 200 23.84 -7.87 -15.92
C GLY A 200 23.41 -9.22 -15.39
N VAL A 201 22.41 -9.19 -14.50
CA VAL A 201 21.87 -10.42 -13.92
C VAL A 201 21.31 -11.33 -15.01
N GLY A 202 20.63 -10.75 -16.00
CA GLY A 202 20.12 -11.56 -17.08
C GLY A 202 21.20 -12.24 -17.88
N THR A 203 22.32 -11.55 -18.10
CA THR A 203 23.40 -12.17 -18.87
C THR A 203 24.00 -13.36 -18.13
N VAL A 204 24.24 -13.20 -16.83
CA VAL A 204 24.76 -14.32 -16.04
C VAL A 204 23.75 -15.46 -15.98
N VAL A 205 22.46 -15.12 -15.83
CA VAL A 205 21.42 -16.14 -15.80
C VAL A 205 21.38 -16.90 -17.12
N ALA A 206 21.53 -16.18 -18.24
CA ALA A 206 21.56 -16.86 -19.53
C ALA A 206 22.75 -17.80 -19.64
N SER A 207 23.93 -17.36 -19.17
CA SER A 207 25.09 -18.25 -19.20
C SER A 207 24.84 -19.51 -18.40
N ILE A 208 24.20 -19.37 -17.23
CA ILE A 208 23.87 -20.54 -16.41
C ILE A 208 22.90 -21.46 -17.16
N LYS A 209 21.89 -20.87 -17.81
CA LYS A 209 20.92 -21.69 -18.53
C LYS A 209 21.59 -22.48 -19.66
N ASN A 210 22.54 -21.85 -20.36
CA ASN A 210 23.25 -22.58 -21.40
C ASN A 210 24.05 -23.74 -20.82
N ILE A 211 24.72 -23.51 -19.69
CA ILE A 211 25.49 -24.58 -19.06
C ILE A 211 24.57 -25.75 -18.73
N LEU A 212 23.42 -25.45 -18.12
CA LEU A 212 22.50 -26.51 -17.73
C LEU A 212 21.99 -27.28 -18.93
N ALA A 213 21.64 -26.57 -20.02
CA ALA A 213 21.13 -27.26 -21.20
C ALA A 213 22.23 -28.05 -21.89
N SER A 214 23.44 -27.51 -21.91
CA SER A 214 24.58 -28.16 -22.55
C SER A 214 25.12 -29.31 -21.70
N TRP A 235 37.21 -24.69 -8.51
CA TRP A 235 36.06 -23.96 -9.03
C TRP A 235 35.25 -24.83 -9.99
N SER A 236 34.23 -24.23 -10.61
CA SER A 236 33.48 -24.88 -11.68
C SER A 236 32.83 -23.78 -12.50
N PRO A 237 32.58 -24.01 -13.80
CA PRO A 237 31.90 -22.95 -14.59
C PRO A 237 30.55 -22.57 -14.00
N LEU A 238 29.76 -23.55 -13.59
CA LEU A 238 28.47 -23.25 -12.96
C LEU A 238 28.67 -22.52 -11.63
N GLU A 239 29.59 -23.02 -10.79
CA GLU A 239 29.83 -22.40 -9.50
C GLU A 239 30.36 -20.99 -9.63
N ARG A 240 31.25 -20.77 -10.60
CA ARG A 240 31.75 -19.42 -10.85
C ARG A 240 30.61 -18.49 -11.23
N GLU A 241 29.72 -18.94 -12.13
CA GLU A 241 28.61 -18.10 -12.56
C GLU A 241 27.65 -17.82 -11.41
N ILE A 242 27.37 -18.83 -10.58
CA ILE A 242 26.50 -18.62 -9.43
C ILE A 242 27.12 -17.61 -8.46
N SER A 243 28.42 -17.71 -8.22
CA SER A 243 29.10 -16.73 -7.37
C SER A 243 29.01 -15.33 -7.97
N PHE A 244 29.10 -15.22 -9.29
CA PHE A 244 28.93 -13.92 -9.92
C PHE A 244 27.53 -13.37 -9.69
N LEU A 245 26.52 -14.22 -9.85
CA LEU A 245 25.14 -13.80 -9.66
C LEU A 245 24.88 -13.40 -8.22
N ASN A 246 25.40 -14.17 -7.28
CA ASN A 246 25.17 -13.88 -5.86
C ASN A 246 25.66 -12.48 -5.50
N LYS A 247 26.81 -12.09 -6.00
CA LYS A 247 27.34 -10.77 -5.69
C LYS A 247 26.50 -9.66 -6.29
N LYS A 248 25.88 -9.91 -7.46
CA LYS A 248 25.13 -8.86 -8.13
C LYS A 248 23.74 -8.67 -7.55
N LEU A 249 23.13 -9.73 -7.05
CA LEU A 249 21.72 -9.70 -6.69
C LEU A 249 21.45 -8.84 -5.46
N PHE A 250 20.26 -8.26 -5.41
CA PHE A 250 19.83 -7.54 -4.24
C PHE A 250 19.91 -8.47 -3.02
N PRO A 251 20.40 -7.99 -1.88
CA PRO A 251 20.58 -8.90 -0.73
C PRO A 251 19.26 -9.46 -0.25
N GLY A 252 19.30 -10.66 0.30
CA GLY A 252 18.13 -11.28 0.87
C GLY A 252 17.92 -12.69 0.41
N PRO A 253 16.66 -13.12 0.31
CA PRO A 253 16.39 -14.53 -0.05
C PRO A 253 16.92 -14.93 -1.41
N MET A 254 17.09 -13.99 -2.35
CA MET A 254 17.67 -14.35 -3.64
C MET A 254 19.10 -14.83 -3.47
N ARG A 255 19.86 -14.18 -2.59
CA ARG A 255 21.22 -14.63 -2.32
C ARG A 255 21.23 -15.97 -1.59
N GLN A 256 20.28 -16.18 -0.67
CA GLN A 256 20.21 -17.48 -0.02
C GLN A 256 19.95 -18.58 -1.03
N LEU A 257 19.10 -18.28 -2.02
CA LEU A 257 18.78 -19.28 -3.03
C LEU A 257 19.99 -19.59 -3.91
N CYS A 258 20.82 -18.60 -4.20
CA CYS A 258 22.05 -18.86 -4.95
C CYS A 258 22.92 -19.87 -4.22
N LYS A 259 23.03 -19.74 -2.90
CA LYS A 259 23.85 -20.64 -2.10
C LYS A 259 23.34 -22.08 -2.14
N LYS A 260 22.06 -22.28 -2.45
CA LYS A 260 21.48 -23.62 -2.57
C LYS A 260 21.34 -24.09 -4.01
N PHE A 261 21.82 -23.30 -4.98
CA PHE A 261 21.53 -23.61 -6.38
C PHE A 261 21.97 -25.01 -6.77
N GLU A 262 23.14 -25.45 -6.31
CA GLU A 262 23.65 -26.76 -6.70
C GLU A 262 22.87 -27.92 -6.08
N TYR A 263 22.15 -27.69 -4.98
CA TYR A 263 21.35 -28.76 -4.40
C TYR A 263 19.93 -28.79 -4.95
N LEU A 264 19.59 -27.87 -5.85
CA LEU A 264 18.30 -27.87 -6.51
C LEU A 264 18.34 -28.77 -7.73
N ASN A 265 17.20 -29.33 -8.09
CA ASN A 265 17.09 -30.10 -9.31
C ASN A 265 16.94 -29.14 -10.50
N ASP A 266 16.91 -29.71 -11.70
CA ASP A 266 16.87 -28.89 -12.90
C ASP A 266 15.61 -28.04 -12.95
N GLN A 267 14.47 -28.59 -12.52
CA GLN A 267 13.23 -27.83 -12.54
C GLN A 267 13.26 -26.68 -11.55
N GLU A 268 13.76 -26.94 -10.33
CA GLU A 268 13.92 -25.88 -9.35
C GLU A 268 14.94 -24.85 -9.81
N LYS A 269 16.02 -25.30 -10.46
CA LYS A 269 17.01 -24.36 -10.99
C LYS A 269 16.37 -23.38 -11.97
N GLN A 270 15.56 -23.90 -12.91
CA GLN A 270 14.93 -23.02 -13.87
C GLN A 270 13.99 -22.02 -13.19
N LEU A 271 13.21 -22.48 -12.23
CA LEU A 271 12.30 -21.59 -11.52
C LEU A 271 13.08 -20.53 -10.75
N ALA A 272 14.13 -20.94 -10.04
CA ALA A 272 14.90 -20.00 -9.25
C ALA A 272 15.50 -18.92 -10.13
N LEU A 273 16.08 -19.32 -11.27
CA LEU A 273 16.71 -18.34 -12.16
C LEU A 273 15.70 -17.33 -12.66
N ASN A 274 14.55 -17.81 -13.14
CA ASN A 274 13.54 -16.88 -13.66
C ASN A 274 12.96 -16.02 -12.55
N LEU A 275 12.83 -16.56 -11.33
CA LEU A 275 12.34 -15.76 -10.21
C LEU A 275 13.33 -14.67 -9.84
N MET A 276 14.60 -15.03 -9.67
CA MET A 276 15.61 -14.03 -9.36
C MET A 276 15.71 -13.01 -10.47
N LEU A 277 15.48 -13.44 -11.71
CA LEU A 277 15.57 -12.53 -12.83
C LEU A 277 14.41 -11.55 -12.84
N ASP A 278 13.18 -12.05 -12.62
CA ASP A 278 12.01 -11.17 -12.60
C ASP A 278 12.09 -10.17 -11.46
N ALA A 279 12.45 -10.65 -10.26
CA ALA A 279 12.51 -9.77 -9.09
C ALA A 279 13.53 -8.65 -9.28
N SER A 280 14.59 -8.91 -10.05
CA SER A 280 15.63 -7.91 -10.27
C SER A 280 15.13 -6.70 -11.05
N LEU A 281 13.97 -6.80 -11.70
CA LEU A 281 13.41 -5.65 -12.41
C LEU A 281 12.93 -4.56 -11.46
N ILE A 282 12.74 -4.89 -10.18
CA ILE A 282 12.51 -3.90 -9.14
C ILE A 282 13.60 -3.93 -8.07
N LEU A 283 14.02 -5.11 -7.64
CA LEU A 283 15.13 -5.25 -6.69
C LEU A 283 16.43 -5.16 -7.50
N LYS A 284 16.84 -3.94 -7.77
CA LYS A 284 17.86 -3.69 -8.77
C LYS A 284 19.18 -4.33 -8.34
N PRO A 285 19.87 -5.00 -9.25
CA PRO A 285 21.19 -5.54 -8.92
C PRO A 285 22.24 -4.44 -9.04
N GLN A 286 23.45 -4.76 -8.58
CA GLN A 286 24.57 -3.84 -8.71
C GLN A 286 25.40 -4.31 -9.90
N VAL A 287 25.69 -3.37 -10.79
CA VAL A 287 26.39 -3.65 -12.04
C VAL A 287 27.43 -2.56 -12.25
N THR A 288 28.62 -2.96 -12.68
CA THR A 288 29.69 -2.00 -12.89
C THR A 288 29.58 -1.37 -14.27
N HIS A 289 29.76 -0.05 -14.29
CA HIS A 289 29.64 0.76 -15.49
C HIS A 289 30.95 1.51 -15.70
N LYS A 290 31.46 1.48 -16.92
CA LYS A 290 32.57 2.32 -17.31
C LYS A 290 32.26 2.96 -18.66
N MET A 291 32.97 4.05 -18.94
CA MET A 291 32.90 4.71 -20.24
C MET A 291 33.86 3.98 -21.17
N ILE A 292 33.32 3.23 -22.12
CA ILE A 292 34.13 2.40 -23.02
C ILE A 292 33.92 2.90 -24.46
N MET A 293 34.99 3.34 -25.08
CA MET A 293 34.98 3.91 -26.41
C MET A 293 35.69 3.02 -27.43
N PRO A 294 35.39 3.18 -28.72
CA PRO A 294 36.21 2.52 -29.74
C PRO A 294 37.64 3.06 -29.68
N TRP A 295 38.58 2.20 -30.05
CA TRP A 295 39.98 2.61 -30.09
C TRP A 295 40.19 3.86 -30.94
N SER A 296 39.47 3.97 -32.06
CA SER A 296 39.62 5.12 -32.94
C SER A 296 39.35 6.42 -32.19
N MET A 297 38.39 6.42 -31.26
CA MET A 297 38.05 7.65 -30.55
C MET A 297 39.16 8.03 -29.57
N TRP A 298 39.80 7.04 -28.93
CA TRP A 298 40.99 7.34 -28.14
C TRP A 298 42.11 7.88 -29.03
N LEU A 299 42.28 7.29 -30.21
CA LEU A 299 43.23 7.86 -31.17
C LEU A 299 42.91 9.32 -31.43
N ALA A 300 41.63 9.64 -31.58
CA ALA A 300 41.23 11.02 -31.82
C ALA A 300 41.58 11.90 -30.64
N VAL A 301 41.49 11.36 -29.42
CA VAL A 301 41.91 12.11 -28.25
C VAL A 301 43.40 12.42 -28.34
N LYS A 302 44.20 11.41 -28.68
CA LYS A 302 45.64 11.60 -28.77
C LYS A 302 45.99 12.69 -29.77
N LYS A 303 45.41 12.60 -30.97
CA LYS A 303 45.76 13.56 -32.00
C LYS A 303 45.33 14.97 -31.63
N TYR A 304 44.13 15.13 -31.05
CA TYR A 304 43.73 16.46 -30.62
C TYR A 304 44.65 16.98 -29.53
N ALA A 305 45.02 16.15 -28.57
CA ALA A 305 45.89 16.58 -27.50
C ALA A 305 47.24 17.04 -28.04
N GLU A 306 47.80 16.30 -28.99
CA GLU A 306 49.10 16.66 -29.56
C GLU A 306 49.02 17.96 -30.38
N MET A 307 47.95 18.10 -31.16
CA MET A 307 47.84 19.26 -32.08
C MET A 307 47.57 20.54 -31.30
N ASN A 308 46.74 20.45 -30.27
CA ASN A 308 46.36 21.62 -29.43
C ASN A 308 46.96 21.49 -28.03
N LYS A 309 48.10 22.15 -27.78
CA LYS A 309 48.81 22.04 -26.47
C LYS A 309 47.93 22.58 -25.35
N GLY A 310 47.18 23.66 -25.61
CA GLY A 310 46.37 24.29 -24.56
C GLY A 310 45.35 23.30 -24.03
N SER A 311 44.77 22.49 -24.90
CA SER A 311 43.80 21.45 -24.49
C SER A 311 44.40 20.47 -23.47
N PRO A 312 43.60 19.87 -22.57
CA PRO A 312 44.10 18.82 -21.66
C PRO A 312 44.83 17.70 -22.38
N SER A 313 45.78 17.10 -21.67
CA SER A 313 46.63 16.04 -22.18
C SER A 313 45.90 14.69 -22.21
N LEU A 314 46.55 13.70 -22.83
CA LEU A 314 45.98 12.36 -22.86
C LEU A 314 45.86 11.76 -21.46
N GLU A 315 46.91 11.87 -20.64
CA GLU A 315 46.82 11.37 -19.28
C GLU A 315 45.77 12.13 -18.48
N ASP A 316 45.59 13.42 -18.77
CA ASP A 316 44.52 14.17 -18.13
C ASP A 316 43.15 13.62 -18.47
N LEU A 317 42.99 13.12 -19.70
CA LEU A 317 41.72 12.59 -20.17
C LEU A 317 41.65 11.07 -20.10
N ALA A 318 42.66 10.44 -19.48
CA ALA A 318 42.76 8.98 -19.44
C ALA A 318 41.97 8.43 -18.26
N ALA A 319 40.65 8.59 -18.35
CA ALA A 319 39.73 8.14 -17.32
C ALA A 319 38.56 7.40 -17.95
N TYR A 320 38.11 6.33 -17.30
CA TYR A 320 36.94 5.59 -17.72
C TYR A 320 35.71 5.94 -16.91
N SER A 321 35.82 6.87 -15.97
CA SER A 321 34.68 7.30 -15.17
C SER A 321 34.93 8.72 -14.72
N GLY A 322 33.89 9.35 -14.19
CA GLY A 322 34.01 10.69 -13.68
C GLY A 322 33.98 11.70 -14.80
N VAL A 323 34.21 12.96 -14.42
CA VAL A 323 34.08 14.05 -15.38
C VAL A 323 35.12 13.92 -16.48
N ARG A 324 36.32 13.43 -16.14
CA ARG A 324 37.36 13.31 -17.16
C ARG A 324 36.97 12.35 -18.27
N ALA A 325 36.17 11.32 -17.95
CA ALA A 325 35.68 10.43 -19.01
C ALA A 325 34.77 11.19 -19.96
N PHE A 326 33.86 12.02 -19.44
CA PHE A 326 33.03 12.83 -20.30
C PHE A 326 33.87 13.80 -21.12
N MET A 327 34.89 14.40 -20.48
CA MET A 327 35.80 15.26 -21.23
C MET A 327 36.52 14.48 -22.32
N ALA A 328 36.90 13.23 -22.03
CA ALA A 328 37.54 12.41 -23.05
C ALA A 328 36.60 12.17 -24.24
N PHE A 329 35.34 11.84 -23.94
CA PHE A 329 34.39 11.59 -25.02
C PHE A 329 34.21 12.86 -25.87
N ASN A 330 34.03 14.00 -25.22
CA ASN A 330 33.86 15.25 -25.96
C ASN A 330 35.10 15.57 -26.79
N THR A 331 36.29 15.37 -26.21
CA THR A 331 37.53 15.63 -26.95
C THR A 331 37.65 14.70 -28.15
N ALA A 332 37.28 13.43 -27.98
CA ALA A 332 37.32 12.50 -29.10
C ALA A 332 36.40 12.94 -30.24
N CYS A 333 35.34 13.69 -29.94
CA CYS A 333 34.37 14.05 -30.96
C CYS A 333 34.84 15.17 -31.87
N TYR A 334 35.97 15.83 -31.57
CA TYR A 334 36.50 16.85 -32.47
C TYR A 334 36.90 16.25 -33.81
N MET A 335 37.55 15.08 -33.79
CA MET A 335 38.13 14.50 -35.00
C MET A 335 37.51 13.17 -35.42
N SER A 336 36.73 12.52 -34.57
CA SER A 336 36.15 11.22 -34.92
C SER A 336 35.11 11.38 -36.02
N LYS A 337 34.88 10.28 -36.75
CA LYS A 337 34.01 10.28 -37.92
C LYS A 337 33.17 9.01 -37.90
N PHE A 338 32.00 9.07 -38.53
CA PHE A 338 31.20 7.89 -38.82
C PHE A 338 30.55 8.06 -40.19
N THR A 339 29.85 7.02 -40.63
CA THR A 339 29.31 6.95 -41.97
C THR A 339 27.80 7.16 -41.98
N ILE A 340 27.31 7.87 -43.00
CA ILE A 340 25.89 8.04 -43.26
C ILE A 340 25.60 7.38 -44.60
N GLY A 341 24.74 6.36 -44.57
CA GLY A 341 24.41 5.61 -45.76
C GLY A 341 22.92 5.34 -45.87
N LYS A 342 22.54 4.55 -46.88
CA LYS A 342 21.14 4.19 -47.06
C LYS A 342 20.88 2.86 -46.38
N GLY A 343 19.87 2.84 -45.51
CA GLY A 343 19.56 1.65 -44.75
C GLY A 343 19.70 1.83 -43.27
N ILE A 344 18.58 1.78 -42.56
CA ILE A 344 18.58 1.80 -41.11
C ILE A 344 18.16 0.42 -40.63
N VAL A 345 18.40 0.16 -39.34
CA VAL A 345 17.87 -1.05 -38.74
C VAL A 345 16.36 -1.03 -38.81
N GLY A 346 15.80 -1.97 -39.56
CA GLY A 346 14.36 -2.03 -39.79
C GLY A 346 13.95 -1.82 -41.22
N ASP A 347 14.37 -0.71 -41.82
CA ASP A 347 14.05 -0.41 -43.22
C ASP A 347 15.34 -0.22 -44.01
N ALA A 348 15.51 -0.99 -45.07
CA ALA A 348 16.72 -0.90 -45.89
C ALA A 348 16.68 0.27 -46.88
N GLU A 349 15.56 0.96 -47.00
CA GLU A 349 15.41 2.04 -47.97
C GLU A 349 15.43 3.43 -47.35
N ILE A 350 15.59 3.56 -46.03
CA ILE A 350 15.56 4.85 -45.37
C ILE A 350 16.98 5.31 -45.07
N MET A 351 17.21 6.61 -45.18
CA MET A 351 18.53 7.18 -44.98
C MET A 351 18.83 7.43 -43.51
N GLU A 352 20.07 7.18 -43.13
CA GLU A 352 20.51 7.45 -41.77
C GLU A 352 20.60 8.95 -41.54
N ASN A 353 20.35 9.36 -40.30
CA ASN A 353 20.48 10.76 -39.89
C ASN A 353 21.65 10.90 -38.93
N GLY A 354 22.45 11.94 -39.17
CA GLY A 354 23.68 12.11 -38.43
C GLY A 354 23.47 12.31 -36.93
N ASN A 355 22.51 13.16 -36.58
CA ASN A 355 22.24 13.40 -35.16
C ASN A 355 21.74 12.11 -34.49
N ASP A 356 20.91 11.35 -35.19
CA ASP A 356 20.43 10.09 -34.62
C ASP A 356 21.57 9.10 -34.40
N LYS A 357 22.50 9.01 -35.36
CA LYS A 357 23.65 8.14 -35.19
C LYS A 357 24.58 8.66 -34.09
N MET A 358 24.71 9.97 -33.96
CA MET A 358 25.48 10.53 -32.87
C MET A 358 24.90 10.12 -31.52
N GLN A 359 23.57 10.20 -31.38
CA GLN A 359 22.95 9.76 -30.14
C GLN A 359 23.25 8.29 -29.86
N THR A 360 23.17 7.46 -30.90
CA THR A 360 23.47 6.04 -30.75
C THR A 360 24.91 5.83 -30.28
N LEU A 361 25.85 6.58 -30.87
CA LEU A 361 27.25 6.48 -30.48
C LEU A 361 27.43 6.90 -29.02
N ALA A 362 26.81 8.01 -28.62
CA ALA A 362 26.93 8.46 -27.23
C ALA A 362 26.37 7.44 -26.28
N MET A 363 25.21 6.86 -26.60
CA MET A 363 24.60 5.87 -25.73
C MET A 363 25.46 4.62 -25.64
N ALA A 364 26.07 4.20 -26.75
CA ALA A 364 26.90 3.00 -26.73
C ALA A 364 28.12 3.18 -25.84
N CYS A 365 28.80 4.32 -25.93
CA CYS A 365 30.03 4.50 -25.17
C CYS A 365 29.76 4.53 -23.66
N PHE A 366 28.57 4.93 -23.26
CA PHE A 366 28.22 4.96 -21.84
C PHE A 366 27.26 3.86 -21.45
N GLY A 367 26.87 2.98 -22.37
CA GLY A 367 26.02 1.86 -22.03
C GLY A 367 24.66 2.30 -21.54
N LEU A 368 24.03 3.23 -22.27
CA LEU A 368 22.85 3.95 -21.80
C LEU A 368 21.54 3.40 -22.34
N ALA A 369 21.56 2.28 -23.06
CA ALA A 369 20.33 1.78 -23.66
C ALA A 369 19.21 1.62 -22.64
N TYR A 370 19.54 1.06 -21.48
CA TYR A 370 18.55 0.73 -20.46
C TYR A 370 18.38 1.83 -19.43
N GLU A 371 19.07 2.96 -19.63
CA GLU A 371 19.01 4.05 -18.67
C GLU A 371 17.72 4.84 -18.84
N ASP A 372 17.27 5.43 -17.73
CA ASP A 372 16.18 6.37 -17.75
C ASP A 372 16.47 7.49 -18.75
N THR A 373 15.61 7.60 -19.77
CA THR A 373 15.86 8.59 -20.82
C THR A 373 15.81 10.01 -20.29
N GLY A 374 15.02 10.26 -19.25
CA GLY A 374 15.00 11.59 -18.66
C GLY A 374 16.35 12.00 -18.11
N ILE A 375 17.05 11.07 -17.47
CA ILE A 375 18.41 11.34 -17.01
C ILE A 375 19.29 11.71 -18.20
N VAL A 376 19.27 10.89 -19.24
CA VAL A 376 20.13 11.10 -20.39
C VAL A 376 19.79 12.40 -21.10
N ALA A 377 18.50 12.68 -21.27
CA ALA A 377 18.10 13.88 -22.00
C ALA A 377 18.63 15.15 -21.34
N ALA A 378 18.74 15.15 -20.00
CA ALA A 378 19.19 16.33 -19.30
C ALA A 378 20.68 16.59 -19.46
N MET A 379 21.42 15.63 -20.02
CA MET A 379 22.88 15.74 -20.09
C MET A 379 23.41 15.94 -21.50
N ILE A 380 22.57 15.76 -22.53
CA ILE A 380 23.04 15.81 -23.91
C ILE A 380 22.62 17.12 -24.55
N SER A 381 23.28 17.44 -25.66
CA SER A 381 23.10 18.73 -26.34
C SER A 381 22.08 18.67 -27.45
N GLN A 382 21.40 17.54 -27.61
CA GLN A 382 20.37 17.37 -28.62
C GLN A 382 19.10 16.85 -27.98
N PRO A 383 17.94 17.11 -28.57
CA PRO A 383 16.70 16.51 -28.05
C PRO A 383 16.83 15.00 -28.01
N MET A 384 16.43 14.41 -26.89
CA MET A 384 16.53 12.96 -26.73
C MET A 384 15.41 12.30 -27.53
N LYS A 385 15.76 11.26 -28.27
CA LYS A 385 14.82 10.52 -29.10
C LYS A 385 14.71 9.09 -28.63
N LYS A 386 13.51 8.54 -28.72
CA LYS A 386 13.33 7.14 -28.39
C LYS A 386 13.90 6.27 -29.50
N ARG A 387 14.03 4.97 -29.21
CA ARG A 387 14.76 4.09 -30.12
C ARG A 387 14.20 4.16 -31.54
N TYR A 388 12.89 3.99 -31.67
CA TYR A 388 12.27 3.80 -32.97
C TYR A 388 11.92 5.11 -33.65
N GLN A 389 12.32 6.24 -33.06
CA GLN A 389 12.38 7.51 -33.76
C GLN A 389 13.75 7.78 -34.36
N LEU A 390 14.71 6.89 -34.14
CA LEU A 390 16.07 7.08 -34.60
C LEU A 390 16.27 6.43 -35.97
N ARG A 391 16.87 7.18 -36.89
CA ARG A 391 17.23 6.68 -38.22
C ARG A 391 18.70 6.31 -38.21
N VAL A 392 18.99 5.11 -37.71
CA VAL A 392 20.36 4.66 -37.49
C VAL A 392 20.55 3.27 -38.07
N GLY A 393 21.73 3.02 -38.64
CA GLY A 393 22.08 1.74 -39.20
C GLY A 393 22.88 0.88 -38.25
N ASN A 394 23.52 -0.14 -38.82
CA ASN A 394 24.17 -1.19 -38.04
C ASN A 394 25.62 -0.90 -37.71
N PHE A 395 26.14 0.26 -38.09
CA PHE A 395 27.53 0.66 -37.87
C PHE A 395 28.53 -0.25 -38.57
N ASN A 396 28.07 -1.12 -39.47
CA ASN A 396 28.98 -1.81 -40.36
C ASN A 396 29.28 -0.95 -41.57
N PRO A 397 30.39 -1.21 -42.26
CA PRO A 397 30.77 -0.38 -43.41
C PRO A 397 29.73 -0.41 -44.51
N PRO A 398 29.19 0.75 -44.88
CA PRO A 398 28.24 0.78 -46.01
C PRO A 398 28.96 0.71 -47.35
N GLU A 399 28.26 0.12 -48.33
CA GLU A 399 28.80 0.06 -49.69
C GLU A 399 29.01 1.45 -50.26
N GLU A 400 28.06 2.35 -50.00
CA GLU A 400 28.19 3.76 -50.35
C GLU A 400 27.62 4.60 -49.21
N GLY A 401 28.20 5.78 -49.04
CA GLY A 401 27.70 6.69 -48.03
C GLY A 401 28.51 7.96 -48.02
N THR A 402 28.25 8.77 -47.00
CA THR A 402 28.94 10.02 -46.77
C THR A 402 29.63 9.95 -45.42
N ILE A 403 30.73 10.66 -45.30
CA ILE A 403 31.46 10.74 -44.04
C ILE A 403 30.92 11.90 -43.25
N LYS A 404 30.69 11.68 -41.96
CA LYS A 404 30.15 12.68 -41.05
C LYS A 404 31.02 12.79 -39.82
N GLY A 405 31.25 14.02 -39.39
CA GLY A 405 31.97 14.24 -38.15
C GLY A 405 31.07 14.02 -36.95
N THR A 406 31.68 13.53 -35.88
CA THR A 406 30.97 13.47 -34.61
C THR A 406 30.76 14.89 -34.08
N SER A 407 29.76 15.04 -33.22
CA SER A 407 29.39 16.35 -32.68
C SER A 407 30.13 16.60 -31.37
N ALA A 408 30.95 17.64 -31.35
CA ALA A 408 31.67 18.03 -30.14
C ALA A 408 30.74 18.72 -29.17
N GLY A 409 31.03 18.54 -27.87
CA GLY A 409 30.19 19.11 -26.84
C GLY A 409 28.86 18.42 -26.64
N TYR A 410 28.77 17.13 -27.01
CA TYR A 410 27.49 16.45 -26.94
C TYR A 410 26.97 16.41 -25.51
N PHE A 411 27.85 16.13 -24.55
CA PHE A 411 27.53 16.16 -23.13
C PHE A 411 27.85 17.53 -22.54
N HIS A 412 26.82 18.27 -22.14
CA HIS A 412 27.01 19.50 -21.37
C HIS A 412 26.87 19.27 -19.86
N LYS A 413 26.48 18.07 -19.43
CA LYS A 413 26.44 17.71 -18.01
C LYS A 413 26.99 16.30 -17.86
N TRP A 414 27.46 15.99 -16.66
CA TRP A 414 28.06 14.70 -16.38
C TRP A 414 27.54 14.20 -15.03
N ALA A 415 27.86 12.94 -14.74
CA ALA A 415 27.50 12.33 -13.48
C ALA A 415 28.44 11.17 -13.23
N GLU A 416 28.50 10.74 -11.98
CA GLU A 416 29.27 9.55 -11.63
C GLU A 416 28.48 8.30 -12.02
N PHE A 417 29.22 7.19 -12.13
CA PHE A 417 28.58 5.90 -12.40
C PHE A 417 28.03 5.30 -11.11
N GLY A 418 26.85 4.71 -11.20
CA GLY A 418 26.31 3.95 -10.08
C GLY A 418 26.61 2.49 -10.21
N ASN A 419 27.68 2.04 -9.55
CA ASN A 419 28.16 0.68 -9.66
C ASN A 419 27.80 -0.18 -8.46
N ARG A 420 27.03 0.37 -7.53
CA ARG A 420 26.61 -0.36 -6.33
C ARG A 420 25.09 -0.50 -6.38
N LEU A 421 24.53 -1.16 -5.38
CA LEU A 421 23.10 -1.41 -5.36
C LEU A 421 22.36 -0.08 -5.45
N PRO A 422 21.48 0.09 -6.44
CA PRO A 422 20.81 1.40 -6.58
C PRO A 422 20.01 1.82 -5.36
N PHE A 423 19.42 0.87 -4.63
CA PHE A 423 18.62 1.25 -3.47
C PHE A 423 19.48 1.75 -2.32
N ASN A 424 20.78 1.50 -2.33
CA ASN A 424 21.69 2.18 -1.41
C ASN A 424 21.90 3.61 -1.84
N SER A 425 22.40 4.42 -0.91
CA SER A 425 22.65 5.83 -1.19
C SER A 425 24.04 6.01 -1.80
N PHE A 426 24.21 7.13 -2.47
CA PHE A 426 25.47 7.45 -3.14
C PHE A 426 26.01 8.79 -2.64
N SER A 431 24.51 8.91 5.19
CA SER A 431 24.74 8.57 6.59
C SER A 431 23.96 7.31 6.97
N LYS A 432 24.36 6.69 8.08
CA LYS A 432 23.80 5.42 8.52
C LYS A 432 22.61 5.56 9.48
N GLN A 433 22.25 6.77 9.89
CA GLN A 433 21.08 6.95 10.73
C GLN A 433 19.82 6.84 9.89
N ILE A 434 18.94 5.90 10.23
CA ILE A 434 17.67 5.70 9.56
C ILE A 434 16.48 5.80 10.51
N SER A 435 16.71 6.09 11.79
CA SER A 435 15.64 6.17 12.75
C SER A 435 16.06 7.12 13.88
N ASN A 436 15.06 7.52 14.67
CA ASN A 436 15.25 8.29 15.88
C ASN A 436 14.79 7.44 17.06
N SER A 437 15.45 7.59 18.20
CA SER A 437 14.96 7.06 19.47
C SER A 437 14.46 8.22 20.30
N GLY A 438 13.17 8.21 20.62
CA GLY A 438 12.59 9.33 21.32
C GLY A 438 13.13 9.46 22.73
N VAL A 439 13.35 10.69 23.15
CA VAL A 439 13.79 11.02 24.50
C VAL A 439 12.70 11.79 25.23
N PHE A 440 12.17 12.83 24.59
CA PHE A 440 11.14 13.67 25.18
C PHE A 440 9.77 13.19 24.73
N ALA A 441 8.82 13.20 25.67
CA ALA A 441 7.45 12.79 25.38
C ALA A 441 6.76 13.93 24.62
N VAL A 442 7.11 14.04 23.34
CA VAL A 442 6.58 15.08 22.46
C VAL A 442 5.98 14.42 21.22
N GLN A 443 4.72 14.74 20.95
CA GLN A 443 4.03 14.19 19.79
C GLN A 443 4.78 14.49 18.51
N ARG A 444 5.03 13.44 17.73
CA ARG A 444 5.84 13.54 16.52
C ARG A 444 5.45 12.44 15.55
N PRO A 445 5.59 12.68 14.26
CA PRO A 445 5.46 11.58 13.29
C PRO A 445 6.65 10.64 13.38
N SER A 446 6.44 9.40 12.96
CA SER A 446 7.56 8.48 12.80
C SER A 446 8.48 8.99 11.69
N THR A 447 9.78 8.93 11.94
CA THR A 447 10.79 9.43 11.02
C THR A 447 11.63 8.31 10.41
N THR A 448 11.28 7.05 10.65
CA THR A 448 12.10 5.94 10.19
C THR A 448 12.05 5.86 8.66
N ASN A 449 13.22 5.58 8.08
CA ASN A 449 13.34 5.43 6.63
C ASN A 449 12.91 4.03 6.24
N ILE A 450 11.73 3.91 5.64
CA ILE A 450 11.16 2.59 5.35
C ILE A 450 11.97 1.85 4.31
N GLN A 451 12.41 2.53 3.25
CA GLN A 451 13.23 1.86 2.24
C GLN A 451 14.50 1.30 2.87
N ARG A 452 15.23 2.12 3.63
CA ARG A 452 16.47 1.65 4.24
C ARG A 452 16.22 0.56 5.27
N LEU A 453 15.10 0.64 5.99
CA LEU A 453 14.75 -0.40 6.93
C LEU A 453 14.56 -1.74 6.21
N ALA A 454 13.86 -1.73 5.07
CA ALA A 454 13.59 -2.97 4.34
C ALA A 454 14.88 -3.60 3.84
N GLU A 455 15.77 -2.73 3.36
CA GLU A 455 17.10 -3.18 2.87
C GLU A 455 17.91 -3.78 4.02
N LEU A 456 17.89 -3.12 5.18
CA LEU A 456 18.61 -3.65 6.33
C LEU A 456 18.09 -5.03 6.68
N MET A 457 16.77 -5.18 6.75
CA MET A 457 16.22 -6.49 7.07
C MET A 457 16.55 -7.52 5.98
N ALA A 458 16.72 -7.06 4.74
CA ALA A 458 17.12 -7.98 3.68
C ALA A 458 18.50 -8.55 3.94
N ARG A 459 19.39 -7.75 4.53
CA ARG A 459 20.76 -8.20 4.75
C ARG A 459 20.91 -9.00 6.05
N ASN A 460 20.07 -8.75 7.04
CA ASN A 460 20.27 -9.22 8.40
C ASN A 460 19.33 -10.34 8.81
N THR A 461 18.13 -10.41 8.22
CA THR A 461 17.09 -11.36 8.67
C THR A 461 16.89 -12.53 7.70
N GLY A 462 17.88 -13.41 7.61
CA GLY A 462 17.82 -14.62 6.80
C GLY A 462 17.68 -15.86 7.66
N GLU A 463 16.78 -16.76 7.26
CA GLU A 463 16.62 -18.05 7.92
C GLU A 463 17.47 -19.05 7.13
N THR A 464 18.32 -19.80 7.82
CA THR A 464 19.23 -20.71 7.11
C THR A 464 18.51 -21.97 6.69
N SER A 465 17.71 -22.56 7.58
CA SER A 465 17.06 -23.83 7.31
C SER A 465 16.01 -23.74 6.22
N ASP A 466 15.76 -22.55 5.65
CA ASP A 466 14.73 -22.40 4.64
C ASP A 466 15.01 -23.28 3.43
N ASN A 467 13.99 -23.99 2.98
CA ASN A 467 14.13 -24.85 1.82
C ASN A 467 13.81 -24.05 0.55
N PHE A 468 13.78 -24.74 -0.59
CA PHE A 468 13.51 -24.06 -1.85
C PHE A 468 12.15 -23.38 -1.85
N THR A 469 11.12 -24.10 -1.41
CA THR A 469 9.77 -23.55 -1.45
C THR A 469 9.65 -22.32 -0.57
N GLN A 470 10.25 -22.36 0.62
CA GLN A 470 10.16 -21.21 1.52
C GLN A 470 10.90 -20.00 0.96
N LEU A 471 12.08 -20.22 0.37
CA LEU A 471 12.84 -19.12 -0.20
C LEU A 471 12.09 -18.51 -1.38
N VAL A 472 11.46 -19.34 -2.22
CA VAL A 472 10.67 -18.82 -3.32
C VAL A 472 9.60 -17.87 -2.81
N GLN A 473 8.87 -18.29 -1.76
CA GLN A 473 7.84 -17.43 -1.19
C GLN A 473 8.45 -16.13 -0.67
N LYS A 474 9.58 -16.21 0.02
CA LYS A 474 10.21 -15.00 0.58
C LYS A 474 10.68 -14.06 -0.51
N ILE A 475 11.04 -14.57 -1.68
CA ILE A 475 11.41 -13.67 -2.78
C ILE A 475 10.20 -12.91 -3.27
N ARG A 476 9.05 -13.59 -3.40
CA ARG A 476 7.81 -12.92 -3.79
C ARG A 476 7.43 -11.85 -2.77
N GLU A 477 7.56 -12.17 -1.48
CA GLU A 477 7.24 -11.20 -0.43
C GLU A 477 8.19 -10.01 -0.47
N GLN A 478 9.47 -10.25 -0.76
CA GLN A 478 10.41 -9.15 -0.89
C GLN A 478 10.06 -8.25 -2.06
N VAL A 479 9.70 -8.85 -3.19
CA VAL A 479 9.21 -8.06 -4.32
C VAL A 479 7.98 -7.26 -3.91
N GLY A 480 7.04 -7.90 -3.21
CA GLY A 480 5.84 -7.20 -2.79
C GLY A 480 6.11 -6.05 -1.86
N THR A 481 7.04 -6.24 -0.91
CA THR A 481 7.30 -5.19 0.07
C THR A 481 7.81 -3.93 -0.59
N PHE A 482 8.71 -4.07 -1.56
CA PHE A 482 9.21 -2.88 -2.24
C PHE A 482 8.18 -2.34 -3.23
N ALA A 483 7.38 -3.22 -3.82
CA ALA A 483 6.28 -2.77 -4.68
C ALA A 483 5.30 -1.90 -3.90
N ASP A 484 5.01 -2.26 -2.64
CA ASP A 484 4.12 -1.44 -1.82
C ASP A 484 4.69 -0.06 -1.52
N GLN A 485 6.01 0.12 -1.61
CA GLN A 485 6.63 1.40 -1.34
C GLN A 485 6.95 2.16 -2.62
N LYS A 486 6.44 1.70 -3.77
CA LYS A 486 6.95 2.16 -5.05
C LYS A 486 6.99 3.68 -5.15
N ALA A 487 5.92 4.35 -4.69
CA ALA A 487 5.87 5.79 -4.86
C ALA A 487 7.03 6.50 -4.16
N ASN A 488 7.53 5.93 -3.05
CA ASN A 488 8.60 6.57 -2.29
C ASN A 488 9.98 5.96 -2.52
N LEU A 489 10.08 4.88 -3.30
CA LEU A 489 11.37 4.27 -3.55
C LEU A 489 12.26 5.24 -4.33
N ARG A 490 13.51 5.39 -3.88
CA ARG A 490 14.50 6.22 -4.56
C ARG A 490 15.75 5.40 -4.80
N GLU A 491 16.31 5.53 -6.00
CA GLU A 491 17.56 4.89 -6.35
C GLU A 491 18.65 5.96 -6.46
N PHE A 492 19.85 5.57 -6.04
CA PHE A 492 21.01 6.46 -6.08
C PHE A 492 20.74 7.76 -5.32
N THR A 493 20.18 7.63 -4.12
CA THR A 493 19.96 8.80 -3.29
C THR A 493 21.29 9.51 -3.04
N GLY A 494 21.31 10.82 -3.24
CA GLY A 494 22.52 11.60 -3.10
C GLY A 494 23.32 11.79 -4.36
N GLY A 495 22.88 11.21 -5.49
CA GLY A 495 23.58 11.34 -6.75
C GLY A 495 22.97 12.46 -7.58
N TYR A 496 23.83 13.28 -8.16
CA TYR A 496 23.38 14.45 -8.90
C TYR A 496 24.14 14.56 -10.21
N ILE A 497 23.60 15.39 -11.11
CA ILE A 497 24.27 15.75 -12.35
C ILE A 497 24.95 17.11 -12.18
N TYR A 498 26.05 17.29 -12.89
CA TYR A 498 26.84 18.51 -12.79
C TYR A 498 27.19 19.02 -14.18
N ASP A 499 27.35 20.33 -14.28
CA ASP A 499 27.83 20.91 -15.53
C ASP A 499 29.23 20.42 -15.84
N ILE A 500 29.55 20.33 -17.13
CA ILE A 500 30.84 19.80 -17.54
C ILE A 500 31.97 20.65 -17.00
N THR A 501 31.73 21.95 -16.80
CA THR A 501 32.75 22.80 -16.21
C THR A 501 32.83 22.66 -14.69
N ASP A 502 31.74 22.23 -14.04
CA ASP A 502 31.72 22.04 -12.59
C ASP A 502 32.44 20.73 -12.28
N VAL A 503 33.77 20.77 -12.37
CA VAL A 503 34.56 19.57 -12.05
C VAL A 503 34.68 19.34 -10.56
N THR A 504 34.44 20.36 -9.74
CA THR A 504 34.52 20.23 -8.29
C THR A 504 33.24 19.68 -7.66
N LYS A 505 32.15 19.56 -8.43
CA LYS A 505 30.83 19.17 -7.92
C LYS A 505 30.25 20.21 -6.97
N SER A 506 30.52 21.48 -7.25
CA SER A 506 30.07 22.54 -6.35
C SER A 506 28.59 22.88 -6.53
N ASN A 507 28.03 22.64 -7.73
CA ASN A 507 26.65 23.02 -8.03
C ASN A 507 25.88 21.77 -8.45
N PRO A 508 25.38 20.99 -7.49
CA PRO A 508 24.60 19.81 -7.86
C PRO A 508 23.23 20.19 -8.40
N LYS A 509 22.77 19.43 -9.39
CA LYS A 509 21.48 19.65 -10.01
C LYS A 509 20.75 18.33 -10.11
N ILE A 510 19.43 18.41 -10.05
CA ILE A 510 18.56 17.24 -10.14
C ILE A 510 17.81 17.32 -11.47
N PRO A 511 17.86 16.27 -12.30
CA PRO A 511 17.10 16.32 -13.55
C PRO A 511 15.61 16.38 -13.25
N GLN A 512 14.89 17.15 -14.06
CA GLN A 512 13.44 17.18 -13.95
C GLN A 512 12.94 15.96 -14.72
N LEU A 513 12.71 14.88 -13.99
CA LEU A 513 12.28 13.61 -14.57
C LEU A 513 10.76 13.57 -14.62
N GLY A 514 10.24 12.63 -15.36
CA GLY A 514 8.81 12.53 -15.56
C GLY A 514 8.49 12.06 -16.97
N GLY A 515 7.35 11.40 -17.11
CA GLY A 515 6.98 10.82 -18.38
C GLY A 515 7.63 9.46 -18.55
N ASP A 516 7.45 8.90 -19.75
CA ASP A 516 8.00 7.59 -20.02
C ASP A 516 9.53 7.66 -20.05
N SER A 517 10.17 6.78 -19.28
CA SER A 517 11.61 6.76 -19.14
C SER A 517 12.24 5.59 -19.89
N PHE A 518 11.46 4.88 -20.69
CA PHE A 518 11.94 3.69 -21.39
C PHE A 518 12.43 4.08 -22.78
N PHE A 519 13.68 3.77 -23.08
CA PHE A 519 14.25 4.10 -24.38
C PHE A 519 13.56 3.34 -25.51
N PHE A 520 13.08 2.13 -25.23
CA PHE A 520 12.46 1.28 -26.25
C PHE A 520 10.94 1.37 -26.26
N GLU A 521 10.39 2.55 -25.97
CA GLU A 521 8.96 2.75 -26.08
C GLU A 521 8.56 2.98 -27.53
N PHE A 522 7.45 2.38 -27.94
CA PHE A 522 6.85 2.71 -29.22
C PHE A 522 6.13 4.05 -29.08
N THR A 523 6.28 4.91 -30.08
CA THR A 523 5.62 6.21 -30.06
C THR A 523 4.92 6.44 -31.39
N GLY A 524 4.02 7.42 -31.41
CA GLY A 524 3.39 7.83 -32.64
C GLY A 524 4.30 8.61 -33.55
N SER A 525 5.39 9.15 -33.01
CA SER A 525 6.39 9.87 -33.78
C SER A 525 7.52 8.97 -34.28
N ASP A 526 7.27 7.66 -34.34
CA ASP A 526 8.30 6.71 -34.76
C ASP A 526 8.52 6.76 -36.28
N VAL A 527 9.57 6.07 -36.71
CA VAL A 527 9.97 5.98 -38.11
C VAL A 527 9.17 4.87 -38.80
N PRO A 528 8.72 5.07 -40.04
CA PRO A 528 7.94 4.01 -40.71
C PRO A 528 8.64 2.66 -40.69
N ARG A 529 7.85 1.61 -40.50
CA ARG A 529 8.31 0.23 -40.35
C ARG A 529 9.08 0.01 -39.05
N THR A 530 8.91 0.91 -38.07
CA THR A 530 9.49 0.73 -36.74
C THR A 530 8.52 1.33 -35.73
N GLY A 531 7.95 0.51 -34.85
CA GLY A 531 6.91 0.97 -33.96
C GLY A 531 5.61 1.32 -34.63
N ALA A 532 5.62 1.47 -35.96
CA ALA A 532 4.42 1.60 -36.77
C ALA A 532 4.24 0.42 -37.71
N LYS A 533 5.17 -0.54 -37.69
CA LYS A 533 5.09 -1.74 -38.51
C LYS A 533 3.87 -2.59 -38.19
N THR B 27 5.83 9.84 47.26
CA THR B 27 5.49 11.27 47.36
C THR B 27 6.51 12.11 46.61
N PRO B 28 6.04 13.03 45.77
CA PRO B 28 7.00 13.83 44.98
C PRO B 28 8.00 14.63 45.80
N GLU B 29 7.55 15.37 46.82
CA GLU B 29 8.48 16.19 47.58
C GLU B 29 9.39 15.32 48.45
N GLU B 30 8.85 14.24 49.01
CA GLU B 30 9.69 13.30 49.76
C GLU B 30 10.82 12.80 48.87
N GLN B 31 10.51 12.47 47.62
CA GLN B 31 11.51 11.93 46.70
C GLN B 31 12.52 13.00 46.31
N ARG B 32 12.09 14.26 46.21
CA ARG B 32 13.01 15.35 45.92
C ARG B 32 14.03 15.55 47.04
N ALA B 33 13.60 15.44 48.30
CA ALA B 33 14.55 15.55 49.41
C ALA B 33 15.56 14.40 49.37
N LYS B 34 15.11 13.18 49.07
CA LYS B 34 16.03 12.06 48.94
C LYS B 34 17.03 12.29 47.80
N ASN B 35 16.57 12.83 46.68
CA ASN B 35 17.50 13.12 45.59
C ASN B 35 18.55 14.14 46.05
N ALA B 36 18.13 15.16 46.79
CA ALA B 36 19.07 16.14 47.31
C ALA B 36 20.14 15.47 48.18
N LYS B 37 19.72 14.52 49.00
CA LYS B 37 20.68 13.77 49.83
C LYS B 37 21.70 13.04 48.96
N THR B 38 21.23 12.38 47.90
CA THR B 38 22.14 11.69 47.00
C THR B 38 23.05 12.67 46.27
N ILE B 39 22.50 13.78 45.78
CA ILE B 39 23.30 14.77 45.07
C ILE B 39 24.34 15.38 46.00
N LEU B 40 23.94 15.71 47.23
CA LEU B 40 24.88 16.29 48.18
C LEU B 40 26.02 15.33 48.49
N GLU B 41 25.71 14.03 48.60
CA GLU B 41 26.77 13.04 48.82
C GLU B 41 27.74 13.03 47.64
N ASN B 42 27.23 13.11 46.41
CA ASN B 42 28.11 13.11 45.25
C ASN B 42 28.96 14.37 45.18
N ILE B 43 28.38 15.53 45.54
CA ILE B 43 29.15 16.77 45.53
C ILE B 43 30.32 16.67 46.50
N GLN B 44 30.07 16.10 47.68
CA GLN B 44 31.13 15.92 48.67
C GLN B 44 32.28 15.11 48.09
N ILE B 45 31.98 13.96 47.50
CA ILE B 45 33.02 13.12 46.89
C ILE B 45 33.81 13.93 45.88
N TYR B 46 33.13 14.68 45.03
CA TYR B 46 33.80 15.46 44.00
C TYR B 46 34.77 16.45 44.64
N GLU B 47 34.29 17.21 45.63
CA GLU B 47 35.14 18.22 46.27
C GLU B 47 36.29 17.57 47.03
N ARG B 48 36.06 16.43 47.67
CA ARG B 48 37.15 15.79 48.40
C ARG B 48 38.21 15.25 47.45
N MET B 49 37.77 14.60 46.36
CA MET B 49 38.71 14.14 45.35
C MET B 49 39.42 15.30 44.68
N CYS B 50 38.71 16.40 44.42
CA CYS B 50 39.35 17.59 43.87
C CYS B 50 40.47 18.07 44.78
N ASP B 51 40.20 18.17 46.09
CA ASP B 51 41.24 18.58 47.02
C ASP B 51 42.41 17.61 46.98
N LEU B 52 42.13 16.31 47.03
CA LEU B 52 43.20 15.32 47.04
C LEU B 52 44.04 15.37 45.78
N PHE B 53 43.45 15.79 44.66
CA PHE B 53 44.14 15.89 43.39
C PHE B 53 44.54 17.31 43.03
N GLY B 54 44.43 18.25 43.97
CA GLY B 54 44.96 19.58 43.77
C GLY B 54 44.21 20.47 42.80
N VAL B 55 42.90 20.35 42.73
CA VAL B 55 42.09 21.21 41.86
C VAL B 55 41.64 22.43 42.65
N SER B 56 41.90 23.61 42.11
CA SER B 56 41.46 24.85 42.74
C SER B 56 39.95 24.94 42.74
N GLU B 57 39.41 25.75 43.67
CA GLU B 57 37.96 25.92 43.74
C GLU B 57 37.41 26.51 42.45
N ASP B 58 38.11 27.50 41.88
CA ASP B 58 37.66 28.05 40.61
C ASP B 58 37.60 26.97 39.54
N ASP B 59 38.60 26.09 39.51
CA ASP B 59 38.68 25.04 38.49
C ASP B 59 37.82 23.82 38.80
N LYS B 60 37.25 23.73 40.00
CA LYS B 60 36.34 22.61 40.27
C LYS B 60 35.08 22.67 39.41
N LEU B 61 34.73 23.86 38.91
CA LEU B 61 33.54 24.02 38.09
C LEU B 61 33.80 23.75 36.61
N ILE B 62 35.03 23.40 36.23
CA ILE B 62 35.30 23.03 34.85
C ILE B 62 34.79 21.61 34.62
N ILE B 63 33.94 21.45 33.60
CA ILE B 63 33.26 20.18 33.38
C ILE B 63 34.27 19.08 33.08
N GLU B 64 35.34 19.41 32.35
CA GLU B 64 36.37 18.42 32.03
C GLU B 64 36.93 17.78 33.29
N ASN B 65 37.07 18.55 34.37
CA ASN B 65 37.59 17.99 35.61
C ASN B 65 36.61 17.03 36.24
N SER B 66 35.30 17.34 36.13
CA SER B 66 34.27 16.43 36.62
C SER B 66 34.27 15.12 35.85
N ILE B 67 34.42 15.19 34.53
CA ILE B 67 34.46 13.98 33.72
C ILE B 67 35.65 13.13 34.14
N SER B 68 36.80 13.76 34.38
CA SER B 68 38.01 13.01 34.71
C SER B 68 37.93 12.43 36.12
N ILE B 69 37.43 13.20 37.08
CA ILE B 69 37.31 12.69 38.45
C ILE B 69 36.36 11.50 38.50
N GLU B 70 35.20 11.63 37.86
CA GLU B 70 34.24 10.53 37.85
C GLU B 70 34.84 9.29 37.19
N ARG B 71 35.56 9.49 36.08
CA ARG B 71 36.24 8.36 35.44
C ARG B 71 37.23 7.69 36.39
N MET B 72 37.99 8.48 37.14
CA MET B 72 38.97 7.89 38.05
C MET B 72 38.30 7.07 39.14
N ILE B 73 37.16 7.54 39.64
CA ILE B 73 36.44 6.80 40.67
C ILE B 73 35.97 5.45 40.13
N ARG B 74 35.45 5.44 38.91
CA ARG B 74 35.02 4.17 38.32
C ARG B 74 36.21 3.22 38.17
N VAL B 75 37.37 3.76 37.77
CA VAL B 75 38.56 2.92 37.62
C VAL B 75 39.05 2.39 38.96
N VAL B 76 39.03 3.24 39.99
CA VAL B 76 39.51 2.80 41.30
C VAL B 76 38.61 1.70 41.86
N THR B 77 37.30 1.87 41.73
CA THR B 77 36.35 0.94 42.34
C THR B 77 36.07 -0.28 41.47
N ASP B 78 36.69 -0.40 40.31
CA ASP B 78 36.46 -1.55 39.46
C ASP B 78 37.36 -2.70 39.89
N LYS B 79 36.74 -3.72 40.49
CA LYS B 79 37.48 -4.88 41.01
C LYS B 79 38.02 -5.74 39.88
N LYS B 80 37.47 -5.61 38.68
CA LYS B 80 37.88 -6.44 37.56
C LYS B 80 39.23 -5.99 37.01
N TYR B 81 39.50 -4.69 37.03
CA TYR B 81 40.84 -4.19 36.67
C TYR B 81 41.85 -4.47 37.79
N GLN B 82 41.44 -4.21 39.04
CA GLN B 82 42.39 -4.35 40.15
C GLN B 82 42.95 -5.77 40.23
N ASP B 83 42.07 -6.76 40.22
CA ASP B 83 42.49 -8.14 40.41
C ASP B 83 43.34 -8.66 39.26
N LYS B 84 43.30 -8.01 38.10
CA LYS B 84 44.19 -8.38 37.01
C LYS B 84 45.54 -7.66 37.18
N GLY B 100 49.07 0.64 41.65
CA GLY B 100 49.02 1.09 43.03
C GLY B 100 49.08 2.62 43.14
N LYS B 101 49.11 3.28 41.98
CA LYS B 101 49.13 4.74 41.91
C LYS B 101 48.01 5.19 40.98
N VAL B 102 47.24 6.18 41.42
CA VAL B 102 46.15 6.74 40.64
C VAL B 102 46.58 8.10 40.10
N PHE B 103 46.62 8.20 38.77
CA PHE B 103 46.97 9.43 38.07
C PHE B 103 45.72 9.94 37.37
N CYS B 104 45.55 11.26 37.34
CA CYS B 104 44.34 11.86 36.77
C CYS B 104 44.74 13.11 36.01
N ARG B 105 44.40 13.17 34.73
CA ARG B 105 44.67 14.36 33.94
C ARG B 105 43.58 15.37 34.20
N LEU B 106 43.94 16.61 34.49
CA LEU B 106 42.99 17.60 34.95
C LEU B 106 43.29 18.95 34.29
N VAL B 107 42.32 19.84 34.35
CA VAL B 107 42.43 21.18 33.79
C VAL B 107 42.78 22.14 34.90
N GLU B 108 43.76 22.99 34.67
CA GLU B 108 44.14 24.05 35.59
C GLU B 108 44.06 25.37 34.85
N SER B 109 43.41 26.35 35.47
CA SER B 109 43.20 27.67 34.90
C SER B 109 44.21 28.67 35.42
N THR B 110 44.72 29.51 34.52
CA THR B 110 45.58 30.62 34.85
C THR B 110 44.85 31.84 34.25
N ALA B 111 43.81 32.30 34.95
CA ALA B 111 42.94 33.38 34.51
C ALA B 111 42.03 32.89 33.39
N GLY B 112 42.08 33.54 32.23
CA GLY B 112 41.32 33.08 31.08
C GLY B 112 41.85 31.79 30.47
N LYS B 113 43.17 31.67 30.37
CA LYS B 113 43.77 30.52 29.71
C LYS B 113 43.73 29.30 30.63
N CYS B 114 43.97 28.13 30.03
CA CYS B 114 43.92 26.86 30.75
C CYS B 114 45.02 25.96 30.23
N SER B 115 45.40 24.97 31.05
CA SER B 115 46.43 24.02 30.68
C SER B 115 46.14 22.68 31.36
N ALA B 116 46.61 21.60 30.74
CA ALA B 116 46.44 20.28 31.31
C ALA B 116 47.53 20.02 32.34
N ARG B 117 47.17 19.36 33.42
CA ARG B 117 48.14 18.96 34.44
C ARG B 117 47.78 17.56 34.90
N LEU B 118 48.75 16.87 35.48
CA LEU B 118 48.57 15.51 35.95
C LEU B 118 48.43 15.53 37.47
N GLY B 119 47.22 15.22 37.95
CA GLY B 119 47.03 15.09 39.39
C GLY B 119 47.49 13.71 39.81
N MET B 120 48.04 13.64 41.02
CA MET B 120 48.69 12.42 41.49
C MET B 120 48.26 12.10 42.91
N ALA B 121 47.87 10.84 43.12
CA ALA B 121 47.63 10.31 44.45
C ALA B 121 47.99 8.83 44.41
N LEU B 122 48.40 8.29 45.56
CA LEU B 122 48.63 6.87 45.68
C LEU B 122 47.29 6.17 45.86
N LYS B 123 47.13 5.00 45.23
CA LYS B 123 45.86 4.29 45.28
C LYS B 123 45.33 4.08 46.69
N PRO B 124 46.12 3.65 47.68
CA PRO B 124 45.59 3.54 49.04
C PRO B 124 45.04 4.85 49.57
N ASN B 125 45.66 5.98 49.20
CA ASN B 125 45.19 7.28 49.66
C ASN B 125 43.81 7.59 49.09
N VAL B 126 43.60 7.32 47.80
CA VAL B 126 42.28 7.46 47.20
C VAL B 126 41.30 6.48 47.82
N GLU B 127 41.74 5.23 48.01
CA GLU B 127 40.84 4.23 48.57
C GLU B 127 40.36 4.62 49.96
N ALA B 128 41.26 5.17 50.77
CA ALA B 128 40.90 5.56 52.13
C ALA B 128 39.89 6.71 52.14
N VAL B 129 40.03 7.66 51.22
CA VAL B 129 39.14 8.82 51.23
C VAL B 129 37.69 8.42 50.99
N LEU B 130 37.45 7.59 49.96
CA LEU B 130 36.07 7.19 49.67
C LEU B 130 35.46 6.40 50.83
N THR B 131 36.25 5.50 51.43
CA THR B 131 35.71 4.73 52.56
C THR B 131 35.35 5.69 53.69
N ASP B 132 36.19 6.70 53.93
CA ASP B 132 35.87 7.71 54.93
C ASP B 132 34.64 8.52 54.53
N VAL B 133 34.53 8.86 53.25
CA VAL B 133 33.43 9.70 52.80
C VAL B 133 32.11 8.94 52.86
N LEU B 134 32.11 7.69 52.44
CA LEU B 134 30.90 6.87 52.33
C LEU B 134 30.69 5.97 53.54
N GLY B 135 31.74 5.32 54.03
CA GLY B 135 31.60 4.39 55.13
C GLY B 135 30.81 3.17 54.74
N ALA B 142 26.89 -1.00 46.85
CA ALA B 142 25.50 -1.04 46.43
C ALA B 142 25.00 0.34 46.04
N VAL B 143 25.03 1.27 47.00
CA VAL B 143 24.71 2.66 46.71
C VAL B 143 25.78 3.28 45.82
N LEU B 144 27.05 2.94 46.07
CA LEU B 144 28.14 3.49 45.26
C LEU B 144 28.00 3.08 43.80
N GLY B 145 27.59 1.84 43.54
CA GLY B 145 27.47 1.40 42.16
C GLY B 145 26.48 2.22 41.34
N LYS B 146 25.31 2.50 41.91
CA LYS B 146 24.30 3.25 41.16
C LYS B 146 24.78 4.65 40.84
N ARG B 147 25.45 5.32 41.79
CA ARG B 147 25.95 6.66 41.49
C ARG B 147 26.98 6.62 40.37
N MET B 148 27.88 5.62 40.40
CA MET B 148 28.87 5.49 39.32
C MET B 148 28.21 5.02 38.04
N GLY B 149 27.16 4.21 38.12
CA GLY B 149 26.40 3.88 36.94
C GLY B 149 25.85 5.12 36.26
N PHE B 150 25.36 6.08 37.06
CA PHE B 150 24.86 7.32 36.49
C PHE B 150 25.99 8.15 35.91
N THR B 151 27.15 8.21 36.58
CA THR B 151 28.28 8.92 35.99
C THR B 151 28.68 8.26 34.67
N ALA B 152 28.72 6.93 34.66
CA ALA B 152 29.00 6.20 33.41
C ALA B 152 27.96 6.49 32.35
N MET B 153 26.70 6.69 32.77
CA MET B 153 25.64 6.96 31.79
C MET B 153 25.84 8.33 31.13
N PHE B 154 26.24 9.33 31.91
CA PHE B 154 26.52 10.63 31.28
C PHE B 154 27.66 10.49 30.28
N LYS B 155 28.73 9.79 30.66
CA LYS B 155 29.86 9.60 29.76
C LYS B 155 29.42 8.87 28.50
N SER B 156 28.59 7.83 28.65
CA SER B 156 28.08 7.14 27.47
C SER B 156 27.29 8.09 26.58
N ASN B 157 26.43 8.91 27.18
CA ASN B 157 25.60 9.82 26.39
C ASN B 157 26.44 10.92 25.75
N LEU B 158 27.54 11.30 26.38
CA LEU B 158 28.46 12.23 25.72
C LEU B 158 29.15 11.58 24.53
N GLU B 159 29.61 10.34 24.69
CA GLU B 159 30.27 9.64 23.59
C GLU B 159 29.29 9.35 22.46
N GLU B 160 28.02 9.13 22.78
CA GLU B 160 27.04 8.91 21.73
C GLU B 160 26.95 10.12 20.83
N VAL B 161 26.99 11.32 21.41
CA VAL B 161 26.99 12.54 20.61
C VAL B 161 28.27 12.64 19.80
N LEU B 162 29.42 12.40 20.44
CA LEU B 162 30.70 12.64 19.80
C LEU B 162 31.02 11.59 18.74
N TYR B 163 30.80 10.31 19.04
CA TYR B 163 31.14 9.24 18.12
C TYR B 163 29.89 8.43 17.81
N GLN B 164 29.67 8.15 16.53
CA GLN B 164 28.56 7.33 16.06
C GLN B 164 28.79 5.84 16.16
N LYS B 172 30.28 -3.87 17.57
CA LYS B 172 30.63 -4.28 16.21
C LYS B 172 29.83 -5.50 15.83
N ARG B 173 29.01 -5.99 16.76
CA ARG B 173 28.22 -7.22 16.50
C ARG B 173 26.84 -6.87 15.93
N ASN B 174 26.41 -5.61 16.05
CA ASN B 174 25.14 -5.19 15.47
C ASN B 174 25.39 -4.37 14.21
N ALA B 175 24.42 -4.40 13.30
CA ALA B 175 24.51 -3.65 12.06
C ALA B 175 24.58 -2.16 12.35
N ALA B 176 25.34 -1.45 11.50
CA ALA B 176 25.62 -0.04 11.77
C ALA B 176 24.33 0.78 11.89
N GLU B 177 23.32 0.46 11.07
CA GLU B 177 22.13 1.29 11.07
C GLU B 177 21.31 1.15 12.35
N THR B 178 21.63 0.18 13.20
CA THR B 178 20.92 -0.01 14.46
C THR B 178 21.53 0.80 15.59
N PHE B 179 22.49 1.67 15.29
CA PHE B 179 23.24 2.33 16.37
C PHE B 179 22.35 3.29 17.17
N THR B 180 21.26 3.78 16.57
CA THR B 180 20.34 4.64 17.31
C THR B 180 19.55 3.89 18.37
N LEU B 181 19.73 2.58 18.47
CA LEU B 181 19.11 1.77 19.52
C LEU B 181 20.12 1.35 20.58
N SER B 182 21.26 2.01 20.66
CA SER B 182 22.35 1.58 21.52
C SER B 182 22.59 2.56 22.67
N GLN B 183 21.52 3.06 23.28
CA GLN B 183 21.67 3.86 24.47
C GLN B 183 22.42 3.07 25.54
N GLY B 184 23.35 3.73 26.21
CA GLY B 184 24.13 3.12 27.25
C GLY B 184 25.21 2.18 26.80
N ALA B 185 25.61 2.26 25.52
CA ALA B 185 26.54 1.27 24.98
C ALA B 185 27.92 1.34 25.64
N SER B 186 28.32 2.51 26.12
CA SER B 186 29.66 2.65 26.70
C SER B 186 29.76 2.06 28.11
N LEU B 187 28.64 1.74 28.75
CA LEU B 187 28.71 1.30 30.13
C LEU B 187 29.52 0.01 30.25
N GLU B 188 30.40 -0.03 31.25
CA GLU B 188 31.07 -1.27 31.63
C GLU B 188 30.06 -2.28 32.13
N ALA B 189 30.42 -3.56 32.01
CA ALA B 189 29.47 -4.63 32.31
C ALA B 189 28.88 -4.49 33.70
N ARG B 190 29.66 -3.99 34.65
CA ARG B 190 29.19 -3.94 36.06
C ARG B 190 28.05 -2.93 36.23
N PHE B 191 27.94 -1.96 35.34
CA PHE B 191 26.93 -0.93 35.48
C PHE B 191 25.67 -1.21 34.68
N ARG B 192 25.69 -2.21 33.78
CA ARG B 192 24.53 -2.41 32.91
C ARG B 192 23.32 -2.92 33.69
N PRO B 193 23.44 -3.94 34.54
CA PRO B 193 22.26 -4.37 35.32
C PRO B 193 21.68 -3.25 36.15
N ILE B 194 22.54 -2.42 36.73
CA ILE B 194 22.03 -1.37 37.61
C ILE B 194 21.29 -0.31 36.80
N MET B 195 21.80 0.00 35.60
CA MET B 195 21.22 0.99 34.71
C MET B 195 20.34 0.36 33.62
N GLU B 196 19.84 -0.84 33.87
CA GLU B 196 19.06 -1.59 32.85
C GLU B 196 18.00 -0.71 32.17
N LYS B 197 17.18 -0.01 32.95
CA LYS B 197 16.08 0.72 32.34
C LYS B 197 16.59 1.77 31.36
N HIS B 198 17.82 2.24 31.54
CA HIS B 198 18.43 3.25 30.67
C HIS B 198 19.04 2.65 29.40
N LEU B 199 19.22 1.34 29.33
CA LEU B 199 19.90 0.72 28.20
C LEU B 199 18.99 0.58 26.98
N GLY B 200 19.57 0.74 25.80
CA GLY B 200 18.84 0.53 24.57
C GLY B 200 18.74 -0.93 24.16
N VAL B 201 17.84 -1.18 23.21
CA VAL B 201 17.63 -2.54 22.71
C VAL B 201 18.90 -3.08 22.07
N GLY B 202 19.62 -2.24 21.32
CA GLY B 202 20.86 -2.68 20.73
C GLY B 202 21.91 -3.04 21.76
N THR B 203 21.95 -2.28 22.87
CA THR B 203 22.94 -2.55 23.89
C THR B 203 22.69 -3.89 24.57
N VAL B 204 21.43 -4.17 24.91
CA VAL B 204 21.13 -5.46 25.53
C VAL B 204 21.38 -6.59 24.53
N VAL B 205 20.99 -6.39 23.27
CA VAL B 205 21.20 -7.42 22.26
C VAL B 205 22.69 -7.69 22.09
N ALA B 206 23.50 -6.62 22.07
CA ALA B 206 24.95 -6.78 21.96
C ALA B 206 25.50 -7.54 23.14
N SER B 207 24.99 -7.25 24.35
CA SER B 207 25.42 -8.01 25.52
C SER B 207 25.08 -9.48 25.36
N ILE B 208 23.88 -9.78 24.86
CA ILE B 208 23.48 -11.17 24.65
C ILE B 208 24.40 -11.82 23.63
N LYS B 209 24.69 -11.12 22.54
CA LYS B 209 25.56 -11.67 21.51
C LYS B 209 26.94 -11.97 22.06
N ASN B 210 27.47 -11.09 22.91
CA ASN B 210 28.77 -11.34 23.52
C ASN B 210 28.76 -12.62 24.36
N ILE B 211 27.72 -12.80 25.17
CA ILE B 211 27.62 -14.00 25.99
C ILE B 211 27.60 -15.24 25.09
N LEU B 212 26.77 -15.20 24.05
CA LEU B 212 26.66 -16.35 23.14
C LEU B 212 28.00 -16.65 22.46
N ALA B 213 28.71 -15.60 22.05
CA ALA B 213 29.98 -15.79 21.36
C ALA B 213 31.03 -16.39 22.28
N SER B 214 30.99 -16.07 23.57
CA SER B 214 31.96 -16.65 24.49
C SER B 214 31.66 -18.13 24.73
N LYS B 215 30.38 -18.50 24.73
CA LYS B 215 30.01 -19.91 24.81
C LYS B 215 30.46 -20.67 23.56
N LYS B 216 30.21 -20.10 22.38
CA LYS B 216 30.61 -20.77 21.14
C LYS B 216 32.14 -20.92 21.06
N ASN B 217 32.86 -19.85 21.38
CA ASN B 217 34.32 -19.94 21.39
C ASN B 217 34.82 -20.83 22.51
N GLY B 218 34.04 -20.97 23.58
CA GLY B 218 34.51 -21.63 24.78
C GLY B 218 35.36 -20.76 25.68
N ASN B 219 35.49 -19.47 25.37
CA ASN B 219 36.28 -18.58 26.21
C ASN B 219 35.64 -18.42 27.59
N TYR B 220 34.32 -18.33 27.67
CA TYR B 220 33.62 -18.46 28.95
C TYR B 220 32.19 -18.95 28.70
N TRP B 235 18.70 -16.84 37.97
CA TRP B 235 19.09 -15.92 36.91
C TRP B 235 20.53 -16.05 36.44
N SER B 236 20.70 -16.70 35.30
CA SER B 236 21.97 -16.69 34.58
C SER B 236 22.12 -15.33 33.91
N PRO B 237 23.34 -14.91 33.59
CA PRO B 237 23.49 -13.61 32.91
C PRO B 237 22.64 -13.50 31.66
N LEU B 238 22.57 -14.55 30.83
CA LEU B 238 21.73 -14.51 29.64
C LEU B 238 20.26 -14.35 30.01
N GLU B 239 19.79 -15.09 31.02
CA GLU B 239 18.39 -14.99 31.42
C GLU B 239 18.07 -13.59 31.90
N ARG B 240 18.97 -12.98 32.67
CA ARG B 240 18.77 -11.61 33.11
C ARG B 240 18.68 -10.65 31.94
N GLU B 241 19.58 -10.79 30.96
CA GLU B 241 19.56 -9.88 29.81
C GLU B 241 18.28 -10.05 28.99
N ILE B 242 17.83 -11.30 28.80
CA ILE B 242 16.59 -11.55 28.07
C ILE B 242 15.41 -10.88 28.78
N SER B 243 15.35 -11.01 30.09
CA SER B 243 14.29 -10.33 30.84
C SER B 243 14.36 -8.82 30.63
N PHE B 244 15.57 -8.28 30.53
CA PHE B 244 15.71 -6.84 30.26
C PHE B 244 15.16 -6.51 28.88
N LEU B 245 15.51 -7.31 27.87
CA LEU B 245 15.04 -7.07 26.51
C LEU B 245 13.53 -7.22 26.43
N ASN B 246 12.99 -8.23 27.09
CA ASN B 246 11.53 -8.43 27.06
C ASN B 246 10.79 -7.20 27.54
N LYS B 247 11.28 -6.53 28.58
CA LYS B 247 10.49 -5.39 29.10
C LYS B 247 10.53 -4.22 28.11
N LYS B 248 11.60 -4.11 27.33
CA LYS B 248 11.74 -2.95 26.46
C LYS B 248 11.00 -3.08 25.13
N LEU B 249 10.90 -4.30 24.60
CA LEU B 249 10.45 -4.46 23.22
C LEU B 249 8.97 -4.11 23.06
N PHE B 250 8.64 -3.63 21.86
CA PHE B 250 7.27 -3.34 21.49
C PHE B 250 6.40 -4.58 21.67
N PRO B 251 5.21 -4.45 22.25
CA PRO B 251 4.41 -5.63 22.55
C PRO B 251 4.02 -6.39 21.29
N GLY B 252 3.88 -7.70 21.45
CA GLY B 252 3.45 -8.55 20.36
C GLY B 252 4.37 -9.74 20.21
N PRO B 253 4.54 -10.21 18.96
CA PRO B 253 5.36 -11.41 18.75
C PRO B 253 6.82 -11.26 19.16
N MET B 254 7.36 -10.05 19.17
CA MET B 254 8.75 -9.89 19.58
C MET B 254 8.95 -10.27 21.04
N ARG B 255 8.00 -9.91 21.90
CA ARG B 255 8.11 -10.32 23.30
C ARG B 255 7.90 -11.82 23.44
N GLN B 256 7.01 -12.40 22.63
CA GLN B 256 6.83 -13.84 22.65
C GLN B 256 8.13 -14.54 22.27
N LEU B 257 8.86 -14.00 21.29
CA LEU B 257 10.10 -14.61 20.86
C LEU B 257 11.18 -14.52 21.94
N CYS B 258 11.21 -13.41 22.72
CA CYS B 258 12.16 -13.34 23.82
C CYS B 258 11.95 -14.45 24.82
N LYS B 259 10.68 -14.72 25.18
CA LYS B 259 10.42 -15.75 26.18
C LYS B 259 10.87 -17.13 25.71
N LYS B 260 10.99 -17.34 24.40
CA LYS B 260 11.45 -18.63 23.89
C LYS B 260 12.93 -18.61 23.53
N PHE B 261 13.64 -17.52 23.82
CA PHE B 261 15.02 -17.40 23.36
C PHE B 261 15.87 -18.58 23.83
N GLU B 262 15.71 -19.02 25.07
CA GLU B 262 16.50 -20.14 25.55
C GLU B 262 16.15 -21.44 24.84
N TYR B 263 14.97 -21.52 24.25
CA TYR B 263 14.49 -22.68 23.53
C TYR B 263 14.74 -22.63 22.04
N LEU B 264 15.37 -21.57 21.54
CA LEU B 264 15.78 -21.48 20.15
C LEU B 264 17.18 -22.06 19.98
N ASN B 265 17.47 -22.56 18.78
CA ASN B 265 18.82 -23.00 18.45
C ASN B 265 19.69 -21.80 18.09
N ASP B 266 20.99 -22.06 17.89
CA ASP B 266 21.94 -20.97 17.75
C ASP B 266 21.60 -20.09 16.54
N GLN B 267 21.18 -20.72 15.47
CA GLN B 267 20.84 -19.96 14.24
C GLN B 267 19.57 -19.14 14.46
N GLU B 268 18.59 -19.75 15.11
CA GLU B 268 17.35 -19.04 15.43
C GLU B 268 17.61 -17.89 16.40
N LYS B 269 18.51 -18.10 17.36
CA LYS B 269 18.86 -17.02 18.30
C LYS B 269 19.39 -15.81 17.55
N GLN B 270 20.36 -16.01 16.65
CA GLN B 270 20.94 -14.90 15.92
C GLN B 270 19.90 -14.21 15.04
N LEU B 271 19.06 -14.97 14.36
CA LEU B 271 18.01 -14.36 13.55
C LEU B 271 17.05 -13.56 14.41
N ALA B 272 16.64 -14.13 15.54
CA ALA B 272 15.69 -13.45 16.42
C ALA B 272 16.25 -12.12 16.90
N LEU B 273 17.53 -12.09 17.31
CA LEU B 273 18.12 -10.85 17.83
C LEU B 273 18.15 -9.76 16.77
N ASN B 274 18.61 -10.10 15.55
CA ASN B 274 18.67 -9.10 14.50
C ASN B 274 17.28 -8.66 14.03
N LEU B 275 16.32 -9.58 14.04
CA LEU B 275 14.96 -9.22 13.66
C LEU B 275 14.35 -8.26 14.67
N MET B 276 14.47 -8.59 15.96
CA MET B 276 13.95 -7.68 16.99
C MET B 276 14.69 -6.35 16.96
N LEU B 277 15.97 -6.37 16.61
CA LEU B 277 16.73 -5.13 16.56
C LEU B 277 16.31 -4.28 15.37
N ASP B 278 16.17 -4.88 14.19
CA ASP B 278 15.75 -4.14 13.02
C ASP B 278 14.34 -3.58 13.21
N ALA B 279 13.43 -4.43 13.70
CA ALA B 279 12.04 -4.04 13.86
C ALA B 279 11.89 -2.88 14.84
N SER B 280 12.77 -2.81 15.85
CA SER B 280 12.67 -1.74 16.84
C SER B 280 12.94 -0.37 16.24
N LEU B 281 13.52 -0.31 15.05
CA LEU B 281 13.75 0.97 14.39
C LEU B 281 12.45 1.64 13.93
N ILE B 282 11.35 0.89 13.82
CA ILE B 282 10.04 1.45 13.57
C ILE B 282 9.07 1.15 14.71
N LEU B 283 9.08 -0.07 15.23
CA LEU B 283 8.31 -0.42 16.42
C LEU B 283 9.15 -0.04 17.65
N LYS B 284 9.07 1.22 18.03
CA LYS B 284 10.04 1.78 18.95
C LYS B 284 9.99 1.06 20.29
N PRO B 285 11.13 0.76 20.90
CA PRO B 285 11.13 0.15 22.23
C PRO B 285 10.93 1.18 23.33
N GLN B 286 10.79 0.68 24.54
CA GLN B 286 10.62 1.49 25.74
C GLN B 286 11.96 1.62 26.45
N VAL B 287 12.39 2.85 26.67
CA VAL B 287 13.68 3.14 27.28
C VAL B 287 13.50 4.27 28.29
N THR B 288 14.12 4.14 29.45
CA THR B 288 14.02 5.15 30.49
C THR B 288 15.05 6.25 30.28
N HIS B 289 14.62 7.48 30.43
CA HIS B 289 15.48 8.65 30.25
C HIS B 289 15.44 9.49 31.51
N LYS B 290 16.62 9.91 31.98
CA LYS B 290 16.75 10.87 33.05
C LYS B 290 17.79 11.92 32.67
N MET B 291 17.70 13.07 33.32
CA MET B 291 18.65 14.15 33.12
C MET B 291 19.84 13.88 34.03
N ILE B 292 20.97 13.50 33.45
CA ILE B 292 22.17 13.14 34.18
C ILE B 292 23.27 14.12 33.78
N MET B 293 23.72 14.91 34.76
CA MET B 293 24.77 15.90 34.57
C MET B 293 26.02 15.51 35.32
N PRO B 294 27.18 16.07 34.94
CA PRO B 294 28.40 15.87 35.73
C PRO B 294 28.22 16.41 37.14
N TRP B 295 28.93 15.79 38.08
CA TRP B 295 28.90 16.27 39.47
C TRP B 295 29.23 17.76 39.55
N SER B 296 30.14 18.23 38.71
CA SER B 296 30.51 19.64 38.73
C SER B 296 29.30 20.55 38.57
N MET B 297 28.37 20.16 37.71
CA MET B 297 27.22 21.01 37.45
C MET B 297 26.26 21.03 38.63
N TRP B 298 26.11 19.90 39.33
CA TRP B 298 25.34 19.91 40.57
C TRP B 298 26.01 20.80 41.61
N LEU B 299 27.34 20.75 41.72
CA LEU B 299 28.05 21.66 42.60
C LEU B 299 27.73 23.12 42.23
N ALA B 300 27.70 23.43 40.94
CA ALA B 300 27.35 24.79 40.51
C ALA B 300 25.95 25.17 40.93
N VAL B 301 25.02 24.20 40.93
CA VAL B 301 23.66 24.48 41.40
C VAL B 301 23.68 24.89 42.87
N LYS B 302 24.42 24.15 43.70
CA LYS B 302 24.51 24.48 45.12
C LYS B 302 25.09 25.87 45.34
N LYS B 303 26.19 26.18 44.66
CA LYS B 303 26.85 27.47 44.86
C LYS B 303 25.94 28.63 44.45
N TYR B 304 25.26 28.50 43.32
CA TYR B 304 24.37 29.57 42.88
C TYR B 304 23.19 29.74 43.84
N ALA B 305 22.59 28.63 44.27
CA ALA B 305 21.42 28.71 45.15
C ALA B 305 21.77 29.38 46.47
N GLU B 306 22.90 28.97 47.08
CA GLU B 306 23.27 29.57 48.36
C GLU B 306 23.72 31.03 48.21
N MET B 307 24.46 31.37 47.16
CA MET B 307 24.94 32.75 47.05
C MET B 307 23.79 33.69 46.72
N ASN B 308 22.87 33.25 45.87
CA ASN B 308 21.70 34.02 45.49
C ASN B 308 20.54 33.30 46.18
N LYS B 309 20.32 33.62 47.47
CA LYS B 309 19.33 32.90 48.27
C LYS B 309 17.90 33.21 47.81
N GLY B 310 17.67 34.35 47.19
CA GLY B 310 16.34 34.59 46.70
C GLY B 310 15.93 33.68 45.56
N SER B 311 16.89 32.88 45.12
CA SER B 311 16.64 31.95 43.99
C SER B 311 16.27 30.57 44.57
N PRO B 312 15.66 29.66 43.76
CA PRO B 312 15.23 28.34 44.28
C PRO B 312 16.39 27.56 44.91
N SER B 313 16.05 26.74 45.88
CA SER B 313 17.03 25.96 46.62
C SER B 313 17.48 24.73 45.82
N LEU B 314 18.54 24.08 46.32
CA LEU B 314 18.97 22.83 45.70
C LEU B 314 17.91 21.75 45.83
N GLU B 315 17.35 21.60 47.04
CA GLU B 315 16.32 20.59 47.25
C GLU B 315 15.10 20.89 46.40
N ASP B 316 14.84 22.17 46.14
CA ASP B 316 13.78 22.54 45.20
C ASP B 316 14.10 22.05 43.79
N LEU B 317 15.37 22.08 43.42
CA LEU B 317 15.80 21.71 42.07
C LEU B 317 16.39 20.31 41.97
N ALA B 318 16.29 19.51 43.04
CA ALA B 318 16.91 18.18 43.06
C ALA B 318 15.99 17.20 42.34
N ALA B 319 15.87 17.40 41.03
CA ALA B 319 15.04 16.56 40.18
C ALA B 319 15.83 16.10 38.96
N TYR B 320 15.63 14.83 38.60
CA TYR B 320 16.23 14.25 37.41
C TYR B 320 15.26 14.20 36.23
N SER B 321 14.04 14.70 36.39
CA SER B 321 13.06 14.72 35.32
C SER B 321 12.10 15.88 35.57
N GLY B 322 11.34 16.23 34.54
CA GLY B 322 10.41 17.33 34.64
C GLY B 322 11.10 18.67 34.50
N VAL B 323 10.30 19.73 34.71
CA VAL B 323 10.80 21.09 34.50
C VAL B 323 11.90 21.42 35.50
N ARG B 324 11.86 20.80 36.67
CA ARG B 324 12.88 21.10 37.71
C ARG B 324 14.26 20.65 37.21
N ALA B 325 14.34 19.56 36.43
CA ALA B 325 15.61 19.13 35.87
C ALA B 325 16.14 20.16 34.88
N PHE B 326 15.27 20.70 34.02
CA PHE B 326 15.69 21.74 33.09
C PHE B 326 16.17 22.99 33.81
N MET B 327 15.46 23.39 34.87
CA MET B 327 15.92 24.53 35.66
C MET B 327 17.24 24.23 36.36
N ALA B 328 17.41 22.99 36.85
CA ALA B 328 18.67 22.62 37.45
C ALA B 328 19.81 22.75 36.45
N PHE B 329 19.59 22.29 35.22
CA PHE B 329 20.59 22.43 34.17
C PHE B 329 20.85 23.91 33.88
N ASN B 330 19.79 24.69 33.71
CA ASN B 330 19.94 26.12 33.45
C ASN B 330 20.64 26.81 34.61
N THR B 331 20.28 26.44 35.84
CA THR B 331 20.93 27.03 37.01
C THR B 331 22.39 26.64 37.08
N ALA B 332 22.71 25.38 36.77
CA ALA B 332 24.10 24.94 36.77
C ALA B 332 24.93 25.70 35.75
N CYS B 333 24.31 26.18 34.68
CA CYS B 333 25.04 26.81 33.58
C CYS B 333 25.47 28.24 33.89
N TYR B 334 24.99 28.84 34.98
CA TYR B 334 25.44 30.18 35.35
C TYR B 334 26.92 30.17 35.69
N MET B 335 27.39 29.15 36.42
CA MET B 335 28.76 29.12 36.90
C MET B 335 29.61 28.02 36.30
N SER B 336 29.03 27.06 35.58
CA SER B 336 29.81 25.97 35.04
C SER B 336 30.76 26.47 33.95
N LYS B 337 31.81 25.69 33.72
CA LYS B 337 32.87 26.05 32.79
C LYS B 337 33.27 24.83 31.96
N PHE B 338 33.74 25.09 30.74
CA PHE B 338 34.40 24.07 29.93
C PHE B 338 35.54 24.73 29.16
N THR B 339 36.32 23.91 28.46
CA THR B 339 37.54 24.37 27.81
C THR B 339 37.34 24.43 26.30
N ILE B 340 37.94 25.44 25.68
CA ILE B 340 37.99 25.58 24.24
C ILE B 340 39.44 25.43 23.81
N GLY B 341 39.72 24.44 22.98
CA GLY B 341 41.08 24.20 22.53
C GLY B 341 41.12 23.92 21.04
N LYS B 342 42.32 23.69 20.54
CA LYS B 342 42.54 23.37 19.13
C LYS B 342 42.62 21.86 18.98
N GLY B 343 41.80 21.31 18.09
CA GLY B 343 41.70 19.89 17.88
C GLY B 343 40.33 19.36 18.19
N ILE B 344 39.60 18.91 17.17
CA ILE B 344 38.29 18.30 17.33
C ILE B 344 38.35 16.82 16.96
N VAL B 345 37.32 16.09 17.37
CA VAL B 345 37.16 14.72 16.91
C VAL B 345 37.06 14.76 15.40
N GLY B 346 37.97 14.09 14.71
CA GLY B 346 38.09 14.31 13.29
C GLY B 346 39.41 14.97 12.95
N ASP B 347 39.42 16.31 12.86
CA ASP B 347 40.61 17.06 12.50
C ASP B 347 41.26 17.68 13.73
N ALA B 348 42.54 17.38 13.94
CA ALA B 348 43.30 17.91 15.07
C ALA B 348 43.75 19.34 14.84
N GLU B 349 43.50 19.91 13.66
CA GLU B 349 43.96 21.24 13.31
C GLU B 349 42.85 22.28 13.36
N ILE B 350 41.62 21.90 13.71
CA ILE B 350 40.48 22.80 13.73
C ILE B 350 40.18 23.22 15.16
N MET B 351 39.75 24.48 15.31
CA MET B 351 39.50 25.07 16.61
C MET B 351 38.11 24.70 17.12
N GLU B 352 38.01 24.42 18.41
CA GLU B 352 36.73 24.14 19.04
C GLU B 352 35.90 25.42 19.17
N ASN B 353 34.58 25.25 19.13
CA ASN B 353 33.62 26.35 19.26
C ASN B 353 32.83 26.18 20.55
N GLY B 354 32.63 27.28 21.28
CA GLY B 354 31.92 27.20 22.55
C GLY B 354 30.46 26.80 22.38
N ASN B 355 29.77 27.44 21.43
CA ASN B 355 28.36 27.10 21.22
C ASN B 355 28.21 25.67 20.71
N ASP B 356 29.11 25.23 19.82
CA ASP B 356 29.05 23.83 19.37
C ASP B 356 29.32 22.89 20.53
N LYS B 357 30.29 23.22 21.39
CA LYS B 357 30.54 22.43 22.59
C LYS B 357 29.40 22.56 23.60
N MET B 358 28.80 23.74 23.69
CA MET B 358 27.64 23.92 24.55
C MET B 358 26.48 23.03 24.11
N GLN B 359 26.21 22.98 22.80
CA GLN B 359 25.17 22.08 22.30
C GLN B 359 25.50 20.63 22.65
N THR B 360 26.77 20.24 22.47
CA THR B 360 27.18 18.88 22.80
C THR B 360 26.94 18.60 24.28
N LEU B 361 27.28 19.56 25.14
CA LEU B 361 27.05 19.37 26.58
C LEU B 361 25.58 19.19 26.88
N ALA B 362 24.73 20.06 26.32
CA ALA B 362 23.29 19.95 26.57
C ALA B 362 22.77 18.61 26.07
N MET B 363 23.19 18.19 24.88
CA MET B 363 22.73 16.92 24.35
C MET B 363 23.19 15.76 25.22
N ALA B 364 24.41 15.85 25.75
CA ALA B 364 24.92 14.77 26.59
C ALA B 364 24.11 14.64 27.87
N CYS B 365 23.80 15.78 28.51
CA CYS B 365 23.11 15.72 29.79
C CYS B 365 21.71 15.14 29.64
N PHE B 366 21.10 15.30 28.48
CA PHE B 366 19.77 14.77 28.22
C PHE B 366 19.77 13.57 27.29
N GLY B 367 20.94 13.12 26.83
CA GLY B 367 21.03 11.95 25.98
C GLY B 367 20.32 12.10 24.66
N LEU B 368 20.56 13.20 23.96
CA LEU B 368 19.73 13.60 22.82
C LEU B 368 20.34 13.23 21.46
N ALA B 369 21.45 12.50 21.45
CA ALA B 369 22.12 12.19 20.18
C ALA B 369 21.14 11.59 19.17
N TYR B 370 20.29 10.67 19.61
CA TYR B 370 19.38 9.95 18.73
C TYR B 370 18.00 10.60 18.67
N GLU B 371 17.82 11.74 19.32
CA GLU B 371 16.52 12.39 19.36
C GLU B 371 16.27 13.16 18.06
N ASP B 372 14.99 13.31 17.72
CA ASP B 372 14.59 14.14 16.60
C ASP B 372 15.16 15.53 16.76
N THR B 373 15.98 15.95 15.80
CA THR B 373 16.66 17.24 15.92
C THR B 373 15.68 18.41 15.93
N GLY B 374 14.55 18.28 15.24
CA GLY B 374 13.54 19.32 15.27
C GLY B 374 12.95 19.50 16.66
N ILE B 375 12.74 18.40 17.37
CA ILE B 375 12.25 18.47 18.75
C ILE B 375 13.22 19.28 19.60
N VAL B 376 14.51 18.95 19.51
CA VAL B 376 15.50 19.64 20.33
C VAL B 376 15.61 21.11 19.93
N ALA B 377 15.62 21.39 18.63
CA ALA B 377 15.82 22.75 18.17
C ALA B 377 14.73 23.69 18.68
N ALA B 378 13.50 23.19 18.85
CA ALA B 378 12.41 24.04 19.30
C ALA B 378 12.50 24.41 20.76
N MET B 379 13.40 23.79 21.51
CA MET B 379 13.47 23.97 22.95
C MET B 379 14.70 24.73 23.41
N ILE B 380 15.69 24.93 22.54
CA ILE B 380 16.95 25.55 22.92
C ILE B 380 17.02 26.98 22.38
N SER B 381 17.93 27.76 22.95
CA SER B 381 18.08 29.18 22.65
C SER B 381 19.16 29.45 21.61
N GLN B 382 19.74 28.41 21.02
CA GLN B 382 20.76 28.57 19.99
C GLN B 382 20.36 27.72 18.79
N PRO B 383 20.78 28.12 17.59
CA PRO B 383 20.49 27.29 16.40
C PRO B 383 21.04 25.89 16.55
N MET B 384 20.21 24.91 16.20
CA MET B 384 20.59 23.50 16.26
C MET B 384 21.48 23.16 15.08
N LYS B 385 22.58 22.45 15.36
CA LYS B 385 23.56 22.03 14.37
C LYS B 385 23.62 20.51 14.35
N LYS B 386 23.81 19.96 13.15
CA LYS B 386 23.99 18.52 13.02
C LYS B 386 25.40 18.13 13.49
N ARG B 387 25.61 16.82 13.65
CA ARG B 387 26.84 16.36 14.30
C ARG B 387 28.08 16.90 13.60
N TYR B 388 28.17 16.72 12.28
CA TYR B 388 29.40 17.00 11.55
C TYR B 388 29.51 18.45 11.12
N GLN B 389 28.56 19.29 11.51
CA GLN B 389 28.70 20.74 11.48
C GLN B 389 29.23 21.29 12.80
N LEU B 390 29.44 20.42 13.78
CA LEU B 390 29.90 20.84 15.10
C LEU B 390 31.42 20.72 15.18
N ARG B 391 32.06 21.77 15.69
CA ARG B 391 33.51 21.81 15.92
C ARG B 391 33.74 21.56 17.40
N VAL B 392 33.73 20.30 17.80
CA VAL B 392 33.78 19.90 19.21
C VAL B 392 34.84 18.84 19.41
N GLY B 393 35.53 18.91 20.55
CA GLY B 393 36.55 17.93 20.90
C GLY B 393 36.03 16.83 21.80
N ASN B 394 36.97 16.10 22.40
CA ASN B 394 36.66 14.88 23.13
C ASN B 394 36.38 15.13 24.60
N PHE B 395 36.37 16.38 25.05
CA PHE B 395 36.12 16.75 26.44
C PHE B 395 37.17 16.25 27.42
N ASN B 396 38.32 15.78 26.94
CA ASN B 396 39.43 15.53 27.83
C ASN B 396 40.19 16.84 28.07
N PRO B 397 40.93 16.94 29.15
CA PRO B 397 41.67 18.19 29.44
C PRO B 397 42.66 18.50 28.33
N PRO B 398 42.51 19.63 27.66
CA PRO B 398 43.46 19.99 26.59
C PRO B 398 44.80 20.46 27.15
N GLU B 399 45.84 20.23 26.36
CA GLU B 399 47.17 20.70 26.75
C GLU B 399 47.18 22.21 26.92
N GLU B 400 46.57 22.93 26.00
CA GLU B 400 46.42 24.38 26.12
C GLU B 400 45.05 24.76 25.56
N GLY B 401 44.47 25.80 26.15
CA GLY B 401 43.18 26.27 25.65
C GLY B 401 42.67 27.45 26.44
N THR B 402 41.43 27.80 26.13
CA THR B 402 40.69 28.87 26.79
C THR B 402 39.50 28.28 27.53
N ILE B 403 39.15 28.93 28.63
CA ILE B 403 37.99 28.55 29.44
C ILE B 403 36.82 29.39 29.00
N LYS B 404 35.66 28.74 28.90
CA LYS B 404 34.42 29.36 28.43
C LYS B 404 33.33 29.02 29.43
N GLY B 405 32.49 29.99 29.76
CA GLY B 405 31.35 29.71 30.62
C GLY B 405 30.24 29.03 29.85
N THR B 406 29.50 28.16 30.52
CA THR B 406 28.31 27.58 29.93
C THR B 406 27.24 28.65 29.76
N SER B 407 26.33 28.44 28.81
CA SER B 407 25.30 29.43 28.48
C SER B 407 24.07 29.15 29.33
N ALA B 408 23.71 30.09 30.19
CA ALA B 408 22.51 29.94 31.00
C ALA B 408 21.28 30.18 30.15
N GLY B 409 20.20 29.46 30.48
CA GLY B 409 18.98 29.57 29.71
C GLY B 409 19.02 28.92 28.35
N TYR B 410 19.90 27.93 28.17
CA TYR B 410 20.04 27.29 26.86
C TYR B 410 18.72 26.67 26.43
N PHE B 411 18.01 26.04 27.37
CA PHE B 411 16.67 25.52 27.13
C PHE B 411 15.66 26.59 27.52
N HIS B 412 14.97 27.17 26.53
CA HIS B 412 13.86 28.08 26.84
C HIS B 412 12.51 27.37 26.83
N LYS B 413 12.45 26.10 26.42
CA LYS B 413 11.25 25.29 26.52
C LYS B 413 11.66 23.92 27.04
N TRP B 414 10.71 23.20 27.65
CA TRP B 414 11.01 21.93 28.27
C TRP B 414 9.90 20.94 27.96
N ALA B 415 10.14 19.68 28.33
CA ALA B 415 9.15 18.62 28.14
C ALA B 415 9.46 17.50 29.12
N GLU B 416 8.45 16.65 29.33
CA GLU B 416 8.66 15.45 30.14
C GLU B 416 9.40 14.40 29.32
N PHE B 417 10.05 13.48 30.03
CA PHE B 417 10.75 12.38 29.38
C PHE B 417 9.74 11.32 28.96
N GLY B 418 9.96 10.73 27.78
CA GLY B 418 9.16 9.60 27.37
C GLY B 418 9.83 8.29 27.75
N ASN B 419 9.45 7.75 28.92
CA ASN B 419 10.07 6.54 29.45
C ASN B 419 9.21 5.31 29.22
N ARG B 420 8.11 5.46 28.50
CA ARG B 420 7.17 4.39 28.19
C ARG B 420 7.18 4.16 26.68
N LEU B 421 6.45 3.15 26.24
CA LEU B 421 6.41 2.80 24.82
C LEU B 421 5.97 4.01 24.02
N PRO B 422 6.75 4.45 23.02
CA PRO B 422 6.35 5.68 22.30
C PRO B 422 4.99 5.60 21.63
N PHE B 423 4.60 4.46 21.09
CA PHE B 423 3.29 4.37 20.42
C PHE B 423 2.13 4.27 21.40
N ASN B 424 2.38 3.92 22.66
CA ASN B 424 1.35 4.12 23.68
C ASN B 424 1.23 5.62 23.97
N SER B 425 0.18 5.99 24.69
CA SER B 425 -0.03 7.39 25.00
C SER B 425 0.79 7.83 26.22
N GLU B 430 -4.85 10.70 25.41
CA GLU B 430 -5.44 9.76 24.47
C GLU B 430 -6.48 8.89 25.15
N SER B 431 -7.68 8.86 24.58
CA SER B 431 -8.74 7.97 25.05
C SER B 431 -8.59 6.60 24.41
N LYS B 432 -9.35 5.64 24.92
CA LYS B 432 -9.27 4.26 24.48
C LYS B 432 -10.14 3.97 23.27
N GLN B 433 -10.90 4.94 22.79
CA GLN B 433 -11.72 4.73 21.60
C GLN B 433 -10.86 4.75 20.35
N ILE B 434 -10.90 3.67 19.57
CA ILE B 434 -10.20 3.57 18.30
C ILE B 434 -11.12 3.25 17.14
N SER B 435 -12.42 3.15 17.39
CA SER B 435 -13.35 2.77 16.36
C SER B 435 -14.71 3.37 16.66
N ASN B 436 -15.57 3.37 15.64
CA ASN B 436 -16.97 3.74 15.75
C ASN B 436 -17.81 2.51 15.43
N SER B 437 -18.93 2.37 16.13
CA SER B 437 -19.98 1.42 15.81
C SER B 437 -21.14 2.21 15.24
N GLY B 438 -21.48 1.97 13.98
CA GLY B 438 -22.49 2.78 13.32
C GLY B 438 -23.87 2.54 13.89
N VAL B 439 -24.66 3.61 13.93
CA VAL B 439 -26.05 3.55 14.33
C VAL B 439 -26.96 3.92 13.16
N PHE B 440 -26.67 5.03 12.49
CA PHE B 440 -27.51 5.52 11.40
C PHE B 440 -26.95 5.05 10.06
N ALA B 441 -27.85 4.63 9.18
CA ALA B 441 -27.46 4.15 7.85
C ALA B 441 -27.10 5.36 6.99
N VAL B 442 -25.91 5.91 7.27
CA VAL B 442 -25.41 7.08 6.56
C VAL B 442 -24.03 6.72 6.00
N GLN B 443 -23.87 6.91 4.69
CA GLN B 443 -22.59 6.62 4.05
C GLN B 443 -21.48 7.39 4.74
N ARG B 444 -20.42 6.67 5.10
CA ARG B 444 -19.30 7.26 5.81
C ARG B 444 -18.04 6.44 5.53
N PRO B 445 -16.87 7.06 5.54
CA PRO B 445 -15.63 6.28 5.50
C PRO B 445 -15.41 5.53 6.81
N SER B 446 -14.61 4.46 6.72
CA SER B 446 -14.16 3.79 7.92
C SER B 446 -13.29 4.73 8.73
N THR B 447 -13.50 4.74 10.05
CA THR B 447 -12.80 5.65 10.93
C THR B 447 -11.84 4.94 11.87
N THR B 448 -11.67 3.63 11.71
CA THR B 448 -10.86 2.87 12.65
C THR B 448 -9.39 3.25 12.52
N ASN B 449 -8.73 3.40 13.67
CA ASN B 449 -7.32 3.74 13.75
C ASN B 449 -6.50 2.48 13.57
N ILE B 450 -5.87 2.34 12.41
CA ILE B 450 -5.16 1.10 12.08
C ILE B 450 -3.98 0.90 13.01
N GLN B 451 -3.24 1.97 13.30
CA GLN B 451 -2.11 1.85 14.19
C GLN B 451 -2.51 1.23 15.52
N ARG B 452 -3.53 1.81 16.17
CA ARG B 452 -3.94 1.33 17.49
C ARG B 452 -4.60 -0.03 17.42
N LEU B 453 -5.33 -0.33 16.34
CA LEU B 453 -5.87 -1.66 16.20
C LEU B 453 -4.75 -2.70 16.15
N ALA B 454 -3.70 -2.43 15.38
CA ALA B 454 -2.56 -3.36 15.33
C ALA B 454 -1.92 -3.50 16.70
N GLU B 455 -1.75 -2.38 17.43
CA GLU B 455 -1.21 -2.48 18.79
C GLU B 455 -2.11 -3.33 19.69
N LEU B 456 -3.43 -3.16 19.58
CA LEU B 456 -4.34 -3.96 20.38
C LEU B 456 -4.19 -5.44 20.06
N MET B 457 -4.21 -5.79 18.77
CA MET B 457 -4.11 -7.20 18.40
C MET B 457 -2.75 -7.78 18.79
N ALA B 458 -1.71 -6.95 18.82
CA ALA B 458 -0.41 -7.42 19.26
C ALA B 458 -0.46 -7.83 20.73
N ARG B 459 -1.22 -7.09 21.53
CA ARG B 459 -1.33 -7.32 22.97
C ARG B 459 -2.36 -8.36 23.34
N ASN B 460 -3.36 -8.57 22.47
CA ASN B 460 -4.53 -9.37 22.80
C ASN B 460 -4.55 -10.72 22.10
N THR B 461 -4.01 -10.79 20.88
CA THR B 461 -4.12 -12.00 20.07
C THR B 461 -2.78 -12.70 20.00
N GLY B 462 -2.24 -13.14 21.13
CA GLY B 462 -0.97 -13.82 21.16
C GLY B 462 -1.22 -15.32 21.25
N GLU B 463 -0.58 -16.05 20.36
CA GLU B 463 -0.68 -17.51 20.36
C GLU B 463 0.56 -18.09 21.02
N THR B 464 0.35 -19.01 21.95
CA THR B 464 1.47 -19.65 22.64
C THR B 464 1.97 -20.85 21.86
N SER B 465 1.12 -21.41 21.00
CA SER B 465 1.50 -22.51 20.12
C SER B 465 2.29 -22.04 18.91
N ASP B 466 2.50 -20.73 18.74
CA ASP B 466 3.29 -20.25 17.61
C ASP B 466 4.72 -20.76 17.74
N ASN B 467 5.24 -21.32 16.66
CA ASN B 467 6.62 -21.78 16.63
C ASN B 467 7.51 -20.61 16.16
N PHE B 468 8.81 -20.88 16.02
CA PHE B 468 9.73 -19.80 15.67
C PHE B 468 9.39 -19.21 14.31
N THR B 469 9.17 -20.06 13.30
CA THR B 469 8.91 -19.57 11.95
C THR B 469 7.66 -18.72 11.93
N GLN B 470 6.64 -19.13 12.67
CA GLN B 470 5.40 -18.35 12.72
C GLN B 470 5.62 -17.02 13.44
N LEU B 471 6.37 -17.01 14.53
CA LEU B 471 6.61 -15.75 15.22
C LEU B 471 7.41 -14.79 14.36
N VAL B 472 8.41 -15.31 13.64
CA VAL B 472 9.19 -14.48 12.73
C VAL B 472 8.27 -13.85 11.68
N GLN B 473 7.40 -14.66 11.10
CA GLN B 473 6.50 -14.13 10.07
C GLN B 473 5.60 -13.03 10.65
N LYS B 474 5.07 -13.24 11.86
CA LYS B 474 4.21 -12.20 12.43
C LYS B 474 5.02 -10.94 12.76
N ILE B 475 6.32 -11.08 13.06
CA ILE B 475 7.15 -9.91 13.28
C ILE B 475 7.33 -9.12 11.99
N ARG B 476 7.58 -9.81 10.87
CA ARG B 476 7.66 -9.13 9.59
C ARG B 476 6.36 -8.42 9.24
N GLU B 477 5.22 -9.08 9.45
CA GLU B 477 3.93 -8.44 9.15
C GLU B 477 3.66 -7.29 10.12
N GLN B 478 4.06 -7.43 11.39
CA GLN B 478 3.89 -6.32 12.33
C GLN B 478 4.71 -5.12 11.89
N VAL B 479 5.95 -5.36 11.44
CA VAL B 479 6.74 -4.28 10.84
C VAL B 479 6.03 -3.74 9.61
N GLY B 480 5.52 -4.64 8.76
CA GLY B 480 4.86 -4.21 7.53
C GLY B 480 3.64 -3.34 7.79
N THR B 481 2.84 -3.69 8.79
CA THR B 481 1.63 -2.93 9.05
C THR B 481 1.93 -1.50 9.46
N PHE B 482 2.95 -1.28 10.30
CA PHE B 482 3.33 0.07 10.68
C PHE B 482 4.04 0.80 9.55
N ALA B 483 4.79 0.06 8.72
CA ALA B 483 5.38 0.69 7.55
C ALA B 483 4.31 1.18 6.58
N ASP B 484 3.25 0.39 6.37
CA ASP B 484 2.19 0.83 5.46
C ASP B 484 1.48 2.08 5.98
N GLN B 485 1.46 2.28 7.30
CA GLN B 485 0.78 3.41 7.93
C GLN B 485 1.73 4.52 8.34
N LYS B 486 2.99 4.50 7.87
CA LYS B 486 3.98 5.41 8.45
C LYS B 486 3.50 6.85 8.41
N ALA B 487 2.89 7.27 7.31
CA ALA B 487 2.47 8.65 7.17
C ALA B 487 1.53 9.06 8.30
N ASN B 488 0.76 8.11 8.84
CA ASN B 488 -0.20 8.41 9.89
C ASN B 488 0.32 8.04 11.27
N LEU B 489 1.49 7.41 11.34
CA LEU B 489 2.05 7.01 12.62
C LEU B 489 2.35 8.23 13.49
N ARG B 490 1.95 8.17 14.75
CA ARG B 490 2.24 9.20 15.72
C ARG B 490 2.88 8.55 16.94
N GLU B 491 3.96 9.14 17.42
CA GLU B 491 4.64 8.71 18.63
C GLU B 491 4.43 9.74 19.73
N PHE B 492 4.32 9.27 20.97
CA PHE B 492 4.13 10.13 22.13
C PHE B 492 2.89 11.01 21.97
N THR B 493 1.78 10.39 21.55
CA THR B 493 0.53 11.11 21.44
C THR B 493 0.17 11.76 22.77
N GLY B 494 -0.18 13.04 22.73
CA GLY B 494 -0.49 13.79 23.93
C GLY B 494 0.67 14.53 24.57
N GLY B 495 1.87 14.40 24.03
CA GLY B 495 3.05 15.06 24.58
C GLY B 495 3.35 16.35 23.87
N TYR B 496 3.63 17.39 24.66
CA TYR B 496 3.88 18.73 24.15
C TYR B 496 5.11 19.31 24.86
N ILE B 497 5.66 20.37 24.28
CA ILE B 497 6.71 21.15 24.92
C ILE B 497 6.06 22.33 25.61
N TYR B 498 6.67 22.77 26.71
CA TYR B 498 6.13 23.84 27.52
C TYR B 498 7.19 24.89 27.79
N ASP B 499 6.75 26.13 27.97
CA ASP B 499 7.65 27.21 28.31
C ASP B 499 8.32 26.93 29.65
N ILE B 500 9.56 27.44 29.81
CA ILE B 500 10.33 27.14 31.00
C ILE B 500 9.62 27.64 32.25
N THR B 501 8.83 28.70 32.14
CA THR B 501 8.05 29.19 33.27
C THR B 501 6.76 28.41 33.47
N ASP B 502 6.25 27.75 32.43
CA ASP B 502 4.98 27.03 32.53
C ASP B 502 5.23 25.73 33.30
N VAL B 503 5.35 25.87 34.61
CA VAL B 503 5.49 24.71 35.49
C VAL B 503 4.14 24.04 35.68
N THR B 504 3.05 24.72 35.34
CA THR B 504 1.71 24.16 35.43
C THR B 504 1.37 23.27 34.24
N LYS B 505 2.16 23.33 33.16
CA LYS B 505 1.79 22.66 31.91
C LYS B 505 0.43 23.14 31.40
N SER B 506 0.15 24.43 31.63
CA SER B 506 -1.15 24.98 31.30
C SER B 506 -1.29 25.28 29.82
N ASN B 507 -0.16 25.57 29.14
CA ASN B 507 -0.13 26.00 27.75
C ASN B 507 0.73 25.09 26.87
N PRO B 508 0.14 24.03 26.29
CA PRO B 508 0.94 23.15 25.44
C PRO B 508 1.30 23.78 24.11
N LYS B 509 2.50 23.43 23.61
CA LYS B 509 3.01 23.88 22.32
C LYS B 509 3.48 22.65 21.56
N ILE B 510 3.39 22.71 20.24
CA ILE B 510 3.78 21.63 19.34
C ILE B 510 4.99 22.06 18.55
N PRO B 511 6.06 21.27 18.49
CA PRO B 511 7.22 21.65 17.69
C PRO B 511 6.86 21.74 16.20
N GLN B 512 7.44 22.73 15.52
CA GLN B 512 7.25 22.90 14.09
C GLN B 512 8.26 22.02 13.38
N LEU B 513 7.84 20.82 12.99
CA LEU B 513 8.73 19.84 12.39
C LEU B 513 8.66 19.84 10.86
N GLY B 514 9.59 19.11 10.26
CA GLY B 514 9.71 18.98 8.82
C GLY B 514 11.18 18.89 8.47
N GLY B 515 11.48 18.15 7.41
CA GLY B 515 12.86 17.95 7.04
C GLY B 515 13.54 16.83 7.83
N ASP B 516 14.85 16.74 7.62
CA ASP B 516 15.65 15.70 8.24
C ASP B 516 15.73 15.89 9.76
N SER B 517 15.44 14.81 10.49
CA SER B 517 15.46 14.81 11.95
C SER B 517 16.64 14.04 12.51
N PHE B 518 17.58 13.64 11.66
CA PHE B 518 18.70 12.81 12.08
C PHE B 518 19.90 13.68 12.43
N PHE B 519 20.38 13.54 13.67
CA PHE B 519 21.51 14.35 14.13
C PHE B 519 22.77 14.00 13.35
N PHE B 520 22.92 12.75 12.93
CA PHE B 520 24.14 12.26 12.27
C PHE B 520 24.01 12.24 10.75
N GLU B 521 23.27 13.19 10.18
CA GLU B 521 23.19 13.31 8.73
C GLU B 521 24.43 14.01 8.18
N PHE B 522 24.94 13.50 7.06
CA PHE B 522 25.98 14.20 6.32
C PHE B 522 25.37 15.36 5.55
N THR B 523 26.03 16.51 5.62
CA THR B 523 25.55 17.73 4.99
C THR B 523 26.68 18.39 4.20
N GLY B 524 26.30 19.34 3.35
CA GLY B 524 27.27 20.15 2.63
C GLY B 524 27.96 21.18 3.49
N SER B 525 27.36 21.54 4.63
CA SER B 525 27.94 22.48 5.57
C SER B 525 28.80 21.80 6.65
N ASP B 526 29.23 20.56 6.39
CA ASP B 526 30.01 19.82 7.38
C ASP B 526 31.46 20.30 7.42
N VAL B 527 32.17 19.86 8.46
CA VAL B 527 33.56 20.24 8.70
C VAL B 527 34.52 19.32 7.97
N PRO B 528 35.58 19.86 7.35
CA PRO B 528 36.56 19.03 6.64
C PRO B 528 37.14 17.88 7.46
N THR C 27 -48.44 -3.98 6.72
CA THR C 27 -48.76 -2.56 6.58
C THR C 27 -48.10 -1.74 7.67
N PRO C 28 -47.43 -0.64 7.31
CA PRO C 28 -46.80 0.19 8.34
C PRO C 28 -47.79 0.63 9.41
N GLU C 29 -49.03 0.98 9.02
CA GLU C 29 -50.00 1.44 10.00
C GLU C 29 -50.36 0.31 10.96
N GLU C 30 -50.41 -0.93 10.46
CA GLU C 30 -50.67 -2.06 11.35
C GLU C 30 -49.64 -2.11 12.48
N GLN C 31 -48.36 -1.91 12.15
CA GLN C 31 -47.33 -1.99 13.17
C GLN C 31 -47.38 -0.80 14.10
N ARG C 32 -47.71 0.39 13.59
CA ARG C 32 -47.83 1.54 14.48
C ARG C 32 -48.98 1.35 15.46
N ALA C 33 -50.09 0.76 15.00
CA ALA C 33 -51.19 0.48 15.92
C ALA C 33 -50.75 -0.49 17.01
N LYS C 34 -49.98 -1.51 16.64
CA LYS C 34 -49.46 -2.44 17.65
C LYS C 34 -48.56 -1.71 18.64
N ASN C 35 -47.68 -0.84 18.13
CA ASN C 35 -46.80 -0.08 19.00
C ASN C 35 -47.59 0.85 19.92
N ALA C 36 -48.60 1.53 19.38
CA ALA C 36 -49.40 2.45 20.18
C ALA C 36 -50.02 1.71 21.35
N LYS C 37 -50.48 0.48 21.12
CA LYS C 37 -51.04 -0.32 22.21
C LYS C 37 -50.02 -0.55 23.31
N THR C 38 -48.80 -0.93 22.93
CA THR C 38 -47.74 -1.14 23.91
C THR C 38 -47.37 0.17 24.59
N ILE C 39 -47.26 1.26 23.81
CA ILE C 39 -46.90 2.56 24.38
C ILE C 39 -47.99 3.03 25.35
N LEU C 40 -49.26 2.90 24.96
CA LEU C 40 -50.34 3.31 25.85
C LEU C 40 -50.32 2.52 27.15
N GLU C 41 -50.01 1.23 27.09
CA GLU C 41 -49.87 0.46 28.30
C GLU C 41 -48.75 0.99 29.17
N ASN C 42 -47.61 1.34 28.58
CA ASN C 42 -46.49 1.85 29.37
C ASN C 42 -46.81 3.21 29.98
N ILE C 43 -47.50 4.08 29.24
CA ILE C 43 -47.89 5.37 29.79
C ILE C 43 -48.84 5.18 30.97
N GLN C 44 -49.80 4.25 30.83
CA GLN C 44 -50.69 3.96 31.94
C GLN C 44 -49.92 3.50 33.17
N ILE C 45 -49.04 2.51 32.99
CA ILE C 45 -48.24 2.01 34.10
C ILE C 45 -47.46 3.16 34.74
N TYR C 46 -46.81 3.97 33.91
CA TYR C 46 -45.99 5.05 34.44
C TYR C 46 -46.82 6.03 35.27
N GLU C 47 -47.94 6.49 34.71
CA GLU C 47 -48.75 7.49 35.41
C GLU C 47 -49.31 6.92 36.71
N ARG C 48 -49.78 5.67 36.69
CA ARG C 48 -50.34 5.06 37.90
C ARG C 48 -49.25 4.80 38.94
N MET C 49 -48.07 4.33 38.51
CA MET C 49 -46.97 4.15 39.44
C MET C 49 -46.55 5.49 40.05
N CYS C 50 -46.48 6.54 39.23
CA CYS C 50 -46.14 7.86 39.76
C CYS C 50 -47.16 8.27 40.82
N ASP C 51 -48.45 8.06 40.54
CA ASP C 51 -49.46 8.34 41.55
C ASP C 51 -49.20 7.53 42.81
N LEU C 52 -48.88 6.25 42.66
CA LEU C 52 -48.69 5.39 43.83
C LEU C 52 -47.53 5.87 44.69
N PHE C 53 -46.54 6.53 44.09
CA PHE C 53 -45.37 7.05 44.81
C PHE C 53 -45.46 8.55 45.05
N GLY C 54 -46.63 9.15 44.83
CA GLY C 54 -46.86 10.54 45.18
C GLY C 54 -46.19 11.57 44.30
N VAL C 55 -46.04 11.29 43.02
CA VAL C 55 -45.46 12.25 42.09
C VAL C 55 -46.59 13.08 41.52
N SER C 56 -46.45 14.41 41.61
CA SER C 56 -47.48 15.29 41.07
C SER C 56 -47.59 15.12 39.56
N GLU C 57 -48.72 15.54 39.01
CA GLU C 57 -48.93 15.38 37.57
C GLU C 57 -47.84 16.07 36.77
N ASP C 58 -47.47 17.29 37.17
CA ASP C 58 -46.42 18.03 36.47
C ASP C 58 -45.08 17.29 36.56
N ASP C 59 -44.76 16.70 37.70
CA ASP C 59 -43.45 16.09 37.88
C ASP C 59 -43.33 14.73 37.21
N LYS C 60 -44.43 14.18 36.69
CA LYS C 60 -44.34 12.95 35.91
C LYS C 60 -43.55 13.14 34.63
N LEU C 61 -43.49 14.38 34.14
CA LEU C 61 -42.78 14.68 32.90
C LEU C 61 -41.29 14.88 33.10
N ILE C 62 -40.79 14.78 34.32
CA ILE C 62 -39.36 14.88 34.61
C ILE C 62 -38.70 13.54 34.30
N ILE C 63 -37.68 13.57 33.43
CA ILE C 63 -37.08 12.33 32.93
C ILE C 63 -36.46 11.54 34.07
N GLU C 64 -35.87 12.23 35.05
CA GLU C 64 -35.28 11.53 36.17
C GLU C 64 -36.30 10.61 36.85
N ASN C 65 -37.56 11.05 36.95
CA ASN C 65 -38.57 10.22 37.59
C ASN C 65 -38.89 8.99 36.76
N SER C 66 -38.89 9.13 35.43
CA SER C 66 -39.11 7.98 34.58
C SER C 66 -37.98 6.98 34.72
N ILE C 67 -36.73 7.44 34.76
CA ILE C 67 -35.60 6.54 34.94
C ILE C 67 -35.74 5.79 36.25
N SER C 68 -36.14 6.49 37.32
CA SER C 68 -36.23 5.88 38.63
C SER C 68 -37.44 4.95 38.73
N ILE C 69 -38.58 5.35 38.17
CA ILE C 69 -39.75 4.48 38.20
C ILE C 69 -39.49 3.20 37.41
N GLU C 70 -38.93 3.33 36.20
CA GLU C 70 -38.63 2.14 35.40
C GLU C 70 -37.63 1.24 36.11
N ARG C 71 -36.62 1.83 36.76
CA ARG C 71 -35.69 1.01 37.53
C ARG C 71 -36.42 0.22 38.62
N MET C 72 -37.36 0.88 39.31
CA MET C 72 -38.06 0.22 40.41
C MET C 72 -38.91 -0.95 39.91
N ILE C 73 -39.56 -0.79 38.76
CA ILE C 73 -40.36 -1.88 38.21
C ILE C 73 -39.47 -3.08 37.89
N ARG C 74 -38.31 -2.84 37.29
CA ARG C 74 -37.39 -3.93 36.97
C ARG C 74 -36.92 -4.64 38.24
N VAL C 75 -36.64 -3.88 39.30
CA VAL C 75 -36.20 -4.49 40.55
C VAL C 75 -37.33 -5.29 41.19
N VAL C 76 -38.55 -4.74 41.20
CA VAL C 76 -39.66 -5.43 41.84
C VAL C 76 -40.08 -6.67 41.07
N THR C 77 -40.07 -6.60 39.74
CA THR C 77 -40.55 -7.72 38.92
C THR C 77 -39.51 -8.79 38.67
N ASP C 78 -38.32 -8.69 39.26
CA ASP C 78 -37.30 -9.73 39.13
C ASP C 78 -37.60 -10.84 40.12
N LYS C 79 -37.92 -12.03 39.61
CA LYS C 79 -38.37 -13.12 40.47
C LYS C 79 -37.23 -13.62 41.36
N LYS C 101 -43.29 -1.35 50.93
CA LYS C 101 -42.04 -2.06 51.17
C LYS C 101 -41.03 -1.72 50.07
N VAL C 102 -41.40 -0.78 49.20
CA VAL C 102 -40.59 -0.41 48.04
C VAL C 102 -40.31 1.08 48.12
N PHE C 103 -39.01 1.43 48.08
CA PHE C 103 -38.56 2.81 48.15
C PHE C 103 -38.00 3.22 46.79
N CYS C 104 -38.25 4.47 46.41
CA CYS C 104 -37.88 4.96 45.10
C CYS C 104 -37.40 6.41 45.22
N ARG C 105 -36.21 6.69 44.69
CA ARG C 105 -35.67 8.03 44.67
C ARG C 105 -36.29 8.83 43.54
N LEU C 106 -36.81 10.02 43.87
CA LEU C 106 -37.63 10.76 42.92
C LEU C 106 -37.37 12.26 43.04
N VAL C 107 -37.78 12.97 42.00
CA VAL C 107 -37.66 14.42 41.94
C VAL C 107 -39.02 15.03 42.20
N GLU C 108 -39.06 16.05 43.05
CA GLU C 108 -40.26 16.83 43.29
C GLU C 108 -39.92 18.29 43.00
N SER C 109 -40.86 19.00 42.40
CA SER C 109 -40.71 20.42 42.15
C SER C 109 -41.28 21.13 43.36
N THR C 110 -40.52 22.08 43.91
CA THR C 110 -40.94 22.81 45.10
C THR C 110 -40.28 24.18 45.16
N ALA C 111 -41.07 25.18 45.53
CA ALA C 111 -40.63 26.55 45.62
C ALA C 111 -39.90 26.99 44.37
N GLY C 112 -40.38 26.52 43.22
CA GLY C 112 -39.84 26.89 41.93
C GLY C 112 -38.56 26.19 41.56
N LYS C 113 -38.06 25.32 42.43
CA LYS C 113 -36.84 24.55 42.26
C LYS C 113 -37.20 23.07 42.31
N CYS C 114 -36.19 22.23 42.44
CA CYS C 114 -36.43 20.80 42.53
C CYS C 114 -35.61 20.26 43.69
N SER C 115 -36.08 19.14 44.24
CA SER C 115 -35.47 18.51 45.39
C SER C 115 -35.73 17.02 45.32
N ALA C 116 -34.83 16.24 45.92
CA ALA C 116 -34.99 14.81 45.94
C ALA C 116 -35.89 14.41 47.11
N ARG C 117 -36.74 13.42 46.86
CA ARG C 117 -37.61 12.84 47.87
C ARG C 117 -37.60 11.34 47.67
N LEU C 118 -37.86 10.60 48.74
CA LEU C 118 -37.87 9.15 48.70
C LEU C 118 -39.33 8.70 48.76
N GLY C 119 -39.84 8.22 47.64
CA GLY C 119 -41.19 7.69 47.63
C GLY C 119 -41.24 6.26 48.12
N MET C 120 -42.36 5.93 48.75
CA MET C 120 -42.56 4.64 49.40
C MET C 120 -43.92 4.11 49.04
N ALA C 121 -43.97 2.82 48.70
CA ALA C 121 -45.20 2.14 48.38
C ALA C 121 -45.16 0.72 48.90
N LEU C 122 -46.34 0.13 49.04
CA LEU C 122 -46.44 -1.28 49.40
C LEU C 122 -46.08 -2.11 48.17
N LYS C 123 -45.24 -3.13 48.36
CA LYS C 123 -44.86 -3.96 47.23
C LYS C 123 -46.09 -4.58 46.58
N PRO C 124 -47.09 -5.08 47.31
CA PRO C 124 -48.32 -5.56 46.65
C PRO C 124 -49.03 -4.50 45.81
N ASN C 125 -49.03 -3.24 46.24
CA ASN C 125 -49.69 -2.21 45.43
C ASN C 125 -48.95 -2.00 44.11
N VAL C 126 -47.62 -2.05 44.13
CA VAL C 126 -46.88 -1.93 42.86
C VAL C 126 -47.29 -3.06 41.92
N GLU C 127 -47.31 -4.29 42.44
CA GLU C 127 -47.74 -5.41 41.62
C GLU C 127 -49.19 -5.25 41.19
N ALA C 128 -50.04 -4.72 42.09
CA ALA C 128 -51.46 -4.54 41.76
C ALA C 128 -51.65 -3.56 40.62
N VAL C 129 -50.86 -2.48 40.59
CA VAL C 129 -50.98 -1.53 39.48
C VAL C 129 -50.65 -2.23 38.16
N LEU C 130 -49.60 -3.05 38.16
CA LEU C 130 -49.22 -3.79 36.96
C LEU C 130 -50.32 -4.76 36.53
N THR C 131 -50.92 -5.45 37.50
CA THR C 131 -52.01 -6.38 37.20
C THR C 131 -53.21 -5.66 36.61
N ASP C 132 -53.57 -4.51 37.17
CA ASP C 132 -54.73 -3.78 36.67
C ASP C 132 -54.53 -3.33 35.22
N VAL C 133 -53.32 -2.85 34.89
CA VAL C 133 -53.06 -2.41 33.53
C VAL C 133 -52.89 -3.60 32.61
N LEU C 134 -52.16 -4.62 33.05
CA LEU C 134 -51.81 -5.73 32.18
C LEU C 134 -52.76 -6.92 32.38
N ALA C 142 -43.22 -12.43 29.65
CA ALA C 142 -42.65 -12.52 28.30
C ALA C 142 -42.80 -11.19 27.57
N VAL C 143 -44.05 -10.76 27.40
CA VAL C 143 -44.30 -9.42 26.87
C VAL C 143 -43.84 -8.38 27.89
N LEU C 144 -44.05 -8.66 29.18
CA LEU C 144 -43.50 -7.80 30.21
C LEU C 144 -41.98 -7.78 30.14
N GLY C 145 -41.37 -8.93 29.83
CA GLY C 145 -39.93 -8.96 29.71
C GLY C 145 -39.44 -8.04 28.63
N LYS C 146 -40.10 -8.07 27.48
CA LYS C 146 -39.70 -7.21 26.36
C LYS C 146 -39.85 -5.72 26.71
N ARG C 147 -40.97 -5.34 27.30
CA ARG C 147 -41.16 -3.92 27.62
C ARG C 147 -40.14 -3.45 28.65
N MET C 148 -39.87 -4.29 29.67
CA MET C 148 -38.81 -3.96 30.62
C MET C 148 -37.42 -4.14 30.00
N GLY C 149 -37.27 -5.07 29.06
CA GLY C 149 -36.02 -5.17 28.33
C GLY C 149 -35.68 -3.87 27.63
N PHE C 150 -36.68 -3.20 27.08
CA PHE C 150 -36.44 -1.92 26.43
C PHE C 150 -36.07 -0.84 27.44
N THR C 151 -36.72 -0.82 28.60
CA THR C 151 -36.35 0.18 29.61
C THR C 151 -34.90 -0.01 30.03
N ALA C 152 -34.49 -1.27 30.23
CA ALA C 152 -33.09 -1.54 30.55
C ALA C 152 -32.17 -1.10 29.42
N MET C 153 -32.61 -1.22 28.17
CA MET C 153 -31.75 -0.85 27.06
C MET C 153 -31.53 0.65 27.03
N PHE C 154 -32.58 1.44 27.27
CA PHE C 154 -32.38 2.88 27.37
C PHE C 154 -31.40 3.21 28.48
N LYS C 155 -31.54 2.57 29.65
CA LYS C 155 -30.64 2.81 30.76
C LYS C 155 -29.20 2.45 30.38
N SER C 156 -29.02 1.32 29.69
CA SER C 156 -27.69 0.98 29.19
C SER C 156 -27.15 2.04 28.23
N ASN C 157 -27.99 2.51 27.31
CA ASN C 157 -27.54 3.48 26.33
C ASN C 157 -27.25 4.84 26.97
N LEU C 158 -27.94 5.18 28.05
CA LEU C 158 -27.58 6.39 28.78
C LEU C 158 -26.23 6.23 29.47
N GLU C 159 -26.01 5.08 30.12
CA GLU C 159 -24.74 4.85 30.80
C GLU C 159 -23.57 4.74 29.82
N GLU C 160 -23.82 4.27 28.60
CA GLU C 160 -22.75 4.25 27.60
C GLU C 160 -22.27 5.66 27.29
N VAL C 161 -23.18 6.61 27.19
CA VAL C 161 -22.77 8.00 26.97
C VAL C 161 -22.02 8.52 28.19
N LEU C 162 -22.51 8.23 29.40
CA LEU C 162 -21.95 8.85 30.59
C LEU C 162 -20.60 8.26 30.96
N TYR C 163 -20.47 6.93 30.91
CA TYR C 163 -19.26 6.22 31.31
C TYR C 163 -18.76 5.34 30.19
N GLN C 164 -17.43 5.25 30.05
CA GLN C 164 -16.87 4.41 29.00
C GLN C 164 -17.05 2.93 29.33
N ARG C 165 -16.92 2.56 30.60
CA ARG C 165 -17.11 1.17 31.03
C ARG C 165 -18.30 0.51 30.33
N LYS C 172 -13.52 -4.71 31.71
CA LYS C 172 -13.50 -5.84 32.63
C LYS C 172 -12.72 -7.02 32.05
N ARG C 173 -13.41 -7.94 31.39
CA ARG C 173 -12.73 -9.09 30.79
C ARG C 173 -12.26 -8.82 29.37
N ASN C 174 -12.77 -7.77 28.73
CA ASN C 174 -12.37 -7.39 27.38
C ASN C 174 -11.40 -6.21 27.46
N ALA C 175 -10.57 -6.08 26.44
CA ALA C 175 -9.64 -4.97 26.37
C ALA C 175 -10.39 -3.64 26.30
N ALA C 176 -9.80 -2.62 26.95
CA ALA C 176 -10.49 -1.36 27.07
C ALA C 176 -10.87 -0.79 25.70
N GLU C 177 -10.04 -1.00 24.70
CA GLU C 177 -10.25 -0.38 23.39
C GLU C 177 -11.42 -0.99 22.62
N THR C 178 -11.94 -2.13 23.08
CA THR C 178 -13.08 -2.77 22.43
C THR C 178 -14.41 -2.29 22.99
N PHE C 179 -14.41 -1.24 23.82
CA PHE C 179 -15.63 -0.85 24.52
C PHE C 179 -16.70 -0.31 23.58
N THR C 180 -16.33 0.20 22.41
CA THR C 180 -17.33 0.65 21.44
C THR C 180 -18.09 -0.49 20.78
N LEU C 181 -17.76 -1.74 21.09
CA LEU C 181 -18.52 -2.90 20.61
C LEU C 181 -19.39 -3.51 21.70
N SER C 182 -19.64 -2.76 22.78
CA SER C 182 -20.29 -3.29 23.98
C SER C 182 -21.67 -2.70 24.16
N GLN C 183 -22.42 -2.56 23.06
CA GLN C 183 -23.81 -2.15 23.14
C GLN C 183 -24.58 -3.09 24.05
N GLY C 184 -25.42 -2.51 24.90
CA GLY C 184 -26.23 -3.30 25.82
C GLY C 184 -25.48 -3.88 27.00
N ALA C 185 -24.28 -3.36 27.30
CA ALA C 185 -23.46 -3.95 28.34
C ALA C 185 -24.08 -3.85 29.72
N SER C 186 -24.90 -2.82 29.96
CA SER C 186 -25.52 -2.66 31.27
C SER C 186 -26.67 -3.62 31.52
N LEU C 187 -27.17 -4.30 30.48
CA LEU C 187 -28.33 -5.15 30.67
C LEU C 187 -28.03 -6.26 31.66
N GLU C 188 -28.94 -6.43 32.62
CA GLU C 188 -28.89 -7.59 33.51
C GLU C 188 -29.15 -8.86 32.69
N ALA C 189 -28.67 -9.98 33.21
CA ALA C 189 -28.69 -11.23 32.44
C ALA C 189 -30.07 -11.56 31.91
N ARG C 190 -31.11 -11.30 32.68
CA ARG C 190 -32.45 -11.71 32.28
C ARG C 190 -32.92 -11.02 31.00
N PHE C 191 -32.40 -9.84 30.71
CA PHE C 191 -32.84 -9.08 29.54
C PHE C 191 -31.99 -9.36 28.31
N ARG C 192 -30.86 -10.06 28.46
CA ARG C 192 -29.96 -10.22 27.32
C ARG C 192 -30.56 -11.08 26.23
N PRO C 193 -31.11 -12.26 26.52
CA PRO C 193 -31.73 -13.04 25.43
C PRO C 193 -32.84 -12.28 24.71
N ILE C 194 -33.64 -11.52 25.46
CA ILE C 194 -34.77 -10.83 24.84
C ILE C 194 -34.29 -9.73 23.91
N MET C 195 -33.23 -9.03 24.30
CA MET C 195 -32.66 -7.93 23.54
C MET C 195 -31.44 -8.36 22.72
N GLU C 196 -31.34 -9.65 22.40
CA GLU C 196 -30.13 -10.21 21.80
C GLU C 196 -29.69 -9.40 20.59
N LYS C 197 -30.62 -9.06 19.71
CA LYS C 197 -30.24 -8.38 18.48
C LYS C 197 -29.63 -7.00 18.75
N HIS C 198 -29.94 -6.39 19.89
CA HIS C 198 -29.38 -5.08 20.21
C HIS C 198 -27.99 -5.16 20.82
N LEU C 199 -27.56 -6.33 21.26
CA LEU C 199 -26.28 -6.45 21.96
C LEU C 199 -25.12 -6.39 20.97
N GLY C 200 -24.04 -5.75 21.40
CA GLY C 200 -22.83 -5.73 20.62
C GLY C 200 -22.00 -7.01 20.76
N VAL C 201 -21.02 -7.12 19.85
CA VAL C 201 -20.13 -8.28 19.85
C VAL C 201 -19.38 -8.37 21.17
N GLY C 202 -18.89 -7.23 21.68
CA GLY C 202 -18.17 -7.24 22.94
C GLY C 202 -19.02 -7.70 24.10
N THR C 203 -20.30 -7.32 24.11
CA THR C 203 -21.19 -7.72 25.19
C THR C 203 -21.41 -9.23 25.20
N VAL C 204 -21.65 -9.82 24.03
CA VAL C 204 -21.80 -11.27 23.97
C VAL C 204 -20.49 -11.97 24.34
N VAL C 205 -19.37 -11.44 23.86
CA VAL C 205 -18.08 -12.06 24.18
C VAL C 205 -17.82 -12.03 25.68
N ALA C 206 -18.17 -10.91 26.33
CA ALA C 206 -18.02 -10.84 27.79
C ALA C 206 -18.90 -11.88 28.49
N SER C 207 -20.14 -12.06 28.03
CA SER C 207 -21.01 -13.08 28.61
C SER C 207 -20.42 -14.47 28.43
N ILE C 208 -19.87 -14.75 27.25
CA ILE C 208 -19.21 -16.03 27.01
C ILE C 208 -18.04 -16.20 27.95
N LYS C 209 -17.25 -15.13 28.11
CA LYS C 209 -16.11 -15.19 29.03
C LYS C 209 -16.58 -15.42 30.46
N ASN C 210 -17.69 -14.80 30.84
CA ASN C 210 -18.23 -15.04 32.18
C ASN C 210 -18.61 -16.51 32.36
N ILE C 211 -19.27 -17.10 31.38
CA ILE C 211 -19.64 -18.51 31.47
C ILE C 211 -18.38 -19.36 31.63
N LEU C 212 -17.38 -19.11 30.77
CA LEU C 212 -16.15 -19.89 30.84
C LEU C 212 -15.48 -19.73 32.20
N ALA C 213 -15.45 -18.50 32.73
CA ALA C 213 -14.88 -18.28 34.04
C ALA C 213 -15.69 -18.97 35.13
N SER C 214 -17.02 -19.06 34.95
CA SER C 214 -17.86 -19.74 35.92
C SER C 214 -17.67 -21.25 35.87
N LYS C 215 -17.40 -21.80 34.69
CA LYS C 215 -17.13 -23.23 34.58
C LYS C 215 -15.86 -23.61 35.33
N LYS C 216 -14.85 -22.75 35.29
CA LYS C 216 -13.54 -23.05 35.84
C LYS C 216 -13.41 -22.70 37.32
N ASN C 217 -14.53 -22.57 38.04
CA ASN C 217 -14.47 -22.42 39.50
C ASN C 217 -15.68 -23.09 40.14
N GLU C 233 -29.27 -30.35 28.75
CA GLU C 233 -29.98 -29.44 27.86
C GLU C 233 -29.42 -29.47 26.44
N SER C 234 -30.31 -29.51 25.46
CA SER C 234 -29.88 -29.50 24.08
C SER C 234 -29.17 -28.19 23.72
N TRP C 235 -29.60 -27.07 24.30
CA TRP C 235 -29.00 -25.75 24.03
C TRP C 235 -28.54 -25.16 25.35
N SER C 236 -27.24 -25.27 25.63
CA SER C 236 -26.63 -24.63 26.79
C SER C 236 -26.52 -23.12 26.62
N PRO C 237 -26.42 -22.39 27.73
CA PRO C 237 -26.25 -20.92 27.62
C PRO C 237 -25.06 -20.54 26.76
N LEU C 238 -23.94 -21.24 26.91
CA LEU C 238 -22.77 -20.97 26.09
C LEU C 238 -23.08 -21.18 24.61
N GLU C 239 -23.76 -22.28 24.29
CA GLU C 239 -24.12 -22.56 22.90
C GLU C 239 -25.06 -21.50 22.36
N ARG C 240 -26.02 -21.06 23.18
CA ARG C 240 -26.89 -19.97 22.77
C ARG C 240 -26.09 -18.70 22.50
N GLU C 241 -25.15 -18.37 23.40
CA GLU C 241 -24.37 -17.15 23.22
C GLU C 241 -23.51 -17.22 21.95
N ILE C 242 -22.91 -18.39 21.68
CA ILE C 242 -22.13 -18.56 20.46
C ILE C 242 -23.01 -18.36 19.22
N SER C 243 -24.21 -18.94 19.23
CA SER C 243 -25.11 -18.72 18.11
C SER C 243 -25.41 -17.23 17.93
N PHE C 244 -25.55 -16.50 19.04
CA PHE C 244 -25.77 -15.06 18.95
C PHE C 244 -24.58 -14.36 18.31
N LEU C 245 -23.35 -14.71 18.73
CA LEU C 245 -22.17 -14.07 18.18
C LEU C 245 -22.02 -14.35 16.69
N ASN C 246 -22.25 -15.59 16.28
CA ASN C 246 -22.11 -15.96 14.89
C ASN C 246 -22.98 -15.11 13.98
N LYS C 247 -24.20 -14.81 14.41
CA LYS C 247 -25.09 -14.01 13.57
C LYS C 247 -24.56 -12.59 13.42
N LYS C 248 -23.89 -12.06 14.45
CA LYS C 248 -23.47 -10.67 14.39
C LYS C 248 -22.20 -10.49 13.59
N LEU C 249 -21.31 -11.49 13.60
CA LEU C 249 -19.97 -11.30 13.09
C LEU C 249 -19.94 -11.11 11.57
N PHE C 250 -18.96 -10.33 11.12
CA PHE C 250 -18.71 -10.17 9.70
C PHE C 250 -18.46 -11.53 9.08
N PRO C 251 -19.02 -11.81 7.90
CA PRO C 251 -18.90 -13.14 7.33
C PRO C 251 -17.46 -13.50 6.98
N GLY C 252 -17.17 -14.79 7.04
CA GLY C 252 -15.87 -15.28 6.67
C GLY C 252 -15.31 -16.23 7.71
N PRO C 253 -13.98 -16.21 7.87
CA PRO C 253 -13.35 -17.18 8.79
C PRO C 253 -13.81 -17.02 10.24
N MET C 254 -14.27 -15.83 10.64
CA MET C 254 -14.78 -15.68 12.01
C MET C 254 -16.00 -16.55 12.25
N ARG C 255 -16.89 -16.65 11.27
CA ARG C 255 -18.05 -17.52 11.40
C ARG C 255 -17.64 -18.99 11.40
N GLN C 256 -16.64 -19.37 10.61
CA GLN C 256 -16.15 -20.74 10.68
C GLN C 256 -15.58 -21.06 12.06
N LEU C 257 -14.87 -20.09 12.66
CA LEU C 257 -14.25 -20.31 13.96
C LEU C 257 -15.29 -20.52 15.06
N CYS C 258 -16.42 -19.84 14.96
CA CYS C 258 -17.51 -20.07 15.90
C CYS C 258 -17.94 -21.53 15.91
N LYS C 259 -17.96 -22.15 14.73
CA LYS C 259 -18.44 -23.54 14.61
C LYS C 259 -17.52 -24.55 15.32
N LYS C 260 -16.27 -24.18 15.58
CA LYS C 260 -15.38 -25.07 16.32
C LYS C 260 -15.21 -24.65 17.76
N PHE C 261 -15.92 -23.60 18.20
CA PHE C 261 -15.67 -23.06 19.53
C PHE C 261 -15.80 -24.15 20.59
N GLU C 262 -16.77 -25.04 20.44
CA GLU C 262 -16.96 -26.08 21.44
C GLU C 262 -15.79 -27.07 21.45
N TYR C 263 -15.04 -27.19 20.35
CA TYR C 263 -13.96 -28.16 20.29
C TYR C 263 -12.61 -27.56 20.68
N LEU C 264 -12.56 -26.26 20.98
CA LEU C 264 -11.32 -25.61 21.35
C LEU C 264 -11.08 -25.72 22.84
N ASN C 265 -9.80 -25.67 23.21
CA ASN C 265 -9.42 -25.66 24.61
C ASN C 265 -9.61 -24.26 25.18
N ASP C 266 -9.38 -24.12 26.48
CA ASP C 266 -9.69 -22.86 27.14
C ASP C 266 -8.86 -21.71 26.58
N GLN C 267 -7.56 -21.95 26.37
CA GLN C 267 -6.72 -20.90 25.80
C GLN C 267 -7.08 -20.61 24.35
N GLU C 268 -7.36 -21.65 23.56
CA GLU C 268 -7.81 -21.41 22.19
C GLU C 268 -9.13 -20.64 22.18
N LYS C 269 -10.02 -20.93 23.12
CA LYS C 269 -11.26 -20.16 23.21
C LYS C 269 -10.98 -18.69 23.47
N GLN C 270 -10.12 -18.39 24.44
CA GLN C 270 -9.85 -16.99 24.76
C GLN C 270 -9.27 -16.25 23.57
N LEU C 271 -8.35 -16.90 22.84
CA LEU C 271 -7.78 -16.28 21.65
C LEU C 271 -8.84 -16.04 20.59
N ALA C 272 -9.69 -17.03 20.34
CA ALA C 272 -10.71 -16.85 19.32
C ALA C 272 -11.61 -15.66 19.66
N LEU C 273 -12.02 -15.56 20.92
CA LEU C 273 -12.91 -14.47 21.33
C LEU C 273 -12.24 -13.11 21.15
N ASN C 274 -11.01 -12.97 21.65
CA ASN C 274 -10.34 -11.67 21.55
C ASN C 274 -10.00 -11.33 20.10
N LEU C 275 -9.68 -12.32 19.27
CA LEU C 275 -9.42 -12.06 17.86
C LEU C 275 -10.68 -11.58 17.14
N MET C 276 -11.80 -12.30 17.33
CA MET C 276 -13.04 -11.88 16.69
C MET C 276 -13.47 -10.52 17.19
N LEU C 277 -13.20 -10.20 18.46
CA LEU C 277 -13.56 -8.91 19.02
C LEU C 277 -12.69 -7.80 18.45
N ASP C 278 -11.37 -8.02 18.39
CA ASP C 278 -10.48 -7.01 17.83
C ASP C 278 -10.79 -6.76 16.36
N ALA C 279 -10.96 -7.84 15.60
CA ALA C 279 -11.23 -7.72 14.16
C ALA C 279 -12.54 -6.99 13.89
N SER C 280 -13.53 -7.13 14.79
CA SER C 280 -14.80 -6.45 14.59
C SER C 280 -14.67 -4.92 14.66
N LEU C 281 -13.56 -4.41 15.20
CA LEU C 281 -13.37 -2.96 15.25
C LEU C 281 -13.15 -2.36 13.87
N ILE C 282 -12.82 -3.19 12.87
CA ILE C 282 -12.79 -2.78 11.48
C ILE C 282 -13.77 -3.59 10.63
N LEU C 283 -13.85 -4.91 10.87
CA LEU C 283 -14.85 -5.76 10.20
C LEU C 283 -16.16 -5.68 10.98
N LYS C 284 -16.90 -4.61 10.72
CA LYS C 284 -17.97 -4.20 11.62
C LYS C 284 -19.06 -5.26 11.70
N PRO C 285 -19.56 -5.56 12.89
CA PRO C 285 -20.67 -6.50 13.02
C PRO C 285 -22.00 -5.82 12.73
N GLN C 286 -23.03 -6.66 12.71
CA GLN C 286 -24.40 -6.15 12.49
C GLN C 286 -25.09 -6.10 13.86
N VAL C 287 -25.63 -4.94 14.19
CA VAL C 287 -26.27 -4.71 15.49
C VAL C 287 -27.56 -3.96 15.21
N THR C 288 -28.62 -4.35 15.90
CA THR C 288 -29.93 -3.73 15.71
C THR C 288 -30.07 -2.51 16.60
N HIS C 289 -30.58 -1.43 16.02
CA HIS C 289 -30.74 -0.15 16.72
C HIS C 289 -32.20 0.26 16.68
N LYS C 290 -32.72 0.70 17.82
CA LYS C 290 -34.06 1.27 17.89
C LYS C 290 -33.96 2.57 18.66
N MET C 291 -34.92 3.47 18.44
CA MET C 291 -35.02 4.69 19.23
C MET C 291 -35.83 4.36 20.48
N ILE C 292 -35.15 4.27 21.62
CA ILE C 292 -35.79 3.89 22.88
C ILE C 292 -35.69 5.08 23.81
N MET C 293 -36.82 5.67 24.14
CA MET C 293 -36.85 6.81 25.05
C MET C 293 -37.61 6.46 26.30
N PRO C 294 -37.39 7.21 27.38
CA PRO C 294 -38.12 6.96 28.63
C PRO C 294 -39.63 7.08 28.47
N TRP C 295 -40.36 6.31 29.30
CA TRP C 295 -41.81 6.36 29.31
C TRP C 295 -42.32 7.79 29.49
N SER C 296 -41.61 8.58 30.29
CA SER C 296 -42.01 9.97 30.50
C SER C 296 -42.13 10.71 29.16
N MET C 297 -41.20 10.45 28.26
CA MET C 297 -41.21 11.18 26.99
C MET C 297 -42.35 10.71 26.11
N TRP C 298 -42.68 9.42 26.13
CA TRP C 298 -43.88 8.95 25.45
C TRP C 298 -45.13 9.58 26.06
N LEU C 299 -45.18 9.71 27.39
CA LEU C 299 -46.28 10.44 28.00
C LEU C 299 -46.36 11.85 27.44
N ALA C 300 -45.21 12.51 27.27
CA ALA C 300 -45.20 13.86 26.71
C ALA C 300 -45.74 13.88 25.29
N VAL C 301 -45.51 12.84 24.50
CA VAL C 301 -46.09 12.78 23.16
C VAL C 301 -47.61 12.71 23.24
N LYS C 302 -48.13 11.86 24.14
CA LYS C 302 -49.58 11.75 24.32
C LYS C 302 -50.22 13.06 24.74
N LYS C 303 -49.65 13.74 25.73
CA LYS C 303 -50.21 15.01 26.18
C LYS C 303 -50.17 16.07 25.10
N TYR C 304 -49.07 16.15 24.36
CA TYR C 304 -49.00 17.08 23.24
C TYR C 304 -50.06 16.77 22.19
N ALA C 305 -50.24 15.48 21.87
CA ALA C 305 -51.22 15.09 20.87
C ALA C 305 -52.63 15.48 21.29
N GLU C 306 -52.96 15.25 22.56
CA GLU C 306 -54.28 15.62 23.06
C GLU C 306 -54.48 17.13 23.04
N MET C 307 -53.45 17.88 23.43
CA MET C 307 -53.59 19.34 23.56
C MET C 307 -53.58 20.07 22.23
N ASN C 308 -52.80 19.61 21.27
CA ASN C 308 -52.65 20.27 19.98
C ASN C 308 -53.39 19.44 18.94
N LYS C 309 -54.54 19.95 18.50
CA LYS C 309 -55.49 19.14 17.73
C LYS C 309 -55.01 18.87 16.31
N GLY C 310 -54.40 19.85 15.65
CA GLY C 310 -53.90 19.64 14.31
C GLY C 310 -52.69 18.73 14.23
N SER C 311 -52.22 18.25 15.38
CA SER C 311 -50.97 17.53 15.47
C SER C 311 -51.13 16.06 15.12
N PRO C 312 -50.03 15.39 14.80
CA PRO C 312 -50.09 13.94 14.59
C PRO C 312 -50.59 13.23 15.84
N SER C 313 -51.24 12.10 15.64
CA SER C 313 -51.72 11.30 16.75
C SER C 313 -50.56 10.50 17.35
N LEU C 314 -50.83 9.86 18.49
CA LEU C 314 -49.83 8.96 19.05
C LEU C 314 -49.55 7.81 18.09
N GLU C 315 -50.58 7.21 17.49
CA GLU C 315 -50.31 6.16 16.52
C GLU C 315 -49.47 6.65 15.35
N ASP C 316 -49.68 7.90 14.94
CA ASP C 316 -48.84 8.48 13.88
C ASP C 316 -47.38 8.52 14.30
N LEU C 317 -47.11 8.73 15.58
CA LEU C 317 -45.75 8.83 16.08
C LEU C 317 -45.27 7.56 16.76
N ALA C 318 -46.05 6.48 16.70
CA ALA C 318 -45.71 5.26 17.43
C ALA C 318 -44.76 4.40 16.59
N ALA C 319 -43.56 4.92 16.41
CA ALA C 319 -42.52 4.24 15.66
C ALA C 319 -41.21 4.30 16.44
N TYR C 320 -40.46 3.20 16.42
CA TYR C 320 -39.14 3.12 17.02
C TYR C 320 -38.01 3.30 16.02
N SER C 321 -38.33 3.51 14.74
CA SER C 321 -37.32 3.74 13.72
C SER C 321 -37.95 4.56 12.60
N GLY C 322 -37.12 5.09 11.73
CA GLY C 322 -37.59 5.92 10.64
C GLY C 322 -37.87 7.33 11.09
N VAL C 323 -38.40 8.14 10.17
CA VAL C 323 -38.61 9.55 10.46
C VAL C 323 -39.63 9.74 11.58
N ARG C 324 -40.63 8.87 11.66
CA ARG C 324 -41.65 9.02 12.69
C ARG C 324 -41.05 8.90 14.08
N ALA C 325 -39.98 8.11 14.23
CA ALA C 325 -39.31 8.05 15.52
C ALA C 325 -38.69 9.40 15.88
N PHE C 326 -38.04 10.04 14.91
CA PHE C 326 -37.49 11.36 15.14
C PHE C 326 -38.57 12.38 15.46
N MET C 327 -39.70 12.30 14.77
CA MET C 327 -40.82 13.16 15.10
C MET C 327 -41.30 12.89 16.51
N ALA C 328 -41.35 11.61 16.90
CA ALA C 328 -41.77 11.26 18.25
C ALA C 328 -40.84 11.85 19.29
N PHE C 329 -39.52 11.76 19.07
CA PHE C 329 -38.58 12.34 20.01
C PHE C 329 -38.71 13.85 20.06
N ASN C 330 -38.73 14.51 18.90
CA ASN C 330 -38.85 15.97 18.91
C ASN C 330 -40.16 16.40 19.56
N THR C 331 -41.25 15.69 19.29
CA THR C 331 -42.52 16.04 19.89
C THR C 331 -42.48 15.88 21.40
N ALA C 332 -41.83 14.81 21.87
CA ALA C 332 -41.70 14.59 23.32
C ALA C 332 -40.96 15.73 23.99
N CYS C 333 -40.09 16.43 23.25
CA CYS C 333 -39.26 17.47 23.84
C CYS C 333 -40.01 18.76 24.10
N TYR C 334 -41.25 18.89 23.60
CA TYR C 334 -42.04 20.09 23.91
C TYR C 334 -42.34 20.18 25.40
N MET C 335 -42.71 19.07 26.03
CA MET C 335 -43.17 19.08 27.41
C MET C 335 -42.25 18.35 28.39
N SER C 336 -41.26 17.60 27.91
CA SER C 336 -40.39 16.85 28.81
C SER C 336 -39.50 17.79 29.60
N LYS C 337 -39.00 17.28 30.73
CA LYS C 337 -38.23 18.07 31.67
C LYS C 337 -37.06 17.24 32.17
N PHE C 338 -35.98 17.92 32.56
CA PHE C 338 -34.90 17.29 33.31
C PHE C 338 -34.38 18.29 34.33
N THR C 339 -33.48 17.83 35.19
CA THR C 339 -32.97 18.60 36.32
C THR C 339 -31.53 19.07 36.06
N ILE C 340 -31.24 20.28 36.50
CA ILE C 340 -29.90 20.86 36.48
C ILE C 340 -29.44 21.04 37.92
N GLY C 341 -28.34 20.39 38.29
CA GLY C 341 -27.86 20.43 39.65
C GLY C 341 -26.36 20.60 39.81
N LYS C 342 -25.88 20.52 41.05
CA LYS C 342 -24.46 20.66 41.34
C LYS C 342 -23.85 19.26 41.29
N GLY C 343 -22.83 19.09 40.46
CA GLY C 343 -22.20 17.79 40.35
C GLY C 343 -22.33 17.15 38.99
N ILE C 344 -21.23 17.02 38.27
CA ILE C 344 -21.20 16.30 37.02
C ILE C 344 -20.41 15.03 37.24
N VAL C 345 -20.55 14.09 36.30
CA VAL C 345 -19.73 12.90 36.34
C VAL C 345 -18.27 13.31 36.21
N GLY C 346 -17.48 12.98 37.24
CA GLY C 346 -16.09 13.34 37.30
C GLY C 346 -15.76 14.31 38.41
N ASP C 347 -16.43 15.46 38.43
CA ASP C 347 -16.23 16.48 39.46
C ASP C 347 -17.56 16.76 40.13
N ALA C 348 -17.61 16.63 41.45
CA ALA C 348 -18.86 16.83 42.17
C ALA C 348 -19.18 18.29 42.45
N GLU C 349 -18.26 19.22 42.17
CA GLU C 349 -18.45 20.63 42.46
C GLU C 349 -18.77 21.47 41.24
N ILE C 350 -18.89 20.87 40.06
CA ILE C 350 -19.13 21.61 38.82
C ILE C 350 -20.61 21.54 38.49
N MET C 351 -21.14 22.64 37.96
CA MET C 351 -22.56 22.77 37.68
C MET C 351 -22.91 22.16 36.33
N GLU C 352 -24.07 21.51 36.27
CA GLU C 352 -24.56 20.95 35.03
C GLU C 352 -24.99 22.05 34.07
N ASN C 353 -24.87 21.77 32.78
CA ASN C 353 -25.29 22.67 31.73
C ASN C 353 -26.47 22.08 30.98
N GLY C 354 -27.46 22.92 30.70
CA GLY C 354 -28.69 22.41 30.10
C GLY C 354 -28.49 21.81 28.73
N ASN C 355 -27.76 22.50 27.86
CA ASN C 355 -27.56 21.99 26.51
C ASN C 355 -26.73 20.71 26.52
N ASP C 356 -25.73 20.65 27.39
CA ASP C 356 -24.95 19.42 27.48
C ASP C 356 -25.80 18.24 27.91
N LYS C 357 -26.71 18.46 28.88
CA LYS C 357 -27.60 17.39 29.27
C LYS C 357 -28.60 17.03 28.19
N MET C 358 -29.03 18.01 27.41
CA MET C 358 -29.90 17.72 26.29
C MET C 358 -29.21 16.81 25.28
N GLN C 359 -27.97 17.14 24.94
CA GLN C 359 -27.21 16.29 24.02
C GLN C 359 -27.07 14.89 24.58
N THR C 360 -26.79 14.78 25.88
CA THR C 360 -26.70 13.45 26.49
C THR C 360 -28.00 12.69 26.34
N LEU C 361 -29.12 13.36 26.57
CA LEU C 361 -30.43 12.72 26.44
C LEU C 361 -30.67 12.24 25.02
N ALA C 362 -30.40 13.09 24.03
CA ALA C 362 -30.59 12.69 22.65
C ALA C 362 -29.71 11.49 22.30
N MET C 363 -28.45 11.52 22.74
CA MET C 363 -27.56 10.42 22.42
C MET C 363 -28.04 9.12 23.06
N ALA C 364 -28.55 9.22 24.28
CA ALA C 364 -29.03 8.02 24.97
C ALA C 364 -30.20 7.39 24.25
N CYS C 365 -31.19 8.21 23.84
CA CYS C 365 -32.41 7.67 23.24
C CYS C 365 -32.13 7.00 21.91
N PHE C 366 -31.09 7.42 21.19
CA PHE C 366 -30.74 6.82 19.92
C PHE C 366 -29.50 5.94 19.98
N GLY C 367 -28.91 5.75 21.16
CA GLY C 367 -27.76 4.88 21.31
C GLY C 367 -26.55 5.34 20.54
N LEU C 368 -26.23 6.63 20.66
CA LEU C 368 -25.27 7.30 19.79
C LEU C 368 -23.88 7.43 20.40
N ALA C 369 -23.62 6.86 21.57
CA ALA C 369 -22.32 7.05 22.22
C ALA C 369 -21.17 6.70 21.29
N TYR C 370 -21.27 5.58 20.59
CA TYR C 370 -20.18 5.07 19.77
C TYR C 370 -20.27 5.52 18.33
N GLU C 371 -21.23 6.37 17.99
CA GLU C 371 -21.46 6.81 16.63
C GLU C 371 -20.46 7.90 16.23
N ASP C 372 -20.20 7.97 14.93
CA ASP C 372 -19.40 9.04 14.35
C ASP C 372 -20.00 10.39 14.72
N THR C 373 -19.22 11.20 15.44
CA THR C 373 -19.74 12.47 15.91
C THR C 373 -20.06 13.41 14.76
N GLY C 374 -19.36 13.27 13.63
CA GLY C 374 -19.70 14.06 12.46
C GLY C 374 -21.08 13.76 11.93
N ILE C 375 -21.46 12.47 11.90
CA ILE C 375 -22.81 12.11 11.50
C ILE C 375 -23.82 12.77 12.43
N VAL C 376 -23.60 12.65 13.75
CA VAL C 376 -24.54 13.21 14.71
C VAL C 376 -24.57 14.72 14.61
N ALA C 377 -23.41 15.36 14.47
CA ALA C 377 -23.35 16.81 14.45
C ALA C 377 -24.16 17.38 13.29
N ALA C 378 -24.20 16.66 12.16
CA ALA C 378 -24.92 17.13 10.98
C ALA C 378 -26.42 17.06 11.14
N MET C 379 -26.92 16.40 12.20
CA MET C 379 -28.35 16.19 12.37
C MET C 379 -28.97 16.96 13.52
N ILE C 380 -28.16 17.53 14.43
CA ILE C 380 -28.71 18.16 15.62
C ILE C 380 -28.64 19.68 15.51
N SER C 381 -29.43 20.34 16.36
CA SER C 381 -29.63 21.79 16.33
C SER C 381 -28.68 22.54 17.23
N GLN C 382 -27.74 21.86 17.88
CA GLN C 382 -26.75 22.47 18.74
C GLN C 382 -25.36 21.99 18.32
N PRO C 383 -24.32 22.78 18.57
CA PRO C 383 -22.98 22.31 18.28
C PRO C 383 -22.71 20.99 18.98
N MET C 384 -22.15 20.05 18.24
CA MET C 384 -21.83 18.74 18.79
C MET C 384 -20.59 18.86 19.68
N LYS C 385 -20.65 18.25 20.85
CA LYS C 385 -19.56 18.31 21.81
C LYS C 385 -19.04 16.91 22.10
N LYS C 386 -17.75 16.81 22.35
CA LYS C 386 -17.18 15.54 22.78
C LYS C 386 -17.52 15.30 24.24
N ARG C 387 -17.34 14.04 24.67
CA ARG C 387 -17.85 13.63 25.97
C ARG C 387 -17.36 14.52 27.10
N TYR C 388 -16.06 14.73 27.19
CA TYR C 388 -15.48 15.38 28.36
C TYR C 388 -15.50 16.89 28.25
N GLN C 389 -16.15 17.43 27.22
CA GLN C 389 -16.54 18.81 27.18
C GLN C 389 -17.95 19.04 27.73
N LEU C 390 -18.66 17.97 28.09
CA LEU C 390 -20.04 18.05 28.55
C LEU C 390 -20.09 18.12 30.06
N ARG C 391 -20.85 19.09 30.59
CA ARG C 391 -21.04 19.20 32.03
C ARG C 391 -22.38 18.57 32.41
N VAL C 392 -22.36 17.25 32.56
CA VAL C 392 -23.57 16.47 32.75
C VAL C 392 -23.39 15.53 33.93
N GLY C 393 -24.46 15.34 34.70
CA GLY C 393 -24.49 14.44 35.83
C GLY C 393 -25.04 13.08 35.48
N ASN C 394 -25.39 12.32 36.51
CA ASN C 394 -25.74 10.91 36.36
C ASN C 394 -27.23 10.66 36.12
N PHE C 395 -28.03 11.71 35.96
CA PHE C 395 -29.47 11.62 35.74
C PHE C 395 -30.22 11.01 36.92
N ASN C 396 -29.60 10.90 38.07
CA ASN C 396 -30.32 10.59 39.29
C ASN C 396 -30.92 11.86 39.87
N PRO C 397 -31.95 11.74 40.70
CA PRO C 397 -32.55 12.94 41.30
C PRO C 397 -31.55 13.72 42.11
N PRO C 398 -31.32 14.99 41.79
CA PRO C 398 -30.41 15.80 42.60
C PRO C 398 -31.07 16.25 43.89
N GLU C 399 -30.25 16.40 44.92
CA GLU C 399 -30.76 16.86 46.21
C GLU C 399 -31.36 18.27 46.10
N GLU C 400 -30.68 19.17 45.38
CA GLU C 400 -31.21 20.49 45.06
C GLU C 400 -30.81 20.84 43.64
N GLY C 401 -31.68 21.57 42.95
CA GLY C 401 -31.36 21.99 41.59
C GLY C 401 -32.52 22.76 40.99
N THR C 402 -32.42 22.97 39.68
CA THR C 402 -33.46 23.64 38.91
C THR C 402 -34.00 22.69 37.84
N ILE C 403 -35.28 22.85 37.52
CA ILE C 403 -35.90 22.06 36.46
C ILE C 403 -35.81 22.85 35.16
N LYS C 404 -35.44 22.16 34.09
CA LYS C 404 -35.27 22.77 32.78
C LYS C 404 -36.00 21.92 31.74
N GLY C 405 -36.65 22.59 30.81
CA GLY C 405 -37.32 21.88 29.73
C GLY C 405 -36.35 21.40 28.67
N THR C 406 -36.70 20.27 28.06
CA THR C 406 -35.97 19.79 26.90
C THR C 406 -36.20 20.73 25.72
N SER C 407 -35.30 20.64 24.75
CA SER C 407 -35.33 21.50 23.58
C SER C 407 -36.08 20.84 22.43
N ALA C 408 -37.17 21.46 21.99
CA ALA C 408 -37.92 20.95 20.87
C ALA C 408 -37.17 21.22 19.57
N GLY C 409 -37.34 20.32 18.60
CA GLY C 409 -36.68 20.46 17.32
C GLY C 409 -35.20 20.18 17.35
N TYR C 410 -34.75 19.36 18.31
CA TYR C 410 -33.31 19.11 18.47
C TYR C 410 -32.74 18.49 17.21
N PHE C 411 -33.46 17.53 16.62
CA PHE C 411 -33.06 16.92 15.35
C PHE C 411 -33.73 17.68 14.20
N HIS C 412 -32.92 18.37 13.39
CA HIS C 412 -33.41 18.97 12.15
C HIS C 412 -33.18 18.07 10.93
N LYS C 413 -32.44 16.99 11.09
CA LYS C 413 -32.29 15.99 10.05
C LYS C 413 -32.40 14.61 10.67
N TRP C 414 -32.75 13.62 9.85
CA TRP C 414 -32.98 12.26 10.32
C TRP C 414 -32.33 11.29 9.36
N ALA C 415 -32.29 10.02 9.78
CA ALA C 415 -31.77 8.96 8.93
C ALA C 415 -32.34 7.64 9.42
N GLU C 416 -32.28 6.63 8.55
CA GLU C 416 -32.65 5.28 8.94
C GLU C 416 -31.55 4.66 9.80
N PHE C 417 -31.94 3.63 10.54
CA PHE C 417 -30.98 2.86 11.33
C PHE C 417 -30.25 1.87 10.44
N GLY C 418 -28.96 1.70 10.68
CA GLY C 418 -28.22 0.65 10.01
C GLY C 418 -28.19 -0.59 10.87
N ASN C 419 -29.10 -1.52 10.60
CA ASN C 419 -29.24 -2.73 11.40
C ASN C 419 -28.63 -3.95 10.75
N ARG C 420 -27.96 -3.77 9.62
CA ARG C 420 -27.30 -4.83 8.87
C ARG C 420 -25.80 -4.56 8.86
N LEU C 421 -25.05 -5.45 8.24
CA LEU C 421 -23.60 -5.29 8.20
C LEU C 421 -23.25 -3.96 7.56
N PRO C 422 -22.48 -3.09 8.23
CA PRO C 422 -22.19 -1.77 7.66
C PRO C 422 -21.53 -1.81 6.29
N PHE C 423 -20.70 -2.81 6.01
CA PHE C 423 -20.03 -2.85 4.71
C PHE C 423 -20.97 -3.27 3.59
N ASN C 424 -22.13 -3.84 3.92
CA ASN C 424 -23.19 -4.07 2.95
C ASN C 424 -23.86 -2.77 2.56
N SER C 425 -24.67 -2.83 1.50
CA SER C 425 -25.37 -1.67 0.98
C SER C 425 -26.66 -1.43 1.75
N PHE C 426 -27.10 -0.17 1.71
CA PHE C 426 -28.39 0.23 2.29
C PHE C 426 -29.08 1.17 1.32
N GLY C 427 -30.16 0.70 0.71
CA GLY C 427 -31.00 1.57 -0.11
C GLY C 427 -30.64 1.50 -1.58
N THR C 428 -30.50 2.68 -2.20
CA THR C 428 -30.31 2.74 -3.65
C THR C 428 -28.98 2.15 -4.07
N GLY C 429 -27.90 2.45 -3.35
CA GLY C 429 -26.60 1.98 -3.75
C GLY C 429 -26.40 0.50 -3.48
N GLU C 430 -27.35 -0.31 -3.94
CA GLU C 430 -27.37 -1.75 -3.68
C GLU C 430 -27.46 -2.55 -4.98
N SER C 431 -26.78 -2.08 -6.03
CA SER C 431 -26.71 -2.90 -7.23
C SER C 431 -25.69 -4.02 -7.01
N LYS C 432 -25.83 -5.09 -7.80
CA LYS C 432 -24.93 -6.22 -7.68
C LYS C 432 -23.71 -6.13 -8.60
N GLN C 433 -23.65 -5.12 -9.47
CA GLN C 433 -22.47 -4.97 -10.32
C GLN C 433 -21.34 -4.36 -9.51
N ILE C 434 -20.21 -5.06 -9.45
CA ILE C 434 -19.01 -4.58 -8.76
C ILE C 434 -17.80 -4.57 -9.68
N SER C 435 -17.95 -4.89 -10.96
CA SER C 435 -16.85 -4.91 -11.88
C SER C 435 -17.37 -4.63 -13.29
N ASN C 436 -16.43 -4.31 -14.17
CA ASN C 436 -16.68 -4.16 -15.60
C ASN C 436 -15.90 -5.23 -16.35
N SER C 437 -16.48 -5.74 -17.43
CA SER C 437 -15.78 -6.58 -18.40
C SER C 437 -15.53 -5.75 -19.65
N GLY C 438 -14.25 -5.56 -19.97
CA GLY C 438 -13.91 -4.73 -21.10
C GLY C 438 -14.31 -5.36 -22.42
N VAL C 439 -14.76 -4.50 -23.34
CA VAL C 439 -15.11 -4.89 -24.70
C VAL C 439 -14.17 -4.23 -25.71
N PHE C 440 -13.98 -2.93 -25.59
CA PHE C 440 -13.16 -2.15 -26.50
C PHE C 440 -11.77 -1.98 -25.93
N ALA C 441 -10.77 -2.08 -26.82
CA ALA C 441 -9.37 -1.91 -26.43
C ALA C 441 -9.08 -0.42 -26.22
N VAL C 442 -9.60 0.09 -25.10
CA VAL C 442 -9.45 1.49 -24.75
C VAL C 442 -8.85 1.55 -23.35
N GLN C 443 -7.75 2.29 -23.21
CA GLN C 443 -7.12 2.44 -21.92
C GLN C 443 -8.11 2.99 -20.90
N ARG C 444 -8.20 2.32 -19.75
CA ARG C 444 -9.11 2.75 -18.70
C ARG C 444 -8.55 2.25 -17.38
N PRO C 445 -8.82 2.94 -16.27
CA PRO C 445 -8.47 2.40 -14.97
C PRO C 445 -9.30 1.18 -14.62
N SER C 446 -8.77 0.36 -13.72
CA SER C 446 -9.56 -0.71 -13.13
C SER C 446 -10.69 -0.08 -12.32
N THR C 447 -11.90 -0.61 -12.48
CA THR C 447 -13.07 -0.05 -11.82
C THR C 447 -13.64 -0.98 -10.76
N THR C 448 -12.95 -2.07 -10.45
CA THR C 448 -13.52 -3.08 -9.55
C THR C 448 -13.63 -2.52 -8.14
N ASN C 449 -14.76 -2.82 -7.50
CA ASN C 449 -15.01 -2.41 -6.12
C ASN C 449 -14.31 -3.42 -5.23
N ILE C 450 -13.15 -3.02 -4.69
CA ILE C 450 -12.31 -3.96 -3.94
C ILE C 450 -13.00 -4.38 -2.65
N GLN C 451 -13.67 -3.43 -1.98
CA GLN C 451 -14.40 -3.77 -0.77
C GLN C 451 -15.45 -4.84 -1.05
N ARG C 452 -16.26 -4.65 -2.10
CA ARG C 452 -17.29 -5.63 -2.40
C ARG C 452 -16.67 -6.97 -2.83
N LEU C 453 -15.56 -6.92 -3.58
CA LEU C 453 -14.88 -8.16 -3.94
C LEU C 453 -14.37 -8.90 -2.71
N ALA C 454 -13.77 -8.19 -1.76
CA ALA C 454 -13.29 -8.85 -0.55
C ALA C 454 -14.44 -9.48 0.23
N GLU C 455 -15.56 -8.77 0.35
CA GLU C 455 -16.72 -9.35 1.01
C GLU C 455 -17.23 -10.59 0.28
N LEU C 456 -17.27 -10.52 -1.06
CA LEU C 456 -17.72 -11.67 -1.83
C LEU C 456 -16.85 -12.88 -1.54
N MET C 457 -15.54 -12.71 -1.58
CA MET C 457 -14.65 -13.84 -1.32
C MET C 457 -14.77 -14.33 0.11
N ALA C 458 -15.13 -13.46 1.06
CA ALA C 458 -15.35 -13.93 2.42
C ALA C 458 -16.53 -14.91 2.49
N ARG C 459 -17.55 -14.66 1.69
CA ARG C 459 -18.77 -15.47 1.68
C ARG C 459 -18.68 -16.69 0.78
N ASN C 460 -17.80 -16.67 -0.22
CA ASN C 460 -17.82 -17.63 -1.31
C ASN C 460 -16.66 -18.61 -1.30
N THR C 461 -15.50 -18.23 -0.81
CA THR C 461 -14.30 -19.07 -0.89
C THR C 461 -13.84 -19.47 0.49
N GLY C 462 -14.63 -20.33 1.14
CA GLY C 462 -14.29 -20.84 2.45
C GLY C 462 -13.78 -22.27 2.34
N GLU C 463 -12.70 -22.57 3.06
CA GLU C 463 -12.16 -23.92 3.12
C GLU C 463 -12.64 -24.59 4.40
N THR C 464 -13.17 -25.81 4.26
CA THR C 464 -13.74 -26.54 5.39
C THR C 464 -12.74 -27.39 6.13
N SER C 465 -11.64 -27.78 5.49
CA SER C 465 -10.60 -28.54 6.15
C SER C 465 -9.69 -27.66 6.99
N ASP C 466 -9.93 -26.34 7.01
CA ASP C 466 -9.09 -25.44 7.82
C ASP C 466 -9.22 -25.78 9.29
N ASN C 467 -8.09 -25.88 9.97
CA ASN C 467 -8.04 -26.12 11.40
C ASN C 467 -8.00 -24.78 12.16
N PHE C 468 -7.87 -24.86 13.49
CA PHE C 468 -7.91 -23.65 14.30
C PHE C 468 -6.82 -22.68 13.91
N THR C 469 -5.59 -23.18 13.75
CA THR C 469 -4.46 -22.32 13.42
C THR C 469 -4.68 -21.63 12.08
N GLN C 470 -5.20 -22.36 11.09
CA GLN C 470 -5.43 -21.78 9.78
C GLN C 470 -6.53 -20.72 9.82
N LEU C 471 -7.62 -20.99 10.55
CA LEU C 471 -8.69 -20.00 10.63
C LEU C 471 -8.20 -18.72 11.31
N VAL C 472 -7.43 -18.85 12.38
CA VAL C 472 -6.86 -17.68 13.03
C VAL C 472 -6.07 -16.85 12.01
N GLN C 473 -5.26 -17.51 11.19
CA GLN C 473 -4.43 -16.78 10.22
C GLN C 473 -5.30 -16.03 9.21
N LYS C 474 -6.34 -16.68 8.67
CA LYS C 474 -7.17 -15.99 7.68
C LYS C 474 -7.98 -14.87 8.32
N ILE C 475 -8.29 -14.97 9.61
CA ILE C 475 -8.92 -13.82 10.25
C ILE C 475 -7.96 -12.65 10.27
N ARG C 476 -6.70 -12.89 10.61
CA ARG C 476 -5.69 -11.83 10.53
C ARG C 476 -5.57 -11.31 9.09
N GLU C 477 -5.54 -12.22 8.12
CA GLU C 477 -5.45 -11.79 6.72
C GLU C 477 -6.69 -11.03 6.29
N GLN C 478 -7.86 -11.44 6.79
CA GLN C 478 -9.08 -10.72 6.44
C GLN C 478 -9.04 -9.30 6.99
N VAL C 479 -8.60 -9.16 8.25
CA VAL C 479 -8.38 -7.83 8.81
C VAL C 479 -7.39 -7.05 7.97
N GLY C 480 -6.29 -7.68 7.55
CA GLY C 480 -5.29 -6.96 6.80
C GLY C 480 -5.80 -6.43 5.47
N THR C 481 -6.56 -7.25 4.73
CA THR C 481 -6.98 -6.80 3.41
C THR C 481 -7.89 -5.58 3.52
N PHE C 482 -8.75 -5.52 4.54
CA PHE C 482 -9.58 -4.33 4.72
C PHE C 482 -8.79 -3.18 5.31
N ALA C 483 -7.84 -3.46 6.19
CA ALA C 483 -6.97 -2.40 6.71
C ALA C 483 -6.17 -1.74 5.59
N ASP C 484 -5.65 -2.53 4.66
CA ASP C 484 -4.91 -1.99 3.52
C ASP C 484 -5.79 -1.11 2.65
N GLN C 485 -7.10 -1.31 2.69
CA GLN C 485 -8.06 -0.57 1.88
C GLN C 485 -8.73 0.54 2.66
N LYS C 486 -8.23 0.86 3.86
CA LYS C 486 -8.98 1.71 4.78
C LYS C 486 -9.40 3.03 4.16
N ALA C 487 -8.51 3.67 3.41
CA ALA C 487 -8.82 4.99 2.88
C ALA C 487 -10.07 4.99 2.00
N ASN C 488 -10.34 3.89 1.32
CA ASN C 488 -11.49 3.78 0.44
C ASN C 488 -12.66 2.98 1.01
N LEU C 489 -12.51 2.41 2.20
CA LEU C 489 -13.59 1.65 2.80
C LEU C 489 -14.80 2.56 3.06
N ARG C 490 -15.99 2.09 2.71
CA ARG C 490 -17.22 2.81 2.96
C ARG C 490 -18.22 1.94 3.71
N GLU C 491 -18.87 2.51 4.72
CA GLU C 491 -19.93 1.83 5.46
C GLU C 491 -21.26 2.46 5.10
N PHE C 492 -22.30 1.62 5.06
CA PHE C 492 -23.67 2.07 4.78
C PHE C 492 -23.76 2.81 3.44
N THR C 493 -23.14 2.25 2.41
CA THR C 493 -23.23 2.82 1.07
C THR C 493 -24.68 2.94 0.63
N GLY C 494 -25.03 4.12 0.10
CA GLY C 494 -26.38 4.43 -0.33
C GLY C 494 -27.26 5.05 0.72
N GLY C 495 -26.76 5.22 1.94
CA GLY C 495 -27.52 5.81 3.02
C GLY C 495 -27.25 7.29 3.11
N TYR C 496 -28.32 8.06 3.32
CA TYR C 496 -28.24 9.51 3.33
C TYR C 496 -29.02 10.04 4.53
N ILE C 497 -28.78 11.31 4.84
CA ILE C 497 -29.56 12.03 5.85
C ILE C 497 -30.61 12.85 5.12
N TYR C 498 -31.74 13.06 5.78
CA TYR C 498 -32.84 13.80 5.18
C TYR C 498 -33.36 14.85 6.14
N ASP C 499 -33.88 15.94 5.58
CA ASP C 499 -34.50 16.96 6.41
C ASP C 499 -35.71 16.37 7.12
N ILE C 500 -35.97 16.88 8.32
CA ILE C 500 -37.06 16.35 9.14
C ILE C 500 -38.39 16.55 8.44
N THR C 501 -38.48 17.55 7.56
CA THR C 501 -39.70 17.76 6.78
C THR C 501 -39.80 16.78 5.62
N ASP C 502 -38.65 16.30 5.15
CA ASP C 502 -38.55 15.40 3.99
C ASP C 502 -38.90 13.98 4.43
N VAL C 503 -40.20 13.73 4.58
CA VAL C 503 -40.62 12.39 4.94
C VAL C 503 -40.59 11.44 3.75
N THR C 504 -40.63 11.96 2.53
CA THR C 504 -40.59 11.10 1.34
C THR C 504 -39.18 10.67 0.95
N LYS C 505 -38.16 11.27 1.57
CA LYS C 505 -36.76 11.04 1.24
C LYS C 505 -36.44 11.51 -0.19
N SER C 506 -37.09 12.60 -0.62
CA SER C 506 -36.92 13.06 -1.99
C SER C 506 -35.61 13.80 -2.23
N ASN C 507 -35.02 14.41 -1.20
CA ASN C 507 -33.80 15.19 -1.38
C ASN C 507 -32.71 14.62 -0.49
N PRO C 508 -31.94 13.64 -0.97
CA PRO C 508 -30.89 13.05 -0.13
C PRO C 508 -29.73 14.01 0.07
N LYS C 509 -29.16 13.98 1.27
CA LYS C 509 -27.99 14.79 1.60
C LYS C 509 -26.92 13.90 2.22
N ILE C 510 -25.66 14.27 1.99
CA ILE C 510 -24.51 13.57 2.53
C ILE C 510 -23.80 14.50 3.50
N PRO C 511 -23.59 14.10 4.75
CA PRO C 511 -22.85 14.97 5.68
C PRO C 511 -21.40 15.16 5.24
N GLN C 512 -20.88 16.36 5.49
CA GLN C 512 -19.47 16.62 5.26
C GLN C 512 -18.69 16.13 6.47
N LEU C 513 -18.11 14.93 6.37
CA LEU C 513 -17.39 14.31 7.47
C LEU C 513 -15.91 14.66 7.37
N GLY C 514 -15.19 14.41 8.46
CA GLY C 514 -13.79 14.76 8.55
C GLY C 514 -13.44 15.20 9.95
N GLY C 515 -12.19 14.99 10.34
CA GLY C 515 -11.77 15.28 11.69
C GLY C 515 -12.09 14.12 12.61
N ASP C 516 -11.88 14.35 13.90
CA ASP C 516 -12.07 13.28 14.88
C ASP C 516 -13.54 12.91 14.96
N SER C 517 -13.83 11.61 14.82
CA SER C 517 -15.20 11.11 14.86
C SER C 517 -15.50 10.37 16.16
N PHE C 518 -14.58 10.36 17.11
CA PHE C 518 -14.74 9.59 18.33
C PHE C 518 -15.34 10.48 19.42
N PHE C 519 -16.49 10.06 19.96
CA PHE C 519 -17.15 10.85 20.99
C PHE C 519 -16.31 10.94 22.26
N PHE C 520 -15.54 9.90 22.56
CA PHE C 520 -14.76 9.83 23.79
C PHE C 520 -13.32 10.28 23.58
N GLU C 521 -13.05 11.19 22.66
CA GLU C 521 -11.69 11.71 22.52
C GLU C 521 -11.45 12.75 23.60
N PHE C 522 -10.24 12.73 24.16
CA PHE C 522 -9.81 13.81 25.03
C PHE C 522 -9.47 15.04 24.18
N THR C 523 -9.89 16.21 24.66
CA THR C 523 -9.65 17.46 23.96
C THR C 523 -9.08 18.50 24.93
N GLY C 524 -8.53 19.57 24.36
CA GLY C 524 -8.11 20.70 25.17
C GLY C 524 -9.27 21.52 25.70
N SER C 525 -10.46 21.36 25.11
CA SER C 525 -11.68 22.01 25.55
C SER C 525 -12.42 21.17 26.58
N ASP C 526 -11.73 20.23 27.22
CA ASP C 526 -12.38 19.35 28.18
C ASP C 526 -12.63 20.10 29.49
N VAL C 527 -13.44 19.49 30.34
CA VAL C 527 -13.80 20.09 31.63
C VAL C 527 -12.68 19.81 32.61
N PRO C 528 -12.23 20.80 33.40
CA PRO C 528 -11.19 20.53 34.39
C PRO C 528 -11.58 19.35 35.28
N ARG C 529 -10.62 18.49 35.57
CA ARG C 529 -10.81 17.31 36.40
C ARG C 529 -11.67 16.26 35.69
N THR C 530 -12.05 16.48 34.43
CA THR C 530 -12.94 15.58 33.71
C THR C 530 -12.51 15.47 32.24
N THR D 27 -5.68 -12.00 -45.85
CA THR D 27 -5.85 -10.67 -46.43
C THR D 27 -7.14 -10.06 -45.92
N PRO D 28 -7.11 -8.78 -45.51
CA PRO D 28 -8.36 -8.16 -45.02
C PRO D 28 -9.49 -8.23 -46.02
N GLU D 29 -9.20 -8.00 -47.31
CA GLU D 29 -10.26 -8.05 -48.31
C GLU D 29 -10.78 -9.47 -48.51
N GLU D 30 -9.88 -10.47 -48.48
CA GLU D 30 -10.34 -11.85 -48.57
C GLU D 30 -11.34 -12.18 -47.46
N GLN D 31 -11.06 -11.73 -46.24
CA GLN D 31 -11.97 -12.02 -45.14
C GLN D 31 -13.28 -11.27 -45.27
N ARG D 32 -13.27 -10.05 -45.80
CA ARG D 32 -14.54 -9.38 -46.02
C ARG D 32 -15.33 -10.11 -47.11
N ALA D 33 -14.65 -10.60 -48.14
CA ALA D 33 -15.31 -11.37 -49.17
C ALA D 33 -15.92 -12.65 -48.60
N LYS D 34 -15.20 -13.33 -47.71
CA LYS D 34 -15.76 -14.50 -47.06
C LYS D 34 -17.00 -14.12 -46.24
N ASN D 35 -16.92 -13.01 -45.51
CA ASN D 35 -18.03 -12.56 -44.69
C ASN D 35 -19.24 -12.17 -45.55
N ALA D 36 -19.01 -11.47 -46.66
CA ALA D 36 -20.12 -11.05 -47.51
C ALA D 36 -20.91 -12.24 -48.03
N LYS D 37 -20.22 -13.32 -48.42
CA LYS D 37 -20.92 -14.51 -48.86
C LYS D 37 -21.82 -15.06 -47.76
N THR D 38 -21.28 -15.15 -46.54
CA THR D 38 -22.07 -15.63 -45.42
C THR D 38 -23.22 -14.70 -45.09
N ILE D 39 -22.96 -13.38 -45.11
CA ILE D 39 -24.01 -12.42 -44.82
C ILE D 39 -25.12 -12.51 -45.86
N LEU D 40 -24.75 -12.61 -47.14
CA LEU D 40 -25.74 -12.71 -48.20
C LEU D 40 -26.58 -13.97 -48.05
N GLU D 41 -25.96 -15.08 -47.65
CA GLU D 41 -26.72 -16.29 -47.38
C GLU D 41 -27.71 -16.09 -46.25
N ASN D 42 -27.28 -15.39 -45.18
CA ASN D 42 -28.20 -15.12 -44.07
C ASN D 42 -29.31 -14.17 -44.50
N ILE D 43 -29.01 -13.18 -45.34
CA ILE D 43 -30.06 -12.30 -45.84
C ILE D 43 -31.07 -13.08 -46.67
N GLN D 44 -30.58 -13.99 -47.53
CA GLN D 44 -31.47 -14.83 -48.32
C GLN D 44 -32.39 -15.65 -47.42
N ILE D 45 -31.81 -16.31 -46.42
CA ILE D 45 -32.60 -17.10 -45.50
C ILE D 45 -33.67 -16.23 -44.85
N TYR D 46 -33.27 -15.05 -44.37
CA TYR D 46 -34.19 -14.16 -43.67
C TYR D 46 -35.35 -13.74 -44.59
N GLU D 47 -35.02 -13.32 -45.81
CA GLU D 47 -36.07 -12.85 -46.71
C GLU D 47 -37.02 -13.98 -47.10
N ARG D 48 -36.48 -15.17 -47.33
CA ARG D 48 -37.33 -16.32 -47.68
C ARG D 48 -38.20 -16.76 -46.51
N MET D 49 -37.64 -16.76 -45.30
CA MET D 49 -38.46 -17.08 -44.14
C MET D 49 -39.57 -16.04 -43.95
N CYS D 50 -39.24 -14.75 -44.12
CA CYS D 50 -40.26 -13.72 -43.99
C CYS D 50 -41.39 -13.95 -44.99
N ASP D 51 -41.06 -14.23 -46.24
CA ASP D 51 -42.10 -14.52 -47.23
C ASP D 51 -42.94 -15.70 -46.79
N LEU D 52 -42.28 -16.76 -46.31
CA LEU D 52 -42.98 -17.97 -45.90
C LEU D 52 -43.92 -17.69 -44.73
N PHE D 53 -43.61 -16.68 -43.91
CA PHE D 53 -44.44 -16.30 -42.78
C PHE D 53 -45.29 -15.05 -43.05
N GLY D 54 -45.34 -14.58 -44.29
CA GLY D 54 -46.24 -13.50 -44.64
C GLY D 54 -45.85 -12.12 -44.17
N VAL D 55 -44.58 -11.82 -44.13
CA VAL D 55 -44.09 -10.50 -43.71
C VAL D 55 -43.95 -9.61 -44.94
N SER D 56 -44.50 -8.40 -44.87
CA SER D 56 -44.36 -7.46 -45.96
C SER D 56 -42.89 -7.07 -46.14
N GLU D 57 -42.57 -6.58 -47.35
CA GLU D 57 -41.20 -6.19 -47.63
C GLU D 57 -40.75 -5.07 -46.69
N ASP D 58 -41.62 -4.08 -46.48
CA ASP D 58 -41.29 -3.01 -45.53
C ASP D 58 -41.07 -3.57 -44.13
N ASP D 59 -41.89 -4.54 -43.72
CA ASP D 59 -41.80 -5.05 -42.37
C ASP D 59 -40.62 -6.00 -42.17
N LYS D 60 -39.91 -6.36 -43.23
CA LYS D 60 -38.69 -7.14 -43.06
C LYS D 60 -37.61 -6.33 -42.35
N LEU D 61 -37.66 -5.01 -42.45
CA LEU D 61 -36.65 -4.18 -41.81
C LEU D 61 -36.95 -3.90 -40.34
N ILE D 62 -38.03 -4.45 -39.78
CA ILE D 62 -38.31 -4.29 -38.36
C ILE D 62 -37.46 -5.30 -37.60
N ILE D 63 -36.66 -4.79 -36.65
CA ILE D 63 -35.70 -5.65 -35.94
C ILE D 63 -36.44 -6.72 -35.13
N GLU D 64 -37.60 -6.37 -34.57
CA GLU D 64 -38.34 -7.39 -33.83
C GLU D 64 -38.59 -8.62 -34.71
N ASN D 65 -38.89 -8.40 -35.99
CA ASN D 65 -39.16 -9.53 -36.88
C ASN D 65 -37.90 -10.35 -37.12
N SER D 66 -36.74 -9.70 -37.18
CA SER D 66 -35.49 -10.44 -37.28
C SER D 66 -35.22 -11.25 -36.02
N ILE D 67 -35.47 -10.68 -34.85
CA ILE D 67 -35.25 -11.42 -33.62
C ILE D 67 -36.15 -12.66 -33.57
N SER D 68 -37.41 -12.50 -33.97
CA SER D 68 -38.36 -13.60 -33.89
C SER D 68 -38.08 -14.66 -34.94
N ILE D 69 -37.73 -14.26 -36.16
CA ILE D 69 -37.40 -15.23 -37.20
C ILE D 69 -36.15 -16.03 -36.82
N GLU D 70 -35.11 -15.34 -36.35
CA GLU D 70 -33.87 -16.03 -35.98
C GLU D 70 -34.13 -17.03 -34.88
N ARG D 71 -34.93 -16.64 -33.87
CA ARG D 71 -35.28 -17.57 -32.79
C ARG D 71 -36.01 -18.79 -33.34
N MET D 72 -36.94 -18.58 -34.27
CA MET D 72 -37.73 -19.69 -34.80
C MET D 72 -36.83 -20.70 -35.50
N ILE D 73 -35.81 -20.21 -36.22
CA ILE D 73 -34.87 -21.13 -36.87
C ILE D 73 -34.15 -21.98 -35.82
N ARG D 74 -33.70 -21.35 -34.73
CA ARG D 74 -33.04 -22.10 -33.66
C ARG D 74 -33.99 -23.10 -33.02
N VAL D 75 -35.25 -22.71 -32.81
CA VAL D 75 -36.22 -23.61 -32.22
C VAL D 75 -36.51 -24.79 -33.13
N VAL D 76 -36.64 -24.52 -34.44
CA VAL D 76 -36.96 -25.60 -35.38
C VAL D 76 -35.82 -26.62 -35.42
N THR D 77 -34.58 -26.15 -35.39
CA THR D 77 -33.42 -27.04 -35.46
C THR D 77 -33.06 -27.61 -34.10
N ASP D 78 -33.80 -27.27 -33.04
CA ASP D 78 -33.56 -27.83 -31.72
C ASP D 78 -34.30 -29.16 -31.61
N LYS D 79 -33.59 -30.19 -31.20
CA LYS D 79 -34.12 -31.55 -31.27
C LYS D 79 -35.22 -31.85 -30.27
N LYS D 80 -35.32 -31.10 -29.17
CA LYS D 80 -36.33 -31.45 -28.17
C LYS D 80 -37.74 -30.99 -28.53
N TYR D 81 -37.95 -29.70 -28.74
CA TYR D 81 -39.34 -29.25 -28.85
C TYR D 81 -39.84 -29.20 -30.30
N GLN D 82 -39.22 -28.37 -31.14
CA GLN D 82 -39.63 -28.27 -32.54
C GLN D 82 -38.50 -28.78 -33.44
N ALA D 99 -49.60 -29.23 -34.61
CA ALA D 99 -48.22 -29.03 -34.15
C ALA D 99 -47.23 -29.27 -35.28
N GLY D 100 -47.71 -29.81 -36.40
CA GLY D 100 -46.89 -29.86 -37.59
C GLY D 100 -46.58 -28.49 -38.17
N LYS D 101 -47.39 -27.50 -37.86
CA LYS D 101 -47.14 -26.13 -38.23
C LYS D 101 -46.19 -25.47 -37.24
N VAL D 102 -45.40 -24.52 -37.74
CA VAL D 102 -44.48 -23.74 -36.93
C VAL D 102 -45.05 -22.32 -36.82
N PHE D 103 -45.24 -21.85 -35.59
CA PHE D 103 -45.84 -20.54 -35.35
C PHE D 103 -44.80 -19.55 -34.86
N CYS D 104 -44.90 -18.32 -35.36
CA CYS D 104 -43.93 -17.26 -35.11
C CYS D 104 -44.69 -15.96 -34.94
N ARG D 105 -44.48 -15.32 -33.78
CA ARG D 105 -45.11 -14.00 -33.50
C ARG D 105 -44.35 -12.95 -34.29
N LEU D 106 -45.06 -12.05 -34.94
CA LEU D 106 -44.41 -11.11 -35.83
C LEU D 106 -45.11 -9.76 -35.78
N VAL D 107 -44.40 -8.75 -36.26
CA VAL D 107 -44.88 -7.37 -36.30
C VAL D 107 -45.35 -7.07 -37.72
N GLU D 108 -46.51 -6.44 -37.82
CA GLU D 108 -47.07 -6.00 -39.08
C GLU D 108 -47.36 -4.51 -39.01
N SER D 109 -47.00 -3.78 -40.05
CA SER D 109 -47.26 -2.35 -40.12
C SER D 109 -48.52 -2.12 -40.94
N THR D 110 -49.42 -1.27 -40.42
CA THR D 110 -50.66 -0.89 -41.12
C THR D 110 -50.41 0.47 -41.75
N ALA D 111 -49.69 1.36 -41.08
CA ALA D 111 -49.30 2.68 -41.61
C ALA D 111 -48.09 3.12 -40.81
N GLY D 112 -48.15 4.22 -40.04
CA GLY D 112 -47.09 4.59 -39.09
C GLY D 112 -47.53 3.97 -37.80
N LYS D 113 -48.00 2.72 -37.85
CA LYS D 113 -48.60 2.00 -36.73
C LYS D 113 -48.21 0.54 -36.88
N CYS D 114 -48.24 -0.21 -35.78
CA CYS D 114 -47.85 -1.60 -35.82
C CYS D 114 -48.71 -2.43 -34.88
N SER D 115 -48.78 -3.73 -35.17
CA SER D 115 -49.55 -4.67 -34.38
C SER D 115 -48.91 -6.04 -34.49
N ALA D 116 -49.11 -6.86 -33.46
CA ALA D 116 -48.60 -8.22 -33.44
C ALA D 116 -49.56 -9.16 -34.16
N ARG D 117 -49.01 -10.13 -34.87
CA ARG D 117 -49.79 -11.18 -35.51
C ARG D 117 -49.03 -12.49 -35.35
N LEU D 118 -49.75 -13.60 -35.47
CA LEU D 118 -49.16 -14.93 -35.34
C LEU D 118 -49.02 -15.51 -36.75
N GLY D 119 -47.79 -15.57 -37.23
CA GLY D 119 -47.52 -16.19 -38.50
C GLY D 119 -47.36 -17.69 -38.38
N MET D 120 -47.71 -18.38 -39.46
CA MET D 120 -47.70 -19.84 -39.47
C MET D 120 -47.09 -20.35 -40.77
N ALA D 121 -46.24 -21.36 -40.64
CA ALA D 121 -45.66 -22.05 -41.77
C ALA D 121 -45.52 -23.52 -41.40
N LEU D 122 -45.46 -24.35 -42.43
CA LEU D 122 -45.24 -25.78 -42.23
C LEU D 122 -43.76 -26.05 -41.98
N LYS D 123 -43.50 -26.95 -41.02
CA LYS D 123 -42.11 -27.27 -40.67
C LYS D 123 -41.28 -27.74 -41.85
N PRO D 124 -41.74 -28.64 -42.71
CA PRO D 124 -40.92 -29.00 -43.88
C PRO D 124 -40.55 -27.83 -44.77
N ASN D 125 -41.46 -26.86 -44.92
CA ASN D 125 -41.16 -25.69 -45.73
C ASN D 125 -40.05 -24.84 -45.12
N VAL D 126 -40.06 -24.68 -43.80
CA VAL D 126 -38.98 -23.94 -43.14
C VAL D 126 -37.65 -24.65 -43.38
N GLU D 127 -37.62 -25.97 -43.19
CA GLU D 127 -36.41 -26.73 -43.44
C GLU D 127 -36.00 -26.64 -44.91
N ALA D 128 -36.98 -26.64 -45.81
CA ALA D 128 -36.66 -26.57 -47.24
C ALA D 128 -35.93 -25.29 -47.59
N VAL D 129 -36.31 -24.17 -46.95
CA VAL D 129 -35.64 -22.90 -47.21
C VAL D 129 -34.17 -22.97 -46.82
N LEU D 130 -33.89 -23.57 -45.68
CA LEU D 130 -32.50 -23.70 -45.25
C LEU D 130 -31.71 -24.55 -46.24
N THR D 131 -32.28 -25.65 -46.70
CA THR D 131 -31.62 -26.50 -47.68
C THR D 131 -31.40 -25.77 -48.99
N ASP D 132 -32.37 -24.97 -49.42
CA ASP D 132 -32.21 -24.25 -50.68
C ASP D 132 -31.05 -23.26 -50.62
N VAL D 133 -30.93 -22.51 -49.53
CA VAL D 133 -29.87 -21.52 -49.45
C VAL D 133 -28.53 -22.16 -49.16
N LEU D 134 -28.49 -23.06 -48.18
CA LEU D 134 -27.24 -23.63 -47.70
C LEU D 134 -26.95 -25.02 -48.24
N GLY D 135 -27.98 -25.81 -48.53
CA GLY D 135 -27.78 -27.20 -48.88
C GLY D 135 -27.47 -28.03 -47.66
N ASN D 136 -27.80 -29.31 -47.69
CA ASN D 136 -27.64 -30.18 -46.53
C ASN D 136 -26.74 -31.36 -46.88
N GLU D 137 -25.82 -31.66 -45.96
CA GLU D 137 -24.96 -32.84 -46.09
C GLU D 137 -25.09 -33.69 -44.82
N ALA D 142 -23.12 -27.93 -38.87
CA ALA D 142 -21.79 -27.48 -39.25
C ALA D 142 -21.79 -26.00 -39.61
N VAL D 143 -22.13 -25.71 -40.86
CA VAL D 143 -22.23 -24.33 -41.31
C VAL D 143 -23.42 -23.64 -40.63
N LEU D 144 -24.54 -24.34 -40.52
CA LEU D 144 -25.72 -23.77 -39.89
C LEU D 144 -25.47 -23.50 -38.40
N GLY D 145 -24.70 -24.38 -37.75
CA GLY D 145 -24.48 -24.22 -36.32
C GLY D 145 -23.83 -22.91 -35.98
N LYS D 146 -22.79 -22.54 -36.73
CA LYS D 146 -22.09 -21.29 -36.47
C LYS D 146 -23.01 -20.10 -36.73
N ARG D 147 -23.81 -20.15 -37.78
CA ARG D 147 -24.66 -18.98 -38.10
C ARG D 147 -25.78 -18.86 -37.03
N MET D 148 -26.31 -19.97 -36.55
CA MET D 148 -27.28 -19.87 -35.46
C MET D 148 -26.59 -19.52 -34.15
N GLY D 149 -25.35 -19.97 -33.95
CA GLY D 149 -24.61 -19.55 -32.79
C GLY D 149 -24.47 -18.04 -32.70
N PHE D 150 -24.23 -17.38 -33.84
CA PHE D 150 -24.12 -15.93 -33.83
C PHE D 150 -25.46 -15.27 -33.56
N THR D 151 -26.56 -15.78 -34.15
CA THR D 151 -27.86 -15.21 -33.80
C THR D 151 -28.12 -15.39 -32.31
N ALA D 152 -27.78 -16.58 -31.78
CA ALA D 152 -27.94 -16.82 -30.35
C ALA D 152 -27.08 -15.87 -29.53
N MET D 153 -25.89 -15.50 -30.03
CA MET D 153 -25.04 -14.60 -29.28
C MET D 153 -25.62 -13.19 -29.22
N PHE D 154 -26.17 -12.71 -30.33
CA PHE D 154 -26.83 -11.41 -30.29
C PHE D 154 -27.98 -11.42 -29.28
N LYS D 155 -28.79 -12.49 -29.31
CA LYS D 155 -29.93 -12.58 -28.41
C LYS D 155 -29.47 -12.56 -26.96
N SER D 156 -28.39 -13.30 -26.67
CA SER D 156 -27.82 -13.26 -25.33
C SER D 156 -27.36 -11.84 -24.98
N ASN D 157 -26.72 -11.15 -25.91
CA ASN D 157 -26.22 -9.83 -25.58
C ASN D 157 -27.36 -8.84 -25.39
N LEU D 158 -28.46 -9.02 -26.11
CA LEU D 158 -29.63 -8.18 -25.87
C LEU D 158 -30.21 -8.50 -24.50
N GLU D 159 -30.30 -9.78 -24.15
CA GLU D 159 -30.86 -10.16 -22.85
C GLU D 159 -29.96 -9.68 -21.71
N GLU D 160 -28.65 -9.63 -21.93
CA GLU D 160 -27.76 -9.10 -20.92
C GLU D 160 -28.06 -7.63 -20.63
N VAL D 161 -28.34 -6.86 -21.68
CA VAL D 161 -28.70 -5.45 -21.49
C VAL D 161 -30.04 -5.35 -20.76
N LEU D 162 -31.03 -6.13 -21.18
CA LEU D 162 -32.38 -5.97 -20.65
C LEU D 162 -32.49 -6.50 -19.22
N TYR D 163 -31.92 -7.66 -18.96
CA TYR D 163 -31.98 -8.31 -17.66
C TYR D 163 -30.56 -8.55 -17.16
N GLN D 164 -30.34 -8.31 -15.88
CA GLN D 164 -29.02 -8.51 -15.30
C GLN D 164 -28.75 -9.99 -15.06
N LYS D 172 -27.45 -19.44 -12.46
CA LYS D 172 -28.17 -20.18 -11.44
C LYS D 172 -27.22 -20.61 -10.30
N ARG D 173 -26.09 -21.20 -10.66
CA ARG D 173 -25.11 -21.69 -9.71
C ARG D 173 -23.98 -20.72 -9.36
N ASN D 174 -23.87 -19.58 -10.02
CA ASN D 174 -22.83 -18.63 -9.65
C ASN D 174 -23.40 -17.49 -8.81
N ALA D 175 -22.53 -16.92 -7.97
CA ALA D 175 -22.92 -15.80 -7.12
C ALA D 175 -23.37 -14.62 -7.96
N ALA D 176 -24.34 -13.89 -7.45
CA ALA D 176 -24.96 -12.83 -8.24
C ALA D 176 -23.92 -11.82 -8.73
N GLU D 177 -22.93 -11.51 -7.90
CA GLU D 177 -22.00 -10.43 -8.20
C GLU D 177 -21.05 -10.78 -9.32
N THR D 178 -21.00 -12.05 -9.76
CA THR D 178 -20.16 -12.47 -10.86
C THR D 178 -20.87 -12.36 -12.21
N PHE D 179 -22.04 -11.74 -12.26
CA PHE D 179 -22.82 -11.75 -13.48
C PHE D 179 -22.15 -10.98 -14.61
N THR D 180 -21.27 -10.02 -14.32
CA THR D 180 -20.55 -9.31 -15.36
C THR D 180 -19.48 -10.16 -16.05
N LEU D 181 -19.26 -11.40 -15.61
CA LEU D 181 -18.36 -12.33 -16.27
C LEU D 181 -19.12 -13.40 -17.05
N SER D 182 -20.40 -13.18 -17.31
CA SER D 182 -21.28 -14.20 -17.87
C SER D 182 -21.70 -13.86 -19.29
N GLN D 183 -20.77 -13.36 -20.09
CA GLN D 183 -21.04 -13.14 -21.50
C GLN D 183 -21.49 -14.44 -22.15
N GLY D 184 -22.51 -14.33 -23.00
CA GLY D 184 -23.02 -15.51 -23.68
C GLY D 184 -23.82 -16.46 -22.81
N ALA D 185 -24.29 -16.01 -21.66
CA ALA D 185 -24.95 -16.90 -20.72
C ALA D 185 -26.26 -17.46 -21.27
N SER D 186 -26.93 -16.75 -22.17
CA SER D 186 -28.19 -17.25 -22.71
C SER D 186 -28.02 -18.36 -23.73
N LEU D 187 -26.80 -18.59 -24.22
CA LEU D 187 -26.63 -19.57 -25.28
C LEU D 187 -27.04 -20.96 -24.82
N GLU D 188 -27.82 -21.63 -25.65
CA GLU D 188 -28.12 -23.05 -25.45
C GLU D 188 -26.82 -23.85 -25.57
N ALA D 189 -26.79 -25.01 -24.92
CA ALA D 189 -25.58 -25.81 -24.84
C ALA D 189 -24.99 -26.10 -26.22
N ARG D 190 -25.85 -26.31 -27.22
CA ARG D 190 -25.39 -26.70 -28.55
C ARG D 190 -24.55 -25.63 -29.21
N PHE D 191 -24.72 -24.36 -28.82
CA PHE D 191 -23.99 -23.27 -29.45
C PHE D 191 -22.73 -22.86 -28.69
N ARG D 192 -22.52 -23.36 -27.47
CA ARG D 192 -21.40 -22.86 -26.69
C ARG D 192 -20.05 -23.28 -27.25
N PRO D 193 -19.83 -24.54 -27.61
CA PRO D 193 -18.50 -24.89 -28.19
C PRO D 193 -18.17 -24.09 -29.42
N ILE D 194 -19.16 -23.78 -30.25
CA ILE D 194 -18.91 -23.04 -31.48
C ILE D 194 -18.52 -21.60 -31.16
N MET D 195 -19.17 -21.00 -30.16
CA MET D 195 -18.94 -19.62 -29.75
C MET D 195 -18.01 -19.53 -28.55
N GLU D 196 -17.14 -20.52 -28.39
CA GLU D 196 -16.36 -20.66 -27.16
C GLU D 196 -15.63 -19.37 -26.80
N LYS D 197 -14.90 -18.79 -27.75
CA LYS D 197 -14.08 -17.62 -27.43
C LYS D 197 -14.92 -16.42 -26.97
N HIS D 198 -16.21 -16.39 -27.32
CA HIS D 198 -17.07 -15.29 -26.91
C HIS D 198 -17.60 -15.45 -25.49
N LEU D 199 -17.46 -16.63 -24.90
CA LEU D 199 -18.02 -16.89 -23.59
C LEU D 199 -17.15 -16.31 -22.48
N GLY D 200 -17.81 -15.76 -21.46
CA GLY D 200 -17.11 -15.26 -20.31
C GLY D 200 -16.74 -16.37 -19.35
N VAL D 201 -15.85 -16.02 -18.42
CA VAL D 201 -15.39 -16.99 -17.44
C VAL D 201 -16.55 -17.53 -16.63
N GLY D 202 -17.50 -16.66 -16.25
CA GLY D 202 -18.67 -17.12 -15.50
C GLY D 202 -19.53 -18.11 -16.28
N THR D 203 -19.68 -17.88 -17.59
CA THR D 203 -20.46 -18.80 -18.42
C THR D 203 -19.78 -20.17 -18.52
N VAL D 204 -18.47 -20.18 -18.74
CA VAL D 204 -17.75 -21.46 -18.81
C VAL D 204 -17.82 -22.18 -17.48
N VAL D 205 -17.66 -21.44 -16.38
CA VAL D 205 -17.72 -22.06 -15.06
C VAL D 205 -19.10 -22.64 -14.82
N ALA D 206 -20.14 -21.94 -15.27
CA ALA D 206 -21.50 -22.48 -15.14
C ALA D 206 -21.63 -23.78 -15.93
N SER D 207 -21.08 -23.81 -17.15
CA SER D 207 -21.11 -25.05 -17.91
C SER D 207 -20.39 -26.16 -17.18
N ILE D 208 -19.22 -25.85 -16.60
CA ILE D 208 -18.47 -26.87 -15.86
C ILE D 208 -19.28 -27.36 -14.67
N LYS D 209 -19.89 -26.44 -13.93
CA LYS D 209 -20.70 -26.83 -12.79
C LYS D 209 -21.88 -27.71 -13.22
N ASN D 210 -22.53 -27.37 -14.33
CA ASN D 210 -23.61 -28.19 -14.84
C ASN D 210 -23.12 -29.60 -15.18
N ILE D 211 -21.98 -29.69 -15.86
CA ILE D 211 -21.43 -31.00 -16.23
C ILE D 211 -21.16 -31.83 -14.98
N LEU D 212 -20.49 -31.23 -13.99
CA LEU D 212 -20.11 -31.99 -12.80
C LEU D 212 -21.35 -32.50 -12.07
N ALA D 213 -22.35 -31.64 -11.90
CA ALA D 213 -23.55 -32.04 -11.15
C ALA D 213 -24.43 -33.01 -11.93
N SER D 214 -24.52 -32.85 -13.25
CA SER D 214 -25.38 -33.70 -14.07
C SER D 214 -24.80 -35.08 -14.39
N LYS D 215 -23.51 -35.29 -14.22
CA LYS D 215 -22.91 -36.56 -14.60
C LYS D 215 -21.49 -36.73 -14.06
N TRP D 235 -11.77 -33.55 -26.29
CA TRP D 235 -12.13 -34.97 -26.41
C TRP D 235 -13.04 -35.41 -25.27
N SER D 236 -13.26 -34.52 -24.31
CA SER D 236 -14.27 -34.70 -23.27
C SER D 236 -14.98 -33.38 -23.04
N PRO D 237 -16.25 -33.40 -22.64
CA PRO D 237 -16.92 -32.13 -22.33
C PRO D 237 -16.24 -31.36 -21.20
N LEU D 238 -15.88 -32.05 -20.13
CA LEU D 238 -15.20 -31.38 -19.02
C LEU D 238 -13.85 -30.83 -19.46
N GLU D 239 -13.08 -31.65 -20.17
CA GLU D 239 -11.73 -31.22 -20.63
C GLU D 239 -11.89 -30.06 -21.61
N ARG D 240 -12.89 -30.13 -22.47
CA ARG D 240 -13.14 -29.04 -23.40
C ARG D 240 -13.39 -27.74 -22.65
N GLU D 241 -14.28 -27.77 -21.66
CA GLU D 241 -14.60 -26.55 -20.91
C GLU D 241 -13.42 -26.09 -20.08
N ILE D 242 -12.71 -27.03 -19.43
CA ILE D 242 -11.54 -26.66 -18.64
C ILE D 242 -10.48 -26.05 -19.54
N SER D 243 -10.25 -26.68 -20.71
CA SER D 243 -9.29 -26.12 -21.66
C SER D 243 -9.73 -24.73 -22.10
N PHE D 244 -11.04 -24.52 -22.25
CA PHE D 244 -11.54 -23.19 -22.58
C PHE D 244 -11.25 -22.21 -21.45
N LEU D 245 -11.53 -22.63 -20.22
CA LEU D 245 -11.33 -21.75 -19.07
C LEU D 245 -9.86 -21.39 -18.91
N ASN D 246 -8.98 -22.37 -19.06
CA ASN D 246 -7.56 -22.13 -18.91
C ASN D 246 -7.09 -21.05 -19.87
N LYS D 247 -7.61 -21.06 -21.11
CA LYS D 247 -7.18 -20.05 -22.08
C LYS D 247 -7.65 -18.66 -21.68
N LYS D 248 -8.82 -18.56 -21.04
CA LYS D 248 -9.39 -17.26 -20.72
C LYS D 248 -8.81 -16.64 -19.45
N LEU D 249 -8.45 -17.47 -18.47
CA LEU D 249 -8.11 -16.96 -17.15
C LEU D 249 -6.81 -16.16 -17.18
N PHE D 250 -6.71 -15.20 -16.27
CA PHE D 250 -5.46 -14.47 -16.08
C PHE D 250 -4.33 -15.43 -15.73
N PRO D 251 -3.14 -15.25 -16.31
CA PRO D 251 -2.06 -16.22 -16.08
C PRO D 251 -1.64 -16.25 -14.61
N GLY D 252 -1.18 -17.42 -14.18
CA GLY D 252 -0.68 -17.61 -12.84
C GLY D 252 -1.26 -18.84 -12.18
N PRO D 253 -1.44 -18.79 -10.86
CA PRO D 253 -1.95 -19.98 -10.16
C PRO D 253 -3.35 -20.42 -10.59
N MET D 254 -4.16 -19.52 -11.14
CA MET D 254 -5.49 -19.94 -11.60
C MET D 254 -5.37 -20.92 -12.76
N ARG D 255 -4.47 -20.65 -13.70
CA ARG D 255 -4.24 -21.59 -14.78
C ARG D 255 -3.62 -22.88 -14.28
N GLN D 256 -2.71 -22.79 -13.29
CA GLN D 256 -2.15 -23.99 -12.69
C GLN D 256 -3.25 -24.81 -12.03
N LEU D 257 -4.20 -24.15 -11.38
CA LEU D 257 -5.30 -24.89 -10.76
C LEU D 257 -6.18 -25.54 -11.81
N CYS D 258 -6.38 -24.86 -12.95
CA CYS D 258 -7.15 -25.49 -14.02
C CYS D 258 -6.49 -26.78 -14.47
N LYS D 259 -5.16 -26.76 -14.61
CA LYS D 259 -4.45 -27.94 -15.08
C LYS D 259 -4.54 -29.11 -14.11
N LYS D 260 -4.78 -28.86 -12.83
CA LYS D 260 -4.93 -29.91 -11.84
C LYS D 260 -6.40 -30.17 -11.49
N PHE D 261 -7.32 -29.47 -12.16
CA PHE D 261 -8.73 -29.53 -11.81
C PHE D 261 -9.27 -30.96 -11.77
N GLU D 262 -8.85 -31.77 -12.72
CA GLU D 262 -9.37 -33.13 -12.82
C GLU D 262 -8.97 -33.99 -11.63
N TYR D 263 -7.91 -33.60 -10.93
CA TYR D 263 -7.36 -34.35 -9.82
C TYR D 263 -7.85 -33.87 -8.47
N LEU D 264 -8.72 -32.87 -8.46
CA LEU D 264 -9.36 -32.38 -7.25
C LEU D 264 -10.63 -33.16 -6.97
N ASN D 265 -11.02 -33.20 -5.70
CA ASN D 265 -12.30 -33.79 -5.35
C ASN D 265 -13.42 -32.79 -5.62
N ASP D 266 -14.66 -33.25 -5.45
CA ASP D 266 -15.81 -32.41 -5.81
C ASP D 266 -15.85 -31.15 -4.98
N GLN D 267 -15.52 -31.25 -3.69
CA GLN D 267 -15.52 -30.08 -2.82
C GLN D 267 -14.44 -29.10 -3.25
N GLU D 268 -13.24 -29.61 -3.53
CA GLU D 268 -12.14 -28.78 -4.00
C GLU D 268 -12.47 -28.15 -5.35
N LYS D 269 -13.12 -28.92 -6.23
CA LYS D 269 -13.50 -28.38 -7.53
C LYS D 269 -14.42 -27.18 -7.37
N GLN D 270 -15.46 -27.31 -6.54
CA GLN D 270 -16.41 -26.22 -6.38
C GLN D 270 -15.72 -24.97 -5.83
N LEU D 271 -14.84 -25.15 -4.85
CA LEU D 271 -14.10 -24.00 -4.31
C LEU D 271 -13.23 -23.36 -5.38
N ALA D 272 -12.53 -24.19 -6.18
CA ALA D 272 -11.65 -23.66 -7.20
C ALA D 272 -12.41 -22.81 -8.21
N LEU D 273 -13.57 -23.29 -8.67
CA LEU D 273 -14.35 -22.54 -9.64
C LEU D 273 -14.79 -21.20 -9.07
N ASN D 274 -15.33 -21.21 -7.85
CA ASN D 274 -15.80 -19.96 -7.28
C ASN D 274 -14.63 -19.02 -6.98
N LEU D 275 -13.48 -19.58 -6.60
CA LEU D 275 -12.31 -18.74 -6.33
C LEU D 275 -11.80 -18.09 -7.61
N MET D 276 -11.65 -18.88 -8.67
CA MET D 276 -11.21 -18.33 -9.96
C MET D 276 -12.23 -17.35 -10.50
N LEU D 277 -13.51 -17.57 -10.22
CA LEU D 277 -14.55 -16.67 -10.70
C LEU D 277 -14.51 -15.33 -9.94
N ASP D 278 -14.34 -15.38 -8.62
CA ASP D 278 -14.24 -14.14 -7.87
C ASP D 278 -13.00 -13.35 -8.29
N ALA D 279 -11.86 -14.04 -8.40
CA ALA D 279 -10.61 -13.36 -8.71
C ALA D 279 -10.65 -12.71 -10.09
N SER D 280 -11.38 -13.32 -11.03
CA SER D 280 -11.44 -12.73 -12.37
C SER D 280 -12.15 -11.39 -12.40
N LEU D 281 -12.88 -11.02 -11.34
CA LEU D 281 -13.51 -9.70 -11.31
C LEU D 281 -12.49 -8.58 -11.19
N ILE D 282 -11.25 -8.89 -10.79
CA ILE D 282 -10.14 -7.95 -10.84
C ILE D 282 -9.03 -8.44 -11.76
N LEU D 283 -8.71 -9.73 -11.73
CA LEU D 283 -7.74 -10.33 -12.66
C LEU D 283 -8.47 -10.68 -13.96
N LYS D 284 -8.64 -9.69 -14.81
CA LYS D 284 -9.60 -9.78 -15.90
C LYS D 284 -9.20 -10.90 -16.86
N PRO D 285 -10.15 -11.73 -17.29
CA PRO D 285 -9.85 -12.75 -18.30
C PRO D 285 -9.88 -12.16 -19.70
N GLN D 286 -9.50 -13.00 -20.66
CA GLN D 286 -9.56 -12.63 -22.07
C GLN D 286 -10.79 -13.27 -22.71
N VAL D 287 -11.55 -12.45 -23.42
CA VAL D 287 -12.83 -12.83 -24.03
C VAL D 287 -12.86 -12.20 -25.41
N THR D 288 -13.33 -12.95 -26.39
CA THR D 288 -13.38 -12.45 -27.76
C THR D 288 -14.72 -11.74 -28.00
N HIS D 289 -14.66 -10.59 -28.66
CA HIS D 289 -15.84 -9.76 -28.91
C HIS D 289 -15.97 -9.51 -30.40
N LYS D 290 -17.20 -9.63 -30.91
CA LYS D 290 -17.52 -9.25 -32.28
C LYS D 290 -18.80 -8.42 -32.29
N MET D 291 -18.94 -7.65 -33.37
CA MET D 291 -20.17 -6.89 -33.63
C MET D 291 -21.14 -7.82 -34.32
N ILE D 292 -22.15 -8.27 -33.60
CA ILE D 292 -23.12 -9.23 -34.12
C ILE D 292 -24.47 -8.53 -34.12
N MET D 293 -24.99 -8.25 -35.30
CA MET D 293 -26.27 -7.57 -35.41
C MET D 293 -27.29 -8.47 -36.06
N PRO D 294 -28.58 -8.17 -35.89
CA PRO D 294 -29.63 -8.98 -36.53
C PRO D 294 -29.51 -8.99 -38.05
N TRP D 295 -29.98 -10.10 -38.63
CA TRP D 295 -30.00 -10.24 -40.08
C TRP D 295 -30.70 -9.07 -40.76
N SER D 296 -31.81 -8.60 -40.17
CA SER D 296 -32.54 -7.49 -40.78
C SER D 296 -31.65 -6.26 -40.94
N MET D 297 -30.73 -6.03 -40.01
CA MET D 297 -29.88 -4.85 -40.10
C MET D 297 -28.87 -5.02 -41.23
N TRP D 298 -28.35 -6.24 -41.41
CA TRP D 298 -27.51 -6.52 -42.58
C TRP D 298 -28.31 -6.34 -43.86
N LEU D 299 -29.57 -6.81 -43.88
CA LEU D 299 -30.43 -6.54 -45.01
C LEU D 299 -30.53 -5.04 -45.26
N ALA D 300 -30.64 -4.25 -44.20
CA ALA D 300 -30.70 -2.80 -44.35
C ALA D 300 -29.42 -2.25 -44.93
N VAL D 301 -28.26 -2.83 -44.57
CA VAL D 301 -26.99 -2.40 -45.15
C VAL D 301 -26.99 -2.67 -46.67
N LYS D 302 -27.43 -3.85 -47.06
CA LYS D 302 -27.51 -4.19 -48.49
C LYS D 302 -28.45 -3.23 -49.22
N LYS D 303 -29.62 -2.98 -48.65
CA LYS D 303 -30.60 -2.15 -49.35
C LYS D 303 -30.10 -0.72 -49.51
N TYR D 304 -29.45 -0.16 -48.47
CA TYR D 304 -28.87 1.17 -48.59
C TYR D 304 -27.76 1.23 -49.63
N ALA D 305 -26.88 0.21 -49.64
CA ALA D 305 -25.80 0.20 -50.62
C ALA D 305 -26.34 0.20 -52.04
N GLU D 306 -27.38 -0.61 -52.28
CA GLU D 306 -28.00 -0.70 -53.60
C GLU D 306 -28.70 0.60 -53.98
N MET D 307 -29.34 1.25 -53.02
CA MET D 307 -30.15 2.42 -53.30
C MET D 307 -29.29 3.66 -53.54
N ASN D 308 -28.19 3.81 -52.80
CA ASN D 308 -27.31 4.98 -52.88
C ASN D 308 -25.96 4.63 -53.50
N LYS D 309 -25.59 5.37 -54.56
CA LYS D 309 -24.34 5.05 -55.26
C LYS D 309 -23.12 5.44 -54.44
N GLY D 310 -23.22 6.54 -53.69
CA GLY D 310 -22.13 7.00 -52.85
C GLY D 310 -21.86 6.17 -51.63
N SER D 311 -22.66 5.17 -51.39
CA SER D 311 -22.45 4.42 -50.17
C SER D 311 -21.45 3.29 -50.39
N PRO D 312 -20.74 2.90 -49.33
CA PRO D 312 -19.84 1.74 -49.42
C PRO D 312 -20.66 0.49 -49.75
N SER D 313 -19.98 -0.47 -50.36
CA SER D 313 -20.66 -1.72 -50.71
C SER D 313 -20.83 -2.60 -49.47
N LEU D 314 -21.66 -3.63 -49.61
CA LEU D 314 -21.82 -4.58 -48.52
C LEU D 314 -20.50 -5.28 -48.23
N GLU D 315 -19.79 -5.70 -49.28
CA GLU D 315 -18.50 -6.36 -49.08
C GLU D 315 -17.52 -5.41 -48.41
N ASP D 316 -17.63 -4.12 -48.73
CA ASP D 316 -16.80 -3.12 -48.05
C ASP D 316 -17.12 -3.06 -46.56
N LEU D 317 -18.38 -3.27 -46.18
CA LEU D 317 -18.80 -3.18 -44.79
C LEU D 317 -18.94 -4.54 -44.12
N ALA D 318 -18.51 -5.60 -44.79
CA ALA D 318 -18.70 -6.97 -44.28
C ALA D 318 -17.60 -7.29 -43.28
N ALA D 319 -17.65 -6.59 -42.15
CA ALA D 319 -16.68 -6.76 -41.07
C ALA D 319 -17.39 -6.89 -39.73
N TYR D 320 -16.90 -7.80 -38.90
CA TYR D 320 -17.40 -7.97 -37.55
C TYR D 320 -16.51 -7.29 -36.51
N SER D 321 -15.46 -6.61 -36.96
CA SER D 321 -14.55 -5.90 -36.08
C SER D 321 -13.94 -4.73 -36.86
N GLY D 322 -13.31 -3.82 -36.13
CA GLY D 322 -12.69 -2.67 -36.73
C GLY D 322 -13.69 -1.58 -37.08
N VAL D 323 -13.19 -0.54 -37.73
CA VAL D 323 -14.02 0.61 -38.03
C VAL D 323 -15.13 0.23 -39.00
N ARG D 324 -14.87 -0.73 -39.90
CA ARG D 324 -15.89 -1.12 -40.88
C ARG D 324 -17.12 -1.72 -40.21
N ALA D 325 -16.94 -2.36 -39.05
CA ALA D 325 -18.11 -2.86 -38.31
C ALA D 325 -18.98 -1.71 -37.81
N PHE D 326 -18.35 -0.67 -37.26
CA PHE D 326 -19.12 0.48 -36.81
C PHE D 326 -19.82 1.16 -37.96
N MET D 327 -19.14 1.27 -39.11
CA MET D 327 -19.79 1.81 -40.29
C MET D 327 -20.93 0.93 -40.75
N ALA D 328 -20.76 -0.40 -40.63
CA ALA D 328 -21.85 -1.31 -40.97
C ALA D 328 -23.06 -1.05 -40.09
N PHE D 329 -22.84 -0.92 -38.78
CA PHE D 329 -23.95 -0.64 -37.87
C PHE D 329 -24.59 0.71 -38.18
N ASN D 330 -23.75 1.74 -38.35
CA ASN D 330 -24.28 3.07 -38.63
C ASN D 330 -25.06 3.08 -39.94
N THR D 331 -24.55 2.39 -40.96
CA THR D 331 -25.25 2.32 -42.24
C THR D 331 -26.56 1.56 -42.11
N ALA D 332 -26.57 0.47 -41.34
CA ALA D 332 -27.79 -0.31 -41.17
C ALA D 332 -28.91 0.54 -40.57
N CYS D 333 -28.57 1.56 -39.79
CA CYS D 333 -29.57 2.35 -39.09
C CYS D 333 -30.26 3.36 -39.98
N TYR D 334 -29.83 3.53 -41.23
CA TYR D 334 -30.56 4.40 -42.14
C TYR D 334 -31.98 3.88 -42.40
N MET D 335 -32.11 2.56 -42.57
CA MET D 335 -33.37 1.95 -42.95
C MET D 335 -33.95 0.99 -41.93
N SER D 336 -33.20 0.60 -40.90
CA SER D 336 -33.72 -0.35 -39.94
C SER D 336 -34.83 0.30 -39.11
N LYS D 337 -35.67 -0.55 -38.54
CA LYS D 337 -36.83 -0.12 -37.79
C LYS D 337 -36.97 -0.93 -36.52
N PHE D 338 -37.63 -0.35 -35.52
CA PHE D 338 -38.08 -1.07 -34.32
C PHE D 338 -39.43 -0.50 -33.90
N THR D 339 -40.03 -1.11 -32.89
CA THR D 339 -41.37 -0.76 -32.46
C THR D 339 -41.31 -0.01 -31.13
N ILE D 340 -42.20 0.97 -30.99
CA ILE D 340 -42.40 1.69 -29.73
C ILE D 340 -43.80 1.33 -29.25
N GLY D 341 -43.89 0.73 -28.07
CA GLY D 341 -45.16 0.31 -27.52
C GLY D 341 -45.28 0.66 -26.05
N LYS D 342 -46.40 0.26 -25.46
CA LYS D 342 -46.68 0.46 -24.06
C LYS D 342 -46.24 -0.76 -23.27
N GLY D 343 -45.39 -0.51 -22.27
CA GLY D 343 -44.85 -1.60 -21.48
C GLY D 343 -43.35 -1.71 -21.63
N ILE D 344 -42.63 -1.44 -20.55
CA ILE D 344 -41.19 -1.62 -20.49
C ILE D 344 -40.90 -2.78 -19.55
N VAL D 345 -39.67 -3.29 -19.64
CA VAL D 345 -39.22 -4.28 -18.65
C VAL D 345 -39.23 -3.63 -17.28
N GLY D 346 -40.06 -4.16 -16.38
CA GLY D 346 -40.22 -3.61 -15.06
C GLY D 346 -41.60 -3.03 -14.78
N ASP D 347 -42.06 -2.12 -15.64
CA ASP D 347 -43.39 -1.54 -15.51
C ASP D 347 -44.16 -1.78 -16.81
N ALA D 348 -45.32 -2.43 -16.71
CA ALA D 348 -46.14 -2.71 -17.88
C ALA D 348 -46.99 -1.53 -18.32
N GLU D 349 -47.01 -0.44 -17.55
CA GLU D 349 -47.87 0.70 -17.81
C GLU D 349 -47.12 1.91 -18.37
N ILE D 350 -45.80 1.82 -18.56
CA ILE D 350 -44.99 2.94 -19.00
C ILE D 350 -44.67 2.80 -20.48
N MET D 351 -44.61 3.94 -21.16
CA MET D 351 -44.37 3.96 -22.59
C MET D 351 -42.88 3.90 -22.89
N GLU D 352 -42.52 3.17 -23.93
CA GLU D 352 -41.13 3.10 -24.37
C GLU D 352 -40.67 4.41 -24.99
N ASN D 353 -39.38 4.66 -24.87
CA ASN D 353 -38.74 5.84 -25.45
C ASN D 353 -37.82 5.42 -26.58
N GLY D 354 -37.89 6.16 -27.70
CA GLY D 354 -37.15 5.77 -28.89
C GLY D 354 -35.65 5.80 -28.69
N ASN D 355 -35.13 6.88 -28.10
CA ASN D 355 -33.69 6.97 -27.89
C ASN D 355 -33.21 5.88 -26.92
N ASP D 356 -34.00 5.59 -25.89
CA ASP D 356 -33.64 4.54 -24.94
C ASP D 356 -33.57 3.19 -25.64
N LYS D 357 -34.48 2.92 -26.57
CA LYS D 357 -34.40 1.65 -27.29
C LYS D 357 -33.20 1.64 -28.23
N MET D 358 -32.87 2.80 -28.82
CA MET D 358 -31.71 2.87 -29.69
C MET D 358 -30.44 2.54 -28.92
N GLN D 359 -30.28 3.11 -27.72
CA GLN D 359 -29.11 2.78 -26.91
C GLN D 359 -29.07 1.29 -26.61
N THR D 360 -30.21 0.72 -26.26
CA THR D 360 -30.28 -0.71 -25.96
C THR D 360 -29.86 -1.53 -27.17
N LEU D 361 -30.32 -1.13 -28.36
CA LEU D 361 -29.94 -1.83 -29.58
C LEU D 361 -28.44 -1.74 -29.80
N ALA D 362 -27.89 -0.52 -29.68
CA ALA D 362 -26.46 -0.34 -29.87
C ALA D 362 -25.66 -1.17 -28.89
N MET D 363 -26.09 -1.21 -27.62
CA MET D 363 -25.37 -2.01 -26.65
C MET D 363 -25.46 -3.50 -26.97
N ALA D 364 -26.62 -3.94 -27.44
CA ALA D 364 -26.79 -5.37 -27.74
C ALA D 364 -25.88 -5.81 -28.87
N CYS D 365 -25.80 -5.02 -29.94
CA CYS D 365 -25.04 -5.43 -31.10
C CYS D 365 -23.55 -5.52 -30.81
N PHE D 366 -23.04 -4.73 -29.85
CA PHE D 366 -21.64 -4.73 -29.51
C PHE D 366 -21.33 -5.42 -28.18
N GLY D 367 -22.34 -5.96 -27.50
CA GLY D 367 -22.14 -6.65 -26.25
C GLY D 367 -21.62 -5.77 -25.14
N LEU D 368 -22.23 -4.60 -24.96
CA LEU D 368 -21.67 -3.55 -24.12
C LEU D 368 -22.28 -3.48 -22.73
N ALA D 369 -23.15 -4.42 -22.37
CA ALA D 369 -23.85 -4.34 -21.10
C ALA D 369 -22.88 -4.16 -19.94
N TYR D 370 -21.80 -4.94 -19.93
CA TYR D 370 -20.86 -4.96 -18.83
C TYR D 370 -19.69 -4.01 -19.01
N GLU D 371 -19.69 -3.23 -20.07
CA GLU D 371 -18.60 -2.31 -20.36
C GLU D 371 -18.70 -1.04 -19.51
N ASP D 372 -17.54 -0.42 -19.29
CA ASP D 372 -17.46 0.87 -18.66
C ASP D 372 -18.36 1.87 -19.38
N THR D 373 -19.34 2.40 -18.65
CA THR D 373 -20.28 3.33 -19.28
C THR D 373 -19.58 4.58 -19.78
N GLY D 374 -18.48 4.98 -19.14
CA GLY D 374 -17.74 6.13 -19.63
C GLY D 374 -17.18 5.90 -21.01
N ILE D 375 -16.66 4.70 -21.26
CA ILE D 375 -16.18 4.34 -22.58
C ILE D 375 -17.32 4.43 -23.59
N VAL D 376 -18.46 3.80 -23.26
CA VAL D 376 -19.58 3.76 -24.19
C VAL D 376 -20.10 5.17 -24.44
N ALA D 377 -20.19 5.98 -23.39
CA ALA D 377 -20.72 7.33 -23.51
C ALA D 377 -19.92 8.17 -24.48
N ALA D 378 -18.61 7.94 -24.57
CA ALA D 378 -17.77 8.73 -25.45
C ALA D 378 -17.94 8.38 -26.93
N MET D 379 -18.64 7.29 -27.25
CA MET D 379 -18.73 6.81 -28.63
C MET D 379 -20.12 6.94 -29.25
N ILE D 380 -21.17 7.18 -28.45
CA ILE D 380 -22.54 7.17 -28.96
C ILE D 380 -23.01 8.60 -29.15
N SER D 381 -24.10 8.75 -29.91
CA SER D 381 -24.60 10.06 -30.33
C SER D 381 -25.69 10.61 -29.42
N GLN D 382 -26.02 9.93 -28.33
CA GLN D 382 -27.02 10.40 -27.38
C GLN D 382 -26.44 10.32 -25.97
N PRO D 383 -26.96 11.12 -25.04
CA PRO D 383 -26.49 11.01 -23.65
C PRO D 383 -26.63 9.59 -23.13
N MET D 384 -25.57 9.10 -22.48
CA MET D 384 -25.57 7.75 -21.96
C MET D 384 -26.43 7.66 -20.71
N LYS D 385 -27.27 6.62 -20.66
CA LYS D 385 -28.20 6.38 -19.57
C LYS D 385 -27.88 5.04 -18.92
N LYS D 386 -28.06 5.00 -17.61
CA LYS D 386 -27.91 3.75 -16.88
C LYS D 386 -29.09 2.85 -17.20
N ARG D 387 -28.97 1.58 -16.81
CA ARG D 387 -29.98 0.61 -17.23
C ARG D 387 -31.38 1.05 -16.84
N TYR D 388 -31.58 1.42 -15.58
CA TYR D 388 -32.91 1.64 -15.04
C TYR D 388 -33.41 3.07 -15.24
N GLN D 389 -32.66 3.88 -15.97
CA GLN D 389 -33.17 5.12 -16.54
C GLN D 389 -33.71 4.93 -17.95
N LEU D 390 -33.65 3.71 -18.49
CA LEU D 390 -34.09 3.43 -19.85
C LEU D 390 -35.53 2.94 -19.84
N ARG D 391 -36.35 3.52 -20.71
CA ARG D 391 -37.75 3.11 -20.89
C ARG D 391 -37.78 2.19 -22.10
N VAL D 392 -37.42 0.93 -21.89
CA VAL D 392 -37.21 -0.03 -22.96
C VAL D 392 -37.95 -1.31 -22.63
N GLY D 393 -38.54 -1.93 -23.66
CA GLY D 393 -39.23 -3.19 -23.53
C GLY D 393 -38.37 -4.37 -23.90
N ASN D 394 -39.03 -5.51 -24.11
CA ASN D 394 -38.35 -6.78 -24.30
C ASN D 394 -38.04 -7.09 -25.77
N PHE D 395 -38.29 -6.15 -26.68
CA PHE D 395 -38.02 -6.30 -28.10
C PHE D 395 -38.85 -7.40 -28.75
N ASN D 396 -39.85 -7.91 -28.07
CA ASN D 396 -40.83 -8.77 -28.70
C ASN D 396 -41.90 -7.94 -29.38
N PRO D 397 -42.61 -8.54 -30.33
CA PRO D 397 -43.66 -7.79 -31.06
C PRO D 397 -44.72 -7.29 -30.09
N PRO D 398 -44.96 -5.98 -30.03
CA PRO D 398 -46.04 -5.47 -29.19
C PRO D 398 -47.40 -5.66 -29.84
N GLU D 399 -48.41 -5.81 -28.99
CA GLU D 399 -49.78 -5.92 -29.49
C GLU D 399 -50.19 -4.67 -30.26
N GLU D 400 -49.83 -3.51 -29.76
CA GLU D 400 -50.07 -2.24 -30.44
C GLU D 400 -48.85 -1.35 -30.23
N GLY D 401 -48.54 -0.54 -31.24
CA GLY D 401 -47.44 0.39 -31.09
C GLY D 401 -47.23 1.19 -32.34
N THR D 402 -46.13 1.94 -32.35
CA THR D 402 -45.73 2.74 -33.49
C THR D 402 -44.36 2.27 -33.96
N ILE D 403 -44.10 2.43 -35.25
CA ILE D 403 -42.81 2.07 -35.82
C ILE D 403 -41.90 3.29 -35.81
N LYS D 404 -40.65 3.07 -35.39
CA LYS D 404 -39.63 4.09 -35.28
C LYS D 404 -38.37 3.67 -36.00
N GLY D 405 -37.76 4.63 -36.70
CA GLY D 405 -36.51 4.36 -37.36
C GLY D 405 -35.33 4.37 -36.40
N THR D 406 -34.34 3.54 -36.71
CA THR D 406 -33.06 3.60 -36.02
C THR D 406 -32.34 4.89 -36.39
N SER D 407 -31.41 5.29 -35.51
CA SER D 407 -30.68 6.54 -35.68
C SER D 407 -29.38 6.28 -36.43
N ALA D 408 -29.25 6.87 -37.61
CA ALA D 408 -28.02 6.72 -38.38
C ALA D 408 -26.91 7.57 -37.78
N GLY D 409 -25.68 7.08 -37.90
CA GLY D 409 -24.54 7.78 -37.33
C GLY D 409 -24.46 7.70 -35.82
N TYR D 410 -25.02 6.63 -35.23
CA TYR D 410 -25.08 6.56 -33.78
C TYR D 410 -23.69 6.58 -33.15
N PHE D 411 -22.74 5.87 -33.74
CA PHE D 411 -21.36 5.88 -33.25
C PHE D 411 -20.61 6.98 -33.98
N HIS D 412 -20.22 8.04 -33.25
CA HIS D 412 -19.34 9.06 -33.80
C HIS D 412 -17.87 8.78 -33.50
N LYS D 413 -17.58 7.80 -32.66
CA LYS D 413 -16.24 7.33 -32.41
C LYS D 413 -16.27 5.81 -32.36
N TRP D 414 -15.11 5.20 -32.60
CA TRP D 414 -14.99 3.76 -32.64
C TRP D 414 -13.72 3.33 -31.93
N ALA D 415 -13.58 2.03 -31.74
CA ALA D 415 -12.38 1.46 -31.14
C ALA D 415 -12.29 0.02 -31.59
N GLU D 416 -11.10 -0.55 -31.44
CA GLU D 416 -10.92 -1.97 -31.69
C GLU D 416 -11.46 -2.76 -30.51
N PHE D 417 -11.72 -4.04 -30.75
CA PHE D 417 -12.14 -4.93 -29.69
C PHE D 417 -10.94 -5.39 -28.88
N GLY D 418 -11.11 -5.47 -27.57
CA GLY D 418 -10.09 -6.05 -26.72
C GLY D 418 -10.35 -7.53 -26.52
N ASN D 419 -9.70 -8.37 -27.31
CA ASN D 419 -9.94 -9.81 -27.29
C ASN D 419 -8.85 -10.56 -26.55
N ARG D 420 -7.90 -9.83 -25.96
CA ARG D 420 -6.78 -10.39 -25.21
C ARG D 420 -6.87 -9.95 -23.75
N LEU D 421 -5.95 -10.43 -22.94
CA LEU D 421 -5.95 -10.11 -21.52
C LEU D 421 -5.88 -8.61 -21.29
N PRO D 422 -6.84 -8.02 -20.57
CA PRO D 422 -6.83 -6.55 -20.42
C PRO D 422 -5.57 -6.00 -19.79
N PHE D 423 -4.93 -6.73 -18.85
CA PHE D 423 -3.76 -6.21 -18.18
C PHE D 423 -2.52 -6.23 -19.07
N ASN D 424 -2.54 -6.99 -20.15
CA ASN D 424 -1.52 -6.86 -21.18
C ASN D 424 -1.73 -5.57 -21.96
N SER D 425 -0.69 -5.17 -22.69
CA SER D 425 -0.77 -3.98 -23.53
C SER D 425 -1.42 -4.36 -24.85
N PHE D 426 -1.95 -3.36 -25.53
CA PHE D 426 -2.69 -3.59 -26.77
C PHE D 426 -2.11 -2.79 -27.93
N GLY D 427 -1.89 -3.48 -29.05
CA GLY D 427 -1.67 -2.85 -30.32
C GLY D 427 -0.39 -2.02 -30.39
N THR D 428 -0.41 -1.07 -31.34
CA THR D 428 0.71 -0.16 -31.49
C THR D 428 0.82 0.76 -30.28
N GLY D 429 2.03 1.13 -29.94
CA GLY D 429 2.27 1.96 -28.79
C GLY D 429 2.50 1.21 -27.49
N GLU D 430 3.11 0.02 -27.57
CA GLU D 430 3.47 -0.76 -26.39
C GLU D 430 4.96 -1.08 -26.47
N SER D 431 5.46 -1.94 -25.59
CA SER D 431 6.83 -2.44 -25.71
C SER D 431 7.07 -3.41 -24.56
N LYS D 432 8.15 -4.17 -24.68
CA LYS D 432 8.51 -5.16 -23.67
C LYS D 432 9.39 -4.58 -22.57
N GLN D 433 9.81 -3.32 -22.68
CA GLN D 433 10.58 -2.68 -21.62
C GLN D 433 9.63 -2.30 -20.49
N ILE D 434 9.89 -2.82 -19.30
CA ILE D 434 9.10 -2.52 -18.10
C ILE D 434 9.94 -1.97 -16.97
N SER D 435 11.24 -1.78 -17.18
CA SER D 435 12.12 -1.28 -16.14
C SER D 435 13.30 -0.57 -16.79
N ASN D 436 14.01 0.19 -15.97
CA ASN D 436 15.27 0.83 -16.33
C ASN D 436 16.36 0.20 -15.48
N SER D 437 17.55 0.02 -16.06
CA SER D 437 18.74 -0.34 -15.31
C SER D 437 19.61 0.89 -15.19
N GLY D 438 19.82 1.36 -13.97
CA GLY D 438 20.53 2.61 -13.77
C GLY D 438 21.99 2.48 -14.17
N VAL D 439 22.50 3.55 -14.79
CA VAL D 439 23.89 3.66 -15.19
C VAL D 439 24.60 4.78 -14.44
N PHE D 440 24.00 5.96 -14.39
CA PHE D 440 24.55 7.12 -13.73
C PHE D 440 23.99 7.22 -12.32
N ALA D 441 24.85 7.58 -11.36
CA ALA D 441 24.43 7.72 -9.96
C ALA D 441 23.66 9.03 -9.84
N VAL D 442 22.43 9.01 -10.33
CA VAL D 442 21.57 10.19 -10.29
C VAL D 442 20.28 9.80 -9.57
N GLN D 443 19.94 10.54 -8.53
CA GLN D 443 18.72 10.29 -7.76
C GLN D 443 17.51 10.29 -8.68
N ARG D 444 16.71 9.23 -8.61
CA ARG D 444 15.55 9.10 -9.47
C ARG D 444 14.54 8.21 -8.77
N PRO D 445 13.26 8.38 -9.03
CA PRO D 445 12.26 7.42 -8.54
C PRO D 445 12.39 6.08 -9.28
N SER D 446 11.90 5.04 -8.63
CA SER D 446 11.76 3.76 -9.33
C SER D 446 10.74 3.90 -10.44
N THR D 447 11.07 3.37 -11.61
CA THR D 447 10.24 3.48 -12.80
C THR D 447 9.67 2.14 -13.23
N THR D 448 9.84 1.10 -12.42
CA THR D 448 9.41 -0.23 -12.80
C THR D 448 7.89 -0.30 -12.84
N ASN D 449 7.36 -0.97 -13.88
CA ASN D 449 5.93 -1.15 -14.05
C ASN D 449 5.50 -2.35 -13.20
N ILE D 450 4.85 -2.05 -12.07
CA ILE D 450 4.50 -3.10 -11.11
C ILE D 450 3.46 -4.06 -11.70
N GLN D 451 2.48 -3.51 -12.43
CA GLN D 451 1.48 -4.35 -13.07
C GLN D 451 2.13 -5.35 -14.02
N ARG D 452 3.01 -4.87 -14.89
CA ARG D 452 3.65 -5.75 -15.87
C ARG D 452 4.59 -6.74 -15.20
N LEU D 453 5.28 -6.31 -14.13
CA LEU D 453 6.11 -7.23 -13.37
C LEU D 453 5.27 -8.34 -12.74
N ALA D 454 4.13 -7.99 -12.15
CA ALA D 454 3.27 -9.01 -11.57
C ALA D 454 2.79 -10.01 -12.63
N GLU D 455 2.39 -9.51 -13.79
CA GLU D 455 1.99 -10.43 -14.85
C GLU D 455 3.18 -11.30 -15.29
N LEU D 456 4.37 -10.71 -15.40
CA LEU D 456 5.53 -11.50 -15.80
C LEU D 456 5.77 -12.63 -14.81
N MET D 457 5.76 -12.32 -13.52
CA MET D 457 5.97 -13.36 -12.51
C MET D 457 4.84 -14.38 -12.53
N ALA D 458 3.64 -13.95 -12.96
CA ALA D 458 2.54 -14.89 -13.10
C ALA D 458 2.81 -15.93 -14.19
N ARG D 459 3.45 -15.52 -15.27
CA ARG D 459 3.70 -16.45 -16.38
C ARG D 459 4.99 -17.24 -16.21
N ASN D 460 5.93 -16.75 -15.41
CA ASN D 460 7.31 -17.21 -15.40
C ASN D 460 7.67 -18.06 -14.20
N THR D 461 6.98 -17.87 -13.07
CA THR D 461 7.35 -18.55 -11.83
C THR D 461 6.29 -19.53 -11.36
N GLY D 462 5.87 -20.45 -12.23
CA GLY D 462 4.85 -21.42 -11.88
C GLY D 462 5.51 -22.69 -11.37
N GLU D 463 5.04 -23.14 -10.20
CA GLU D 463 5.51 -24.36 -9.56
C GLU D 463 4.52 -25.50 -9.78
N THR D 464 5.04 -26.67 -10.15
CA THR D 464 4.20 -27.82 -10.43
C THR D 464 3.93 -28.68 -9.20
N SER D 465 4.78 -28.62 -8.20
CA SER D 465 4.55 -29.37 -6.96
C SER D 465 3.52 -28.71 -6.05
N ASP D 466 2.98 -27.55 -6.43
CA ASP D 466 1.95 -26.89 -5.62
C ASP D 466 0.67 -27.73 -5.64
N ASN D 467 0.12 -28.01 -4.46
CA ASN D 467 -1.13 -28.73 -4.34
C ASN D 467 -2.29 -27.74 -4.28
N PHE D 468 -3.50 -28.24 -4.01
CA PHE D 468 -4.69 -27.40 -4.01
C PHE D 468 -4.57 -26.27 -2.99
N THR D 469 -4.17 -26.59 -1.76
CA THR D 469 -4.11 -25.57 -0.71
C THR D 469 -3.10 -24.48 -1.07
N GLN D 470 -1.94 -24.88 -1.59
CA GLN D 470 -0.92 -23.90 -1.95
C GLN D 470 -1.38 -23.01 -3.10
N LEU D 471 -2.00 -23.59 -4.12
CA LEU D 471 -2.51 -22.80 -5.23
C LEU D 471 -3.62 -21.85 -4.81
N VAL D 472 -4.53 -22.31 -3.95
CA VAL D 472 -5.59 -21.43 -3.47
C VAL D 472 -4.99 -20.20 -2.80
N GLN D 473 -4.00 -20.40 -1.93
CA GLN D 473 -3.37 -19.27 -1.26
C GLN D 473 -2.72 -18.33 -2.27
N LYS D 474 -2.01 -18.88 -3.25
CA LYS D 474 -1.35 -18.02 -4.23
C LYS D 474 -2.37 -17.25 -5.07
N ILE D 475 -3.58 -17.79 -5.25
CA ILE D 475 -4.61 -17.04 -5.95
C ILE D 475 -5.06 -15.86 -5.10
N ARG D 476 -5.25 -16.07 -3.80
CA ARG D 476 -5.62 -14.96 -2.93
C ARG D 476 -4.54 -13.88 -2.95
N GLU D 477 -3.27 -14.30 -2.90
CA GLU D 477 -2.16 -13.36 -2.90
C GLU D 477 -2.07 -12.60 -4.22
N GLN D 478 -2.34 -13.26 -5.35
CA GLN D 478 -2.36 -12.56 -6.62
C GLN D 478 -3.49 -11.52 -6.67
N VAL D 479 -4.68 -11.88 -6.19
CA VAL D 479 -5.75 -10.90 -6.07
C VAL D 479 -5.30 -9.74 -5.17
N GLY D 480 -4.67 -10.08 -4.04
CA GLY D 480 -4.20 -9.04 -3.12
C GLY D 480 -3.18 -8.11 -3.74
N THR D 481 -2.24 -8.67 -4.52
CA THR D 481 -1.20 -7.84 -5.12
C THR D 481 -1.80 -6.81 -6.08
N PHE D 482 -2.77 -7.22 -6.90
CA PHE D 482 -3.40 -6.27 -7.81
C PHE D 482 -4.38 -5.35 -7.09
N ALA D 483 -5.06 -5.85 -6.05
CA ALA D 483 -5.93 -4.99 -5.26
C ALA D 483 -5.12 -3.88 -4.61
N ASP D 484 -3.88 -4.16 -4.24
CA ASP D 484 -3.00 -3.11 -3.64
C ASP D 484 -2.71 -2.01 -4.66
N GLN D 485 -2.57 -2.34 -5.94
CA GLN D 485 -2.20 -1.35 -6.99
C GLN D 485 -3.41 -0.72 -7.68
N LYS D 486 -4.63 -1.10 -7.30
CA LYS D 486 -5.85 -0.62 -8.02
C LYS D 486 -5.68 0.80 -8.56
N ALA D 487 -5.22 1.73 -7.73
CA ALA D 487 -5.15 3.12 -8.18
C ALA D 487 -4.28 3.27 -9.42
N ASN D 488 -3.27 2.42 -9.57
CA ASN D 488 -2.37 2.48 -10.72
C ASN D 488 -2.64 1.43 -11.78
N LEU D 489 -3.55 0.48 -11.52
CA LEU D 489 -3.86 -0.54 -12.52
C LEU D 489 -4.51 0.09 -13.74
N ARG D 490 -4.01 -0.30 -14.91
CA ARG D 490 -4.58 0.15 -16.19
C ARG D 490 -4.87 -1.07 -17.05
N GLU D 491 -6.01 -1.04 -17.72
CA GLU D 491 -6.40 -2.09 -18.66
C GLU D 491 -6.32 -1.56 -20.08
N PHE D 492 -5.91 -2.43 -21.00
CA PHE D 492 -5.79 -2.08 -22.41
C PHE D 492 -4.89 -0.87 -22.61
N THR D 493 -3.73 -0.89 -21.94
CA THR D 493 -2.76 0.18 -22.10
C THR D 493 -2.36 0.29 -23.58
N GLY D 494 -2.33 1.52 -24.07
CA GLY D 494 -2.00 1.77 -25.45
C GLY D 494 -3.18 1.76 -26.40
N GLY D 495 -4.37 1.46 -25.92
CA GLY D 495 -5.57 1.41 -26.75
C GLY D 495 -6.30 2.74 -26.66
N TYR D 496 -6.77 3.21 -27.81
CA TYR D 496 -7.42 4.51 -27.90
C TYR D 496 -8.72 4.40 -28.69
N ILE D 497 -9.54 5.43 -28.56
CA ILE D 497 -10.76 5.57 -29.36
C ILE D 497 -10.42 6.49 -30.52
N TYR D 498 -11.10 6.29 -31.64
CA TYR D 498 -10.86 7.09 -32.83
C TYR D 498 -12.18 7.59 -33.37
N ASP D 499 -12.13 8.73 -34.04
CA ASP D 499 -13.30 9.27 -34.71
C ASP D 499 -13.75 8.34 -35.82
N ILE D 500 -15.06 8.34 -36.07
CA ILE D 500 -15.62 7.44 -37.08
C ILE D 500 -15.07 7.74 -38.47
N THR D 501 -14.68 9.01 -38.72
CA THR D 501 -14.06 9.38 -39.98
C THR D 501 -12.59 9.03 -40.03
N ASP D 502 -11.92 8.92 -38.88
CA ASP D 502 -10.50 8.54 -38.81
C ASP D 502 -10.37 7.03 -38.94
N VAL D 503 -10.48 6.55 -40.17
CA VAL D 503 -10.32 5.12 -40.40
C VAL D 503 -8.86 4.70 -40.35
N THR D 504 -7.93 5.65 -40.51
CA THR D 504 -6.51 5.35 -40.48
C THR D 504 -5.93 5.27 -39.07
N LYS D 505 -6.69 5.66 -38.04
CA LYS D 505 -6.18 5.73 -36.67
C LYS D 505 -5.08 6.78 -36.52
N SER D 506 -5.20 7.87 -37.29
CA SER D 506 -4.18 8.91 -37.27
C SER D 506 -4.30 9.81 -36.05
N ASN D 507 -5.50 9.93 -35.47
CA ASN D 507 -5.75 10.84 -34.35
C ASN D 507 -6.29 10.05 -33.17
N PRO D 508 -5.41 9.45 -32.36
CA PRO D 508 -5.90 8.71 -31.18
C PRO D 508 -6.42 9.66 -30.11
N LYS D 509 -7.47 9.21 -29.42
CA LYS D 509 -8.10 9.99 -28.39
C LYS D 509 -8.32 9.14 -27.14
N ILE D 510 -8.35 9.80 -26.00
CA ILE D 510 -8.57 9.17 -24.70
C ILE D 510 -9.91 9.64 -24.16
N PRO D 511 -10.83 8.74 -23.81
CA PRO D 511 -12.11 9.17 -23.24
C PRO D 511 -11.94 9.81 -21.86
N GLN D 512 -12.81 10.78 -21.58
CA GLN D 512 -12.89 11.42 -20.28
C GLN D 512 -13.71 10.54 -19.34
N LEU D 513 -13.02 9.72 -18.54
CA LEU D 513 -13.70 8.83 -17.62
C LEU D 513 -13.80 9.48 -16.24
N GLY D 514 -14.62 8.89 -15.39
CA GLY D 514 -14.88 9.42 -14.06
C GLY D 514 -16.32 9.14 -13.67
N GLY D 515 -16.54 8.97 -12.37
CA GLY D 515 -17.84 8.60 -11.86
C GLY D 515 -18.07 7.10 -11.97
N ASP D 516 -19.30 6.70 -11.64
CA ASP D 516 -19.66 5.30 -11.66
C ASP D 516 -19.69 4.79 -13.09
N SER D 517 -19.01 3.68 -13.34
CA SER D 517 -18.90 3.09 -14.66
C SER D 517 -19.78 1.85 -14.85
N PHE D 518 -20.65 1.55 -13.89
CA PHE D 518 -21.45 0.34 -13.92
C PHE D 518 -22.78 0.65 -14.59
N PHE D 519 -23.10 -0.08 -15.66
CA PHE D 519 -24.35 0.16 -16.36
C PHE D 519 -25.56 -0.12 -15.49
N PHE D 520 -25.44 -1.08 -14.58
CA PHE D 520 -26.55 -1.52 -13.73
C PHE D 520 -26.53 -0.86 -12.35
N GLU D 521 -26.06 0.38 -12.24
CA GLU D 521 -26.19 1.07 -10.96
C GLU D 521 -27.61 1.61 -10.82
N PHE D 522 -28.15 1.51 -9.61
CA PHE D 522 -29.40 2.18 -9.28
C PHE D 522 -29.12 3.66 -9.07
N THR D 523 -30.00 4.51 -9.62
CA THR D 523 -29.83 5.96 -9.50
C THR D 523 -31.14 6.58 -9.03
N GLY D 524 -31.06 7.83 -8.59
CA GLY D 524 -32.25 8.57 -8.22
C GLY D 524 -33.10 9.00 -9.41
N SER D 525 -32.51 9.03 -10.60
CA SER D 525 -33.21 9.35 -11.83
C SER D 525 -33.77 8.11 -12.52
N ASP D 526 -33.94 7.00 -11.80
CA ASP D 526 -34.43 5.78 -12.42
C ASP D 526 -35.92 5.90 -12.72
N VAL D 527 -36.43 4.95 -13.51
CA VAL D 527 -37.83 4.95 -13.96
C VAL D 527 -38.67 4.39 -12.82
N PRO D 528 -39.80 5.00 -12.49
CA PRO D 528 -40.63 4.49 -11.38
C PRO D 528 -40.93 3.01 -11.55
N ARG D 529 -40.79 2.28 -10.44
CA ARG D 529 -40.84 0.82 -10.44
C ARG D 529 -39.73 0.24 -11.33
N THR D 530 -38.53 0.80 -11.21
CA THR D 530 -37.36 0.26 -11.89
C THR D 530 -36.11 0.74 -11.18
CL CL E . 40.44 10.46 -12.47
#